data_2ZC2
# 
_entry.id   2ZC2 
# 
_audit_conform.dict_name       mmcif_pdbx.dic 
_audit_conform.dict_version    5.397 
_audit_conform.dict_location   http://mmcif.pdb.org/dictionaries/ascii/mmcif_pdbx.dic 
# 
loop_
_database_2.database_id 
_database_2.database_code 
_database_2.pdbx_database_accession 
_database_2.pdbx_DOI 
PDB   2ZC2         pdb_00002zc2 10.2210/pdb2zc2/pdb 
RCSB  RCSB027782   ?            ?                   
WWPDB D_1000027782 ?            ?                   
# 
loop_
_pdbx_audit_revision_history.ordinal 
_pdbx_audit_revision_history.data_content_type 
_pdbx_audit_revision_history.major_revision 
_pdbx_audit_revision_history.minor_revision 
_pdbx_audit_revision_history.revision_date 
1 'Structure model' 1 0 2007-12-25 
2 'Structure model' 1 1 2011-07-13 
3 'Structure model' 1 2 2017-10-11 
4 'Structure model' 1 3 2024-10-30 
# 
_pdbx_audit_revision_details.ordinal             1 
_pdbx_audit_revision_details.revision_ordinal    1 
_pdbx_audit_revision_details.data_content_type   'Structure model' 
_pdbx_audit_revision_details.provider            repository 
_pdbx_audit_revision_details.type                'Initial release' 
_pdbx_audit_revision_details.description         ? 
_pdbx_audit_revision_details.details             ? 
# 
loop_
_pdbx_audit_revision_group.ordinal 
_pdbx_audit_revision_group.revision_ordinal 
_pdbx_audit_revision_group.data_content_type 
_pdbx_audit_revision_group.group 
1 2 'Structure model' 'Version format compliance' 
2 3 'Structure model' 'Refinement description'    
3 4 'Structure model' 'Data collection'           
4 4 'Structure model' 'Database references'       
5 4 'Structure model' 'Derived calculations'      
6 4 'Structure model' 'Structure summary'         
# 
loop_
_pdbx_audit_revision_category.ordinal 
_pdbx_audit_revision_category.revision_ordinal 
_pdbx_audit_revision_category.data_content_type 
_pdbx_audit_revision_category.category 
1  3 'Structure model' software                  
2  4 'Structure model' chem_comp_atom            
3  4 'Structure model' chem_comp_bond            
4  4 'Structure model' database_2                
5  4 'Structure model' pdbx_entry_details        
6  4 'Structure model' pdbx_modification_feature 
7  4 'Structure model' struct_conn               
8  4 'Structure model' struct_conn_type          
9  4 'Structure model' struct_ref_seq_dif        
10 4 'Structure model' struct_site               
# 
loop_
_pdbx_audit_revision_item.ordinal 
_pdbx_audit_revision_item.revision_ordinal 
_pdbx_audit_revision_item.data_content_type 
_pdbx_audit_revision_item.item 
1  4 'Structure model' '_database_2.pdbx_DOI'                
2  4 'Structure model' '_database_2.pdbx_database_accession' 
3  4 'Structure model' '_struct_conn.conn_type_id'           
4  4 'Structure model' '_struct_conn.id'                     
5  4 'Structure model' '_struct_conn.pdbx_dist_value'        
6  4 'Structure model' '_struct_conn.pdbx_leaving_atom_flag' 
7  4 'Structure model' '_struct_conn.ptnr1_auth_asym_id'     
8  4 'Structure model' '_struct_conn.ptnr1_auth_comp_id'     
9  4 'Structure model' '_struct_conn.ptnr1_auth_seq_id'      
10 4 'Structure model' '_struct_conn.ptnr1_label_asym_id'    
11 4 'Structure model' '_struct_conn.ptnr1_label_atom_id'    
12 4 'Structure model' '_struct_conn.ptnr1_label_comp_id'    
13 4 'Structure model' '_struct_conn.ptnr1_label_seq_id'     
14 4 'Structure model' '_struct_conn.ptnr2_auth_asym_id'     
15 4 'Structure model' '_struct_conn.ptnr2_auth_comp_id'     
16 4 'Structure model' '_struct_conn.ptnr2_auth_seq_id'      
17 4 'Structure model' '_struct_conn.ptnr2_label_asym_id'    
18 4 'Structure model' '_struct_conn.ptnr2_label_atom_id'    
19 4 'Structure model' '_struct_conn.ptnr2_label_comp_id'    
20 4 'Structure model' '_struct_conn.ptnr2_label_seq_id'     
21 4 'Structure model' '_struct_conn_type.id'                
22 4 'Structure model' '_struct_ref_seq_dif.details'         
23 4 'Structure model' '_struct_site.pdbx_auth_asym_id'      
24 4 'Structure model' '_struct_site.pdbx_auth_comp_id'      
25 4 'Structure model' '_struct_site.pdbx_auth_seq_id'       
# 
_pdbx_database_status.entry_id                        2ZC2 
_pdbx_database_status.deposit_site                    PDBJ 
_pdbx_database_status.process_site                    RCSB 
_pdbx_database_status.recvd_initial_deposition_date   2007-11-02 
_pdbx_database_status.status_code                     REL 
_pdbx_database_status.status_code_sf                  REL 
_pdbx_database_status.status_code_mr                  ? 
_pdbx_database_status.SG_entry                        Y 
_pdbx_database_status.pdb_format_compatible           Y 
_pdbx_database_status.status_code_cs                  ? 
_pdbx_database_status.methods_development_category    ? 
_pdbx_database_status.status_code_nmr_data            ? 
# 
_pdbx_database_related.db_name        TargetDB 
_pdbx_database_related.db_id          APC86154.2 
_pdbx_database_related.details        . 
_pdbx_database_related.content_type   unspecified 
# 
loop_
_audit_author.name 
_audit_author.pdbx_ordinal 
'Duke, N.E.C.'                                  1 
'Clancy, S.'                                    2 
'Duggan, E.'                                    3 
'Joachimiak, A.'                                4 
'Midwest Center for Structural Genomics (MCSG)' 5 
# 
_citation.id                        primary 
_citation.title                     'Crystal Structure of DnaD-like replication protein from Streptococcus mutans UA159.' 
_citation.journal_abbrev            'To be Published' 
_citation.journal_volume            ? 
_citation.page_first                ? 
_citation.page_last                 ? 
_citation.year                      ? 
_citation.journal_id_ASTM           ? 
_citation.country                   ? 
_citation.journal_id_ISSN           ? 
_citation.journal_id_CSD            0353 
_citation.book_publisher            ? 
_citation.pdbx_database_id_PubMed   ? 
_citation.pdbx_database_id_DOI      ? 
# 
loop_
_citation_author.citation_id 
_citation_author.name 
_citation_author.ordinal 
_citation_author.identifier_ORCID 
primary 'Duke, N.E.C.'   1 ? 
primary 'Clancy, S.'     2 ? 
primary 'Duggan, E.'     3 ? 
primary 'Joachimiak, A.' 4 ? 
# 
loop_
_entity.id 
_entity.type 
_entity.src_method 
_entity.pdbx_description 
_entity.formula_weight 
_entity.pdbx_number_of_molecules 
_entity.pdbx_ec 
_entity.pdbx_mutation 
_entity.pdbx_fragment 
_entity.details 
1 polymer     man 'DnaD-like replication protein' 9134.942 2  ? ? 'Residues 127-199' ? 
2 non-polymer syn 'ZINC ION'                      65.409   9  ? ? ?                  ? 
3 water       nat water                           18.015   52 ? ? ?                  ? 
# 
_entity_poly.entity_id                      1 
_entity_poly.type                           'polypeptide(L)' 
_entity_poly.nstd_linkage                   no 
_entity_poly.nstd_monomer                   yes 
_entity_poly.pdbx_seq_one_letter_code       
;SNANALVEDFERELGR(MSE)LSPFELEDLQKTVSDDKTDPDLVRSALREAVFNGKTNWNYIQAILRNWRHEGISTLRQV
EE
;
_entity_poly.pdbx_seq_one_letter_code_can   SNANALVEDFERELGRMLSPFELEDLQKTVSDDKTDPDLVRSALREAVFNGKTNWNYIQAILRNWRHEGISTLRQVEE 
_entity_poly.pdbx_strand_id                 A,B 
_entity_poly.pdbx_target_identifier         APC86154.2 
# 
loop_
_pdbx_entity_nonpoly.entity_id 
_pdbx_entity_nonpoly.name 
_pdbx_entity_nonpoly.comp_id 
2 'ZINC ION' ZN  
3 water      HOH 
# 
loop_
_entity_poly_seq.entity_id 
_entity_poly_seq.num 
_entity_poly_seq.mon_id 
_entity_poly_seq.hetero 
1 1  SER n 
1 2  ASN n 
1 3  ALA n 
1 4  ASN n 
1 5  ALA n 
1 6  LEU n 
1 7  VAL n 
1 8  GLU n 
1 9  ASP n 
1 10 PHE n 
1 11 GLU n 
1 12 ARG n 
1 13 GLU n 
1 14 LEU n 
1 15 GLY n 
1 16 ARG n 
1 17 MSE n 
1 18 LEU n 
1 19 SER n 
1 20 PRO n 
1 21 PHE n 
1 22 GLU n 
1 23 LEU n 
1 24 GLU n 
1 25 ASP n 
1 26 LEU n 
1 27 GLN n 
1 28 LYS n 
1 29 THR n 
1 30 VAL n 
1 31 SER n 
1 32 ASP n 
1 33 ASP n 
1 34 LYS n 
1 35 THR n 
1 36 ASP n 
1 37 PRO n 
1 38 ASP n 
1 39 LEU n 
1 40 VAL n 
1 41 ARG n 
1 42 SER n 
1 43 ALA n 
1 44 LEU n 
1 45 ARG n 
1 46 GLU n 
1 47 ALA n 
1 48 VAL n 
1 49 PHE n 
1 50 ASN n 
1 51 GLY n 
1 52 LYS n 
1 53 THR n 
1 54 ASN n 
1 55 TRP n 
1 56 ASN n 
1 57 TYR n 
1 58 ILE n 
1 59 GLN n 
1 60 ALA n 
1 61 ILE n 
1 62 LEU n 
1 63 ARG n 
1 64 ASN n 
1 65 TRP n 
1 66 ARG n 
1 67 HIS n 
1 68 GLU n 
1 69 GLY n 
1 70 ILE n 
1 71 SER n 
1 72 THR n 
1 73 LEU n 
1 74 ARG n 
1 75 GLN n 
1 76 VAL n 
1 77 GLU n 
1 78 GLU n 
# 
_entity_src_gen.entity_id                          1 
_entity_src_gen.pdbx_src_id                        1 
_entity_src_gen.pdbx_alt_source_flag               sample 
_entity_src_gen.pdbx_seq_type                      ? 
_entity_src_gen.pdbx_beg_seq_num                   ? 
_entity_src_gen.pdbx_end_seq_num                   ? 
_entity_src_gen.gene_src_common_name               ? 
_entity_src_gen.gene_src_genus                     Streptococcus 
_entity_src_gen.pdbx_gene_src_gene                 SMU_1465c 
_entity_src_gen.gene_src_species                   'Streptococcus mutans' 
_entity_src_gen.gene_src_strain                    'UA159 / Serotype c' 
_entity_src_gen.gene_src_tissue                    ? 
_entity_src_gen.gene_src_tissue_fraction           ? 
_entity_src_gen.gene_src_details                   ? 
_entity_src_gen.pdbx_gene_src_fragment             ? 
_entity_src_gen.pdbx_gene_src_scientific_name      'Streptococcus mutans UA159' 
_entity_src_gen.pdbx_gene_src_ncbi_taxonomy_id     210007 
_entity_src_gen.pdbx_gene_src_variant              ? 
_entity_src_gen.pdbx_gene_src_cell_line            ? 
_entity_src_gen.pdbx_gene_src_atcc                 700610 
_entity_src_gen.pdbx_gene_src_organ                ? 
_entity_src_gen.pdbx_gene_src_organelle            ? 
_entity_src_gen.pdbx_gene_src_cell                 ? 
_entity_src_gen.pdbx_gene_src_cellular_location    ? 
_entity_src_gen.host_org_common_name               ? 
_entity_src_gen.pdbx_host_org_scientific_name      'Escherichia coli' 
_entity_src_gen.pdbx_host_org_ncbi_taxonomy_id     562 
_entity_src_gen.host_org_genus                     Escherichia 
_entity_src_gen.pdbx_host_org_gene                 ? 
_entity_src_gen.pdbx_host_org_organ                ? 
_entity_src_gen.host_org_species                   ? 
_entity_src_gen.pdbx_host_org_tissue               ? 
_entity_src_gen.pdbx_host_org_tissue_fraction      ? 
_entity_src_gen.pdbx_host_org_strain               'BL21 magic' 
_entity_src_gen.pdbx_host_org_variant              ? 
_entity_src_gen.pdbx_host_org_cell_line            ? 
_entity_src_gen.pdbx_host_org_atcc                 ? 
_entity_src_gen.pdbx_host_org_culture_collection   ? 
_entity_src_gen.pdbx_host_org_cell                 ? 
_entity_src_gen.pdbx_host_org_organelle            ? 
_entity_src_gen.pdbx_host_org_cellular_location    ? 
_entity_src_gen.pdbx_host_org_vector_type          Plasmid 
_entity_src_gen.pdbx_host_org_vector               ? 
_entity_src_gen.host_org_details                   ? 
_entity_src_gen.expression_system_id               ? 
_entity_src_gen.plasmid_name                       pMCSG7 
_entity_src_gen.plasmid_details                    ? 
_entity_src_gen.pdbx_description                   ? 
# 
loop_
_chem_comp.id 
_chem_comp.type 
_chem_comp.mon_nstd_flag 
_chem_comp.name 
_chem_comp.pdbx_synonyms 
_chem_comp.formula 
_chem_comp.formula_weight 
ALA 'L-peptide linking' y ALANINE          ? 'C3 H7 N O2'     89.093  
ARG 'L-peptide linking' y ARGININE         ? 'C6 H15 N4 O2 1' 175.209 
ASN 'L-peptide linking' y ASPARAGINE       ? 'C4 H8 N2 O3'    132.118 
ASP 'L-peptide linking' y 'ASPARTIC ACID'  ? 'C4 H7 N O4'     133.103 
GLN 'L-peptide linking' y GLUTAMINE        ? 'C5 H10 N2 O3'   146.144 
GLU 'L-peptide linking' y 'GLUTAMIC ACID'  ? 'C5 H9 N O4'     147.129 
GLY 'peptide linking'   y GLYCINE          ? 'C2 H5 N O2'     75.067  
HIS 'L-peptide linking' y HISTIDINE        ? 'C6 H10 N3 O2 1' 156.162 
HOH non-polymer         . WATER            ? 'H2 O'           18.015  
ILE 'L-peptide linking' y ISOLEUCINE       ? 'C6 H13 N O2'    131.173 
LEU 'L-peptide linking' y LEUCINE          ? 'C6 H13 N O2'    131.173 
LYS 'L-peptide linking' y LYSINE           ? 'C6 H15 N2 O2 1' 147.195 
MSE 'L-peptide linking' n SELENOMETHIONINE ? 'C5 H11 N O2 Se' 196.106 
PHE 'L-peptide linking' y PHENYLALANINE    ? 'C9 H11 N O2'    165.189 
PRO 'L-peptide linking' y PROLINE          ? 'C5 H9 N O2'     115.130 
SER 'L-peptide linking' y SERINE           ? 'C3 H7 N O3'     105.093 
THR 'L-peptide linking' y THREONINE        ? 'C4 H9 N O3'     119.119 
TRP 'L-peptide linking' y TRYPTOPHAN       ? 'C11 H12 N2 O2'  204.225 
TYR 'L-peptide linking' y TYROSINE         ? 'C9 H11 N O3'    181.189 
VAL 'L-peptide linking' y VALINE           ? 'C5 H11 N O2'    117.146 
ZN  non-polymer         . 'ZINC ION'       ? 'Zn 2'           65.409  
# 
loop_
_pdbx_poly_seq_scheme.asym_id 
_pdbx_poly_seq_scheme.entity_id 
_pdbx_poly_seq_scheme.seq_id 
_pdbx_poly_seq_scheme.mon_id 
_pdbx_poly_seq_scheme.ndb_seq_num 
_pdbx_poly_seq_scheme.pdb_seq_num 
_pdbx_poly_seq_scheme.auth_seq_num 
_pdbx_poly_seq_scheme.pdb_mon_id 
_pdbx_poly_seq_scheme.auth_mon_id 
_pdbx_poly_seq_scheme.pdb_strand_id 
_pdbx_poly_seq_scheme.pdb_ins_code 
_pdbx_poly_seq_scheme.hetero 
A 1 1  SER 1  122 ?   ?   ?   A . n 
A 1 2  ASN 2  123 ?   ?   ?   A . n 
A 1 3  ALA 3  124 ?   ?   ?   A . n 
A 1 4  ASN 4  125 125 ASN ASN A . n 
A 1 5  ALA 5  126 126 ALA ALA A . n 
A 1 6  LEU 6  127 127 LEU LEU A . n 
A 1 7  VAL 7  128 128 VAL VAL A . n 
A 1 8  GLU 8  129 129 GLU GLU A . n 
A 1 9  ASP 9  130 130 ASP ASP A . n 
A 1 10 PHE 10 131 131 PHE PHE A . n 
A 1 11 GLU 11 132 132 GLU GLU A . n 
A 1 12 ARG 12 133 133 ARG ARG A . n 
A 1 13 GLU 13 134 134 GLU GLU A . n 
A 1 14 LEU 14 135 135 LEU LEU A . n 
A 1 15 GLY 15 136 136 GLY GLY A . n 
A 1 16 ARG 16 137 137 ARG ARG A . n 
A 1 17 MSE 17 138 138 MSE MSE A . n 
A 1 18 LEU 18 139 139 LEU LEU A . n 
A 1 19 SER 19 140 140 SER SER A . n 
A 1 20 PRO 20 141 141 PRO PRO A . n 
A 1 21 PHE 21 142 142 PHE PHE A . n 
A 1 22 GLU 22 143 143 GLU GLU A . n 
A 1 23 LEU 23 144 144 LEU LEU A . n 
A 1 24 GLU 24 145 145 GLU GLU A . n 
A 1 25 ASP 25 146 146 ASP ASP A . n 
A 1 26 LEU 26 147 147 LEU LEU A . n 
A 1 27 GLN 27 148 148 GLN GLN A . n 
A 1 28 LYS 28 149 149 LYS LYS A . n 
A 1 29 THR 29 150 150 THR THR A . n 
A 1 30 VAL 30 151 151 VAL VAL A . n 
A 1 31 SER 31 152 152 SER SER A . n 
A 1 32 ASP 32 153 153 ASP ASP A . n 
A 1 33 ASP 33 154 154 ASP ASP A . n 
A 1 34 LYS 34 155 155 LYS LYS A . n 
A 1 35 THR 35 156 156 THR THR A . n 
A 1 36 ASP 36 157 157 ASP ASP A . n 
A 1 37 PRO 37 158 158 PRO PRO A . n 
A 1 38 ASP 38 159 159 ASP ASP A . n 
A 1 39 LEU 39 160 160 LEU LEU A . n 
A 1 40 VAL 40 161 161 VAL VAL A . n 
A 1 41 ARG 41 162 162 ARG ARG A . n 
A 1 42 SER 42 163 163 SER SER A . n 
A 1 43 ALA 43 164 164 ALA ALA A . n 
A 1 44 LEU 44 165 165 LEU LEU A . n 
A 1 45 ARG 45 166 166 ARG ARG A . n 
A 1 46 GLU 46 167 167 GLU GLU A . n 
A 1 47 ALA 47 168 168 ALA ALA A . n 
A 1 48 VAL 48 169 169 VAL VAL A . n 
A 1 49 PHE 49 170 170 PHE PHE A . n 
A 1 50 ASN 50 171 171 ASN ASN A . n 
A 1 51 GLY 51 172 172 GLY GLY A . n 
A 1 52 LYS 52 173 173 LYS LYS A . n 
A 1 53 THR 53 174 174 THR THR A . n 
A 1 54 ASN 54 175 175 ASN ASN A . n 
A 1 55 TRP 55 176 176 TRP TRP A . n 
A 1 56 ASN 56 177 177 ASN ASN A . n 
A 1 57 TYR 57 178 178 TYR TYR A . n 
A 1 58 ILE 58 179 179 ILE ILE A . n 
A 1 59 GLN 59 180 180 GLN GLN A . n 
A 1 60 ALA 60 181 181 ALA ALA A . n 
A 1 61 ILE 61 182 182 ILE ILE A . n 
A 1 62 LEU 62 183 183 LEU LEU A . n 
A 1 63 ARG 63 184 184 ARG ARG A . n 
A 1 64 ASN 64 185 185 ASN ASN A . n 
A 1 65 TRP 65 186 186 TRP TRP A . n 
A 1 66 ARG 66 187 187 ARG ARG A . n 
A 1 67 HIS 67 188 188 HIS HIS A . n 
A 1 68 GLU 68 189 189 GLU GLU A . n 
A 1 69 GLY 69 190 190 GLY GLY A . n 
A 1 70 ILE 70 191 191 ILE ILE A . n 
A 1 71 SER 71 192 192 SER SER A . n 
A 1 72 THR 72 193 193 THR THR A . n 
A 1 73 LEU 73 194 194 LEU LEU A . n 
A 1 74 ARG 74 195 195 ARG ARG A . n 
A 1 75 GLN 75 196 196 GLN GLN A . n 
A 1 76 VAL 76 197 197 VAL VAL A . n 
A 1 77 GLU 77 198 198 GLU GLU A . n 
A 1 78 GLU 78 199 199 GLU GLU A . n 
B 1 1  SER 1  122 ?   ?   ?   B . n 
B 1 2  ASN 2  123 ?   ?   ?   B . n 
B 1 3  ALA 3  124 ?   ?   ?   B . n 
B 1 4  ASN 4  125 125 ASN ASN B . n 
B 1 5  ALA 5  126 126 ALA ALA B . n 
B 1 6  LEU 6  127 127 LEU LEU B . n 
B 1 7  VAL 7  128 128 VAL VAL B . n 
B 1 8  GLU 8  129 129 GLU GLU B . n 
B 1 9  ASP 9  130 130 ASP ASP B . n 
B 1 10 PHE 10 131 131 PHE PHE B . n 
B 1 11 GLU 11 132 132 GLU GLU B . n 
B 1 12 ARG 12 133 133 ARG ARG B . n 
B 1 13 GLU 13 134 134 GLU GLU B . n 
B 1 14 LEU 14 135 135 LEU LEU B . n 
B 1 15 GLY 15 136 136 GLY GLY B . n 
B 1 16 ARG 16 137 137 ARG ARG B . n 
B 1 17 MSE 17 138 138 MSE MSE B . n 
B 1 18 LEU 18 139 139 LEU LEU B . n 
B 1 19 SER 19 140 140 SER SER B . n 
B 1 20 PRO 20 141 141 PRO PRO B . n 
B 1 21 PHE 21 142 142 PHE PHE B . n 
B 1 22 GLU 22 143 143 GLU GLU B . n 
B 1 23 LEU 23 144 144 LEU LEU B . n 
B 1 24 GLU 24 145 145 GLU GLU B . n 
B 1 25 ASP 25 146 146 ASP ASP B . n 
B 1 26 LEU 26 147 147 LEU LEU B . n 
B 1 27 GLN 27 148 148 GLN GLN B . n 
B 1 28 LYS 28 149 149 LYS LYS B . n 
B 1 29 THR 29 150 150 THR THR B . n 
B 1 30 VAL 30 151 151 VAL VAL B . n 
B 1 31 SER 31 152 152 SER SER B . n 
B 1 32 ASP 32 153 153 ASP ASP B . n 
B 1 33 ASP 33 154 154 ASP ASP B . n 
B 1 34 LYS 34 155 155 LYS LYS B . n 
B 1 35 THR 35 156 156 THR THR B . n 
B 1 36 ASP 36 157 157 ASP ASP B . n 
B 1 37 PRO 37 158 158 PRO PRO B . n 
B 1 38 ASP 38 159 159 ASP ASP B . n 
B 1 39 LEU 39 160 160 LEU LEU B . n 
B 1 40 VAL 40 161 161 VAL VAL B . n 
B 1 41 ARG 41 162 162 ARG ARG B . n 
B 1 42 SER 42 163 163 SER SER B . n 
B 1 43 ALA 43 164 164 ALA ALA B . n 
B 1 44 LEU 44 165 165 LEU LEU B . n 
B 1 45 ARG 45 166 166 ARG ARG B . n 
B 1 46 GLU 46 167 167 GLU GLU B . n 
B 1 47 ALA 47 168 168 ALA ALA B . n 
B 1 48 VAL 48 169 169 VAL VAL B . n 
B 1 49 PHE 49 170 170 PHE PHE B . n 
B 1 50 ASN 50 171 171 ASN ASN B . n 
B 1 51 GLY 51 172 172 GLY GLY B . n 
B 1 52 LYS 52 173 173 LYS LYS B . n 
B 1 53 THR 53 174 174 THR THR B . n 
B 1 54 ASN 54 175 175 ASN ASN B . n 
B 1 55 TRP 55 176 176 TRP TRP B . n 
B 1 56 ASN 56 177 177 ASN ASN B . n 
B 1 57 TYR 57 178 178 TYR TYR B . n 
B 1 58 ILE 58 179 179 ILE ILE B . n 
B 1 59 GLN 59 180 180 GLN GLN B . n 
B 1 60 ALA 60 181 181 ALA ALA B . n 
B 1 61 ILE 61 182 182 ILE ILE B . n 
B 1 62 LEU 62 183 183 LEU LEU B . n 
B 1 63 ARG 63 184 184 ARG ARG B . n 
B 1 64 ASN 64 185 185 ASN ASN B . n 
B 1 65 TRP 65 186 186 TRP TRP B . n 
B 1 66 ARG 66 187 187 ARG ARG B . n 
B 1 67 HIS 67 188 188 HIS HIS B . n 
B 1 68 GLU 68 189 189 GLU GLU B . n 
B 1 69 GLY 69 190 190 GLY GLY B . n 
B 1 70 ILE 70 191 191 ILE ILE B . n 
B 1 71 SER 71 192 192 SER SER B . n 
B 1 72 THR 72 193 193 THR THR B . n 
B 1 73 LEU 73 194 194 LEU LEU B . n 
B 1 74 ARG 74 195 195 ARG ARG B . n 
B 1 75 GLN 75 196 196 GLN GLN B . n 
B 1 76 VAL 76 197 197 VAL VAL B . n 
B 1 77 GLU 77 198 198 GLU GLU B . n 
B 1 78 GLU 78 199 199 GLU GLU B . n 
# 
loop_
_pdbx_nonpoly_scheme.asym_id 
_pdbx_nonpoly_scheme.entity_id 
_pdbx_nonpoly_scheme.mon_id 
_pdbx_nonpoly_scheme.ndb_seq_num 
_pdbx_nonpoly_scheme.pdb_seq_num 
_pdbx_nonpoly_scheme.auth_seq_num 
_pdbx_nonpoly_scheme.pdb_mon_id 
_pdbx_nonpoly_scheme.auth_mon_id 
_pdbx_nonpoly_scheme.pdb_strand_id 
_pdbx_nonpoly_scheme.pdb_ins_code 
C 2 ZN  1  501 501 ZN  ZN  A . 
D 2 ZN  1  504 504 ZN  ZN  A . 
E 2 ZN  1  505 505 ZN  ZN  A . 
F 2 ZN  1  507 507 ZN  ZN  A . 
G 2 ZN  1  502 502 ZN  ZN  B . 
H 2 ZN  1  503 503 ZN  ZN  B . 
I 2 ZN  1  506 506 ZN  ZN  B . 
J 2 ZN  1  508 508 ZN  ZN  B . 
K 2 ZN  1  509 509 ZN  ZN  B . 
L 3 HOH 1  5   5   HOH HOH A . 
L 3 HOH 2  8   8   HOH HOH A . 
L 3 HOH 3  12  12  HOH HOH A . 
L 3 HOH 4  13  13  HOH HOH A . 
L 3 HOH 5  17  17  HOH HOH A . 
L 3 HOH 6  19  19  HOH HOH A . 
L 3 HOH 7  20  20  HOH HOH A . 
L 3 HOH 8  21  21  HOH HOH A . 
L 3 HOH 9  27  27  HOH HOH A . 
L 3 HOH 10 29  29  HOH HOH A . 
L 3 HOH 11 30  30  HOH HOH A . 
L 3 HOH 12 32  32  HOH HOH A . 
L 3 HOH 13 33  33  HOH HOH A . 
L 3 HOH 14 34  34  HOH HOH A . 
L 3 HOH 15 35  35  HOH HOH A . 
L 3 HOH 16 36  36  HOH HOH A . 
L 3 HOH 17 42  42  HOH HOH A . 
L 3 HOH 18 45  45  HOH HOH A . 
L 3 HOH 19 46  46  HOH HOH A . 
L 3 HOH 20 48  48  HOH HOH A . 
L 3 HOH 21 49  49  HOH HOH A . 
L 3 HOH 22 50  50  HOH HOH A . 
M 3 HOH 1  1   1   HOH HOH B . 
M 3 HOH 2  2   2   HOH HOH B . 
M 3 HOH 3  3   3   HOH HOH B . 
M 3 HOH 4  4   4   HOH HOH B . 
M 3 HOH 5  6   6   HOH HOH B . 
M 3 HOH 6  7   7   HOH HOH B . 
M 3 HOH 7  9   9   HOH HOH B . 
M 3 HOH 8  10  10  HOH HOH B . 
M 3 HOH 9  11  11  HOH HOH B . 
M 3 HOH 10 14  14  HOH HOH B . 
M 3 HOH 11 15  15  HOH HOH B . 
M 3 HOH 12 16  16  HOH HOH B . 
M 3 HOH 13 18  18  HOH HOH B . 
M 3 HOH 14 22  22  HOH HOH B . 
M 3 HOH 15 23  23  HOH HOH B . 
M 3 HOH 16 24  24  HOH HOH B . 
M 3 HOH 17 25  25  HOH HOH B . 
M 3 HOH 18 26  26  HOH HOH B . 
M 3 HOH 19 28  28  HOH HOH B . 
M 3 HOH 20 31  31  HOH HOH B . 
M 3 HOH 21 37  37  HOH HOH B . 
M 3 HOH 22 38  38  HOH HOH B . 
M 3 HOH 23 39  39  HOH HOH B . 
M 3 HOH 24 40  40  HOH HOH B . 
M 3 HOH 25 41  41  HOH HOH B . 
M 3 HOH 26 43  43  HOH HOH B . 
M 3 HOH 27 44  44  HOH HOH B . 
M 3 HOH 28 47  47  HOH HOH B . 
M 3 HOH 29 51  51  HOH HOH B . 
M 3 HOH 30 52  52  HOH HOH B . 
# 
loop_
_software.name 
_software.version 
_software.date 
_software.type 
_software.contact_author 
_software.contact_author_email 
_software.classification 
_software.location 
_software.language 
_software.citation_id 
_software.pdbx_ordinal 
DENZO       .     ?                    package 'Zbyszek Otwinowski'       zbyszek@mix.swmed.edu                   'data reduction' 
http://www.lnls.br/infra/linhasluz/denzo-hkl.htm ?          ? 1 
SCALEPACK   .     ?                    package 'Zbyszek Otwinowski'       zbyszek@mix.swmed.edu                   'data scaling' 
http://www.lnls.br/infra/linhasluz/denzo-hkl.htm ?          ? 2 
MLPHARE     .     ?                    other   'Z.Otwinowski or E.Dodson' 'ccp4@dl.ac.uk, ccp4@yorvic.york.ac.uk' phasing 
http://www.ccp4.ac.uk/main.html                  Fortran_77 ? 3 
DM          5.0   ?                    program 'K. Cowtan'                ccp4@dl.ac.uk                           phasing 
http://www.ccp4.ac.uk/main.html                  Fortran_77 ? 4 
REFMAC      .     ?                    program 'Murshudov, G.N.'          ccp4@dl.ac.uk                           refinement 
http://www.ccp4.ac.uk/main.html                  Fortran_77 ? 5 
PDB_EXTRACT 3.004 'September 10, 2007' package PDB                        sw-help@rcsb.rutgers.edu                
'data extraction' http://pdb.rutgers.edu/software/                 C++        ? 6 
SBC-Collect .     ?                    ?       ?                          ?                                       
'data collection' ?                                                ?          ? 7 
# 
_cell.length_a           81.701 
_cell.length_b           81.701 
_cell.length_c           52.464 
_cell.angle_alpha        90.000 
_cell.angle_beta         90.000 
_cell.angle_gamma        90.000 
_cell.entry_id           2ZC2 
_cell.pdbx_unique_axis   ? 
_cell.Z_PDB              16 
_cell.length_a_esd       ? 
_cell.length_b_esd       ? 
_cell.length_c_esd       ? 
_cell.angle_alpha_esd    ? 
_cell.angle_beta_esd     ? 
_cell.angle_gamma_esd    ? 
# 
_symmetry.space_group_name_H-M             'P 41 21 2' 
_symmetry.entry_id                         2ZC2 
_symmetry.Int_Tables_number                92 
_symmetry.pdbx_full_space_group_name_H-M   ? 
_symmetry.cell_setting                     ? 
_symmetry.space_group_name_Hall            ? 
# 
_exptl.crystals_number   1 
_exptl.entry_id          2ZC2 
_exptl.method            'X-RAY DIFFRACTION' 
# 
_exptl_crystal.id                    1 
_exptl_crystal.density_Matthews      2.40 
_exptl_crystal.density_meas          ? 
_exptl_crystal.density_percent_sol   48.66 
_exptl_crystal.description           ? 
_exptl_crystal.F_000                 ? 
_exptl_crystal.preparation           ? 
# 
_exptl_crystal_grow.crystal_id      1 
_exptl_crystal_grow.method          'VAPOR DIFFUSION, SITTING DROP' 
_exptl_crystal_grow.pH              8.0 
_exptl_crystal_grow.temp            289 
_exptl_crystal_grow.temp_details    ? 
_exptl_crystal_grow.pdbx_details    
'20% v/v 1,4-butanediol, 0.1M Imidazole, 0.2M Zinc acetate, pH 8.0, VAPOR DIFFUSION, SITTING DROP, temperature 289K' 
_exptl_crystal_grow.pdbx_pH_range   . 
# 
_diffrn.id                     1 
_diffrn.ambient_temp           100 
_diffrn.ambient_temp_details   ? 
_diffrn.crystal_id             1 
# 
_diffrn_detector.diffrn_id              1 
_diffrn_detector.detector               CCD 
_diffrn_detector.type                   'ADSC QUANTUM 315' 
_diffrn_detector.pdbx_collection_date   2007-06-03 
_diffrn_detector.details                ? 
# 
_diffrn_radiation.diffrn_id                        1 
_diffrn_radiation.wavelength_id                    1 
_diffrn_radiation.pdbx_diffrn_protocol             MAD 
_diffrn_radiation.monochromator                    'Double crystal Si(111)' 
_diffrn_radiation.pdbx_monochromatic_or_laue_m_l   M 
_diffrn_radiation.pdbx_scattering_type             x-ray 
# 
_diffrn_radiation_wavelength.id           1 
_diffrn_radiation_wavelength.wavelength   0.97924 
_diffrn_radiation_wavelength.wt           1.0 
# 
_diffrn_source.diffrn_id                   1 
_diffrn_source.source                      SYNCHROTRON 
_diffrn_source.type                        'APS BEAMLINE 19-ID' 
_diffrn_source.pdbx_wavelength             ? 
_diffrn_source.pdbx_wavelength_list        0.97924 
_diffrn_source.pdbx_synchrotron_site       APS 
_diffrn_source.pdbx_synchrotron_beamline   19-ID 
# 
_reflns.entry_id                     2ZC2 
_reflns.d_resolution_high            2.000 
_reflns.d_resolution_low             50.000 
_reflns.number_obs                   22797 
_reflns.pdbx_Rmerge_I_obs            0.060 
_reflns.pdbx_netI_over_sigmaI        11.700 
_reflns.pdbx_chi_squared             1.031 
_reflns.pdbx_redundancy              8.800 
_reflns.percent_possible_obs         99.200 
_reflns.observed_criterion_sigma_F   ? 
_reflns.observed_criterion_sigma_I   3.00 
_reflns.number_all                   ? 
_reflns.pdbx_Rsym_value              ? 
_reflns.B_iso_Wilson_estimate        ? 
_reflns.R_free_details               ? 
_reflns.limit_h_max                  ? 
_reflns.limit_h_min                  ? 
_reflns.limit_k_max                  ? 
_reflns.limit_k_min                  ? 
_reflns.limit_l_max                  ? 
_reflns.limit_l_min                  ? 
_reflns.observed_criterion_F_max     ? 
_reflns.observed_criterion_F_min     ? 
_reflns.pdbx_scaling_rejects         ? 
_reflns.pdbx_diffrn_id               1 
_reflns.pdbx_ordinal                 1 
# 
_reflns_shell.d_res_high             2.00 
_reflns_shell.d_res_low              2.02 
_reflns_shell.number_measured_obs    ? 
_reflns_shell.number_measured_all    ? 
_reflns_shell.number_unique_obs      ? 
_reflns_shell.Rmerge_I_obs           0.527 
_reflns_shell.meanI_over_sigI_obs    ? 
_reflns_shell.pdbx_Rsym_value        ? 
_reflns_shell.pdbx_chi_squared       0.997 
_reflns_shell.pdbx_redundancy        5.30 
_reflns_shell.percent_possible_obs   ? 
_reflns_shell.number_unique_all      559 
_reflns_shell.percent_possible_all   93.00 
_reflns_shell.pdbx_diffrn_id         ? 
_reflns_shell.pdbx_ordinal           1 
# 
_refine.entry_id                                 2ZC2 
_refine.ls_d_res_high                            2.100 
_refine.ls_d_res_low                             40.86 
_refine.pdbx_ls_sigma_F                          0.00 
_refine.ls_percent_reflns_obs                    99.790 
_refine.ls_number_reflns_obs                     10802 
_refine.pdbx_ls_cross_valid_method               THROUGHOUT 
_refine.pdbx_R_Free_selection_details            RANDOM 
_refine.details                                  
'The Bijvoet differences were used in phasing. HYDROGENS HAVE BEEN ADDED IN THE RIDING POSITIONS' 
_refine.ls_R_factor_obs                          0.246 
_refine.ls_R_factor_R_work                       0.243 
_refine.ls_R_factor_R_free                       0.288 
_refine.ls_percent_reflns_R_free                 4.800 
_refine.ls_number_reflns_R_free                  518 
_refine.B_iso_mean                               24.874 
_refine.aniso_B[1][1]                            0.640 
_refine.aniso_B[2][2]                            0.640 
_refine.aniso_B[3][3]                            -1.280 
_refine.aniso_B[1][2]                            0.000 
_refine.aniso_B[1][3]                            0.000 
_refine.aniso_B[2][3]                            0.000 
_refine.correlation_coeff_Fo_to_Fc               0.913 
_refine.correlation_coeff_Fo_to_Fc_free          0.883 
_refine.pdbx_overall_ESU_R                       0.266 
_refine.pdbx_overall_ESU_R_Free                  0.220 
_refine.overall_SU_ML                            0.139 
_refine.overall_SU_B                             4.991 
_refine.solvent_model_details                    MASK 
_refine.pdbx_solvent_vdw_probe_radii             1.200 
_refine.pdbx_solvent_ion_probe_radii             0.800 
_refine.pdbx_solvent_shrinkage_radii             0.800 
_refine.pdbx_method_to_determine_struct          MAD 
_refine.pdbx_stereochemistry_target_values       'MAXIMUM LIKELIHOOD' 
_refine.pdbx_ls_sigma_I                          ? 
_refine.ls_number_reflns_all                     ? 
_refine.ls_R_factor_all                          ? 
_refine.ls_redundancy_reflns_obs                 ? 
_refine.pdbx_data_cutoff_high_absF               ? 
_refine.pdbx_data_cutoff_low_absF                ? 
_refine.ls_number_parameters                     ? 
_refine.ls_number_restraints                     ? 
_refine.ls_R_factor_R_free_error                 ? 
_refine.ls_R_factor_R_free_error_details         ? 
_refine.pdbx_starting_model                      ? 
_refine.pdbx_stereochem_target_val_spec_case     ? 
_refine.solvent_model_param_bsol                 ? 
_refine.solvent_model_param_ksol                 ? 
_refine.occupancy_max                            ? 
_refine.occupancy_min                            ? 
_refine.pdbx_isotropic_thermal_model             ? 
_refine.B_iso_min                                ? 
_refine.B_iso_max                                ? 
_refine.overall_SU_R_Cruickshank_DPI             ? 
_refine.overall_SU_R_free                        ? 
_refine.pdbx_data_cutoff_high_rms_absF           ? 
_refine.ls_wR_factor_R_free                      ? 
_refine.ls_wR_factor_R_work                      ? 
_refine.overall_FOM_free_R_set                   ? 
_refine.overall_FOM_work_R_set                   ? 
_refine.pdbx_refine_id                           'X-RAY DIFFRACTION' 
_refine.pdbx_diffrn_id                           1 
_refine.pdbx_TLS_residual_ADP_flag               ? 
_refine.pdbx_overall_phase_error                 ? 
_refine.pdbx_overall_SU_R_free_Cruickshank_DPI   ? 
_refine.pdbx_overall_SU_R_Blow_DPI               ? 
_refine.pdbx_overall_SU_R_free_Blow_DPI          ? 
# 
_refine_hist.pdbx_refine_id                   'X-RAY DIFFRACTION' 
_refine_hist.cycle_id                         LAST 
_refine_hist.pdbx_number_atoms_protein        1252 
_refine_hist.pdbx_number_atoms_nucleic_acid   0 
_refine_hist.pdbx_number_atoms_ligand         9 
_refine_hist.number_atoms_solvent             52 
_refine_hist.number_atoms_total               1313 
_refine_hist.d_res_high                       2.100 
_refine_hist.d_res_low                        40.86 
# 
loop_
_refine_ls_restr.type 
_refine_ls_restr.number 
_refine_ls_restr.dev_ideal 
_refine_ls_restr.dev_ideal_target 
_refine_ls_restr.weight 
_refine_ls_restr.pdbx_refine_id 
_refine_ls_restr.pdbx_restraint_function 
r_bond_refined_d             1274 0.022  0.022  ? 'X-RAY DIFFRACTION' ? 
r_angle_refined_deg          1724 1.720  1.956  ? 'X-RAY DIFFRACTION' ? 
r_dihedral_angle_1_deg       152  5.418  5.000  ? 'X-RAY DIFFRACTION' ? 
r_dihedral_angle_2_deg       74   44.702 24.324 ? 'X-RAY DIFFRACTION' ? 
r_dihedral_angle_3_deg       236  17.972 15.000 ? 'X-RAY DIFFRACTION' ? 
r_dihedral_angle_4_deg       14   19.978 15.000 ? 'X-RAY DIFFRACTION' ? 
r_chiral_restr               188  0.136  0.200  ? 'X-RAY DIFFRACTION' ? 
r_gen_planes_refined         988  0.009  0.020  ? 'X-RAY DIFFRACTION' ? 
r_nbd_refined                556  0.222  0.200  ? 'X-RAY DIFFRACTION' ? 
r_nbtor_refined              887  0.305  0.200  ? 'X-RAY DIFFRACTION' ? 
r_xyhbond_nbd_refined        66   0.165  0.200  ? 'X-RAY DIFFRACTION' ? 
r_metal_ion_refined          2    0.178  0.200  ? 'X-RAY DIFFRACTION' ? 
r_symmetry_vdw_refined       41   0.292  0.200  ? 'X-RAY DIFFRACTION' ? 
r_symmetry_hbond_refined     6    0.278  0.200  ? 'X-RAY DIFFRACTION' ? 
r_symmetry_metal_ion_refined 2    0.227  0.200  ? 'X-RAY DIFFRACTION' ? 
r_mcbond_it                  783  1.428  1.500  ? 'X-RAY DIFFRACTION' ? 
r_mcangle_it                 1220 2.227  2.000  ? 'X-RAY DIFFRACTION' ? 
r_scbond_it                  567  3.702  3.000  ? 'X-RAY DIFFRACTION' ? 
r_scangle_it                 502  5.720  4.500  ? 'X-RAY DIFFRACTION' ? 
# 
_refine_ls_shell.d_res_high                       2.100 
_refine_ls_shell.d_res_low                        2.155 
_refine_ls_shell.pdbx_total_number_of_bins_used   20 
_refine_ls_shell.percent_reflns_obs               98.450 
_refine_ls_shell.number_reflns_R_work             724 
_refine_ls_shell.R_factor_all                     ? 
_refine_ls_shell.R_factor_R_work                  0.229 
_refine_ls_shell.R_factor_R_free                  0.322 
_refine_ls_shell.percent_reflns_R_free            ? 
_refine_ls_shell.number_reflns_R_free             40 
_refine_ls_shell.R_factor_R_free_error            ? 
_refine_ls_shell.number_reflns_all                764 
_refine_ls_shell.number_reflns_obs                ? 
_refine_ls_shell.redundancy_reflns_obs            ? 
_refine_ls_shell.pdbx_refine_id                   'X-RAY DIFFRACTION' 
# 
_struct.entry_id                  2ZC2 
_struct.title                     
'Crystal structure of DnaD-like replication protein from Streptococcus mutans UA159, gi 24377835, residues 127-199' 
_struct.pdbx_model_details        ? 
_struct.pdbx_CASP_flag            N 
_struct.pdbx_model_type_details   ? 
# 
_struct_keywords.entry_id        2ZC2 
_struct_keywords.pdbx_keywords   REPLICATION 
_struct_keywords.text            
;replication protein, DnaD-like, gi 24377835, Structural Genomics, PSI-2, Protein Structure Initiative, Midwest Center for Structural Genomics, MCSG, REPLICATION
;
# 
loop_
_struct_asym.id 
_struct_asym.pdbx_blank_PDB_chainid_flag 
_struct_asym.pdbx_modified 
_struct_asym.entity_id 
_struct_asym.details 
A N N 1 ? 
B N N 1 ? 
C N N 2 ? 
D N N 2 ? 
E N N 2 ? 
F N N 2 ? 
G N N 2 ? 
H N N 2 ? 
I N N 2 ? 
J N N 2 ? 
K N N 2 ? 
L N N 3 ? 
M N N 3 ? 
# 
_struct_ref.id                         1 
_struct_ref.db_name                    UNP 
_struct_ref.db_code                    Q8DT97_STRMU 
_struct_ref.pdbx_db_accession          Q8DT97 
_struct_ref.entity_id                  1 
_struct_ref.pdbx_seq_one_letter_code   LVEDFERELGRMLSPFELEDLQKTVSDDKTDPDLVRSALREAVFNGKTNWNYIQAILRNWRHEGISTLRQVEE 
_struct_ref.pdbx_align_begin           127 
_struct_ref.pdbx_db_isoform            ? 
# 
loop_
_struct_ref_seq.align_id 
_struct_ref_seq.ref_id 
_struct_ref_seq.pdbx_PDB_id_code 
_struct_ref_seq.pdbx_strand_id 
_struct_ref_seq.seq_align_beg 
_struct_ref_seq.pdbx_seq_align_beg_ins_code 
_struct_ref_seq.seq_align_end 
_struct_ref_seq.pdbx_seq_align_end_ins_code 
_struct_ref_seq.pdbx_db_accession 
_struct_ref_seq.db_align_beg 
_struct_ref_seq.pdbx_db_align_beg_ins_code 
_struct_ref_seq.db_align_end 
_struct_ref_seq.pdbx_db_align_end_ins_code 
_struct_ref_seq.pdbx_auth_seq_align_beg 
_struct_ref_seq.pdbx_auth_seq_align_end 
1 1 2ZC2 A 6 ? 78 ? Q8DT97 127 ? 199 ? 127 199 
2 1 2ZC2 B 6 ? 78 ? Q8DT97 127 ? 199 ? 127 199 
# 
loop_
_struct_ref_seq_dif.align_id 
_struct_ref_seq_dif.pdbx_pdb_id_code 
_struct_ref_seq_dif.mon_id 
_struct_ref_seq_dif.pdbx_pdb_strand_id 
_struct_ref_seq_dif.seq_num 
_struct_ref_seq_dif.pdbx_pdb_ins_code 
_struct_ref_seq_dif.pdbx_seq_db_name 
_struct_ref_seq_dif.pdbx_seq_db_accession_code 
_struct_ref_seq_dif.db_mon_id 
_struct_ref_seq_dif.pdbx_seq_db_seq_num 
_struct_ref_seq_dif.details 
_struct_ref_seq_dif.pdbx_auth_seq_num 
_struct_ref_seq_dif.pdbx_ordinal 
1 2ZC2 SER A 1 ? UNP Q8DT97 ? ? 'expression tag' 122 1  
1 2ZC2 ASN A 2 ? UNP Q8DT97 ? ? 'expression tag' 123 2  
1 2ZC2 ALA A 3 ? UNP Q8DT97 ? ? 'expression tag' 124 3  
1 2ZC2 ASN A 4 ? UNP Q8DT97 ? ? 'expression tag' 125 4  
1 2ZC2 ALA A 5 ? UNP Q8DT97 ? ? 'expression tag' 126 5  
2 2ZC2 SER B 1 ? UNP Q8DT97 ? ? 'expression tag' 122 6  
2 2ZC2 ASN B 2 ? UNP Q8DT97 ? ? 'expression tag' 123 7  
2 2ZC2 ALA B 3 ? UNP Q8DT97 ? ? 'expression tag' 124 8  
2 2ZC2 ASN B 4 ? UNP Q8DT97 ? ? 'expression tag' 125 9  
2 2ZC2 ALA B 5 ? UNP Q8DT97 ? ? 'expression tag' 126 10 
# 
loop_
_pdbx_struct_assembly.id 
_pdbx_struct_assembly.details 
_pdbx_struct_assembly.method_details 
_pdbx_struct_assembly.oligomeric_details 
_pdbx_struct_assembly.oligomeric_count 
1 software_defined_assembly PISA monomeric 1 
2 software_defined_assembly PISA monomeric 1 
# 
loop_
_pdbx_struct_assembly_gen.assembly_id 
_pdbx_struct_assembly_gen.oper_expression 
_pdbx_struct_assembly_gen.asym_id_list 
1 1 A,C,D,E,F,L   
2 1 B,G,H,I,J,K,M 
# 
_pdbx_struct_oper_list.id                   1 
_pdbx_struct_oper_list.type                 'identity operation' 
_pdbx_struct_oper_list.name                 1_555 
_pdbx_struct_oper_list.symmetry_operation   x,y,z 
_pdbx_struct_oper_list.matrix[1][1]         1.0000000000 
_pdbx_struct_oper_list.matrix[1][2]         0.0000000000 
_pdbx_struct_oper_list.matrix[1][3]         0.0000000000 
_pdbx_struct_oper_list.vector[1]            0.0000000000 
_pdbx_struct_oper_list.matrix[2][1]         0.0000000000 
_pdbx_struct_oper_list.matrix[2][2]         1.0000000000 
_pdbx_struct_oper_list.matrix[2][3]         0.0000000000 
_pdbx_struct_oper_list.vector[2]            0.0000000000 
_pdbx_struct_oper_list.matrix[3][1]         0.0000000000 
_pdbx_struct_oper_list.matrix[3][2]         0.0000000000 
_pdbx_struct_oper_list.matrix[3][3]         1.0000000000 
_pdbx_struct_oper_list.vector[3]            0.0000000000 
# 
_struct_biol.id        1 
_struct_biol.details   ? 
# 
loop_
_struct_conf.conf_type_id 
_struct_conf.id 
_struct_conf.pdbx_PDB_helix_id 
_struct_conf.beg_label_comp_id 
_struct_conf.beg_label_asym_id 
_struct_conf.beg_label_seq_id 
_struct_conf.pdbx_beg_PDB_ins_code 
_struct_conf.end_label_comp_id 
_struct_conf.end_label_asym_id 
_struct_conf.end_label_seq_id 
_struct_conf.pdbx_end_PDB_ins_code 
_struct_conf.beg_auth_comp_id 
_struct_conf.beg_auth_asym_id 
_struct_conf.beg_auth_seq_id 
_struct_conf.end_auth_comp_id 
_struct_conf.end_auth_asym_id 
_struct_conf.end_auth_seq_id 
_struct_conf.pdbx_PDB_helix_class 
_struct_conf.details 
_struct_conf.pdbx_PDB_helix_length 
HELX_P HELX_P1 1 ASN A 4  ? GLY A 15 ? ASN A 125 GLY A 136 1 ? 12 
HELX_P HELX_P2 2 SER A 19 ? SER A 31 ? SER A 140 SER A 152 1 ? 13 
HELX_P HELX_P3 3 ASP A 36 ? GLY A 51 ? ASP A 157 GLY A 172 1 ? 16 
HELX_P HELX_P4 4 ASN A 54 ? GLU A 68 ? ASN A 175 GLU A 189 1 ? 15 
HELX_P HELX_P5 5 THR A 72 ? GLU A 77 ? THR A 193 GLU A 198 1 ? 6  
HELX_P HELX_P6 6 ASN B 4  ? GLY B 15 ? ASN B 125 GLY B 136 1 ? 12 
HELX_P HELX_P7 7 SER B 19 ? SER B 31 ? SER B 140 SER B 152 1 ? 13 
HELX_P HELX_P8 8 ASP B 36 ? ASN B 50 ? ASP B 157 ASN B 171 1 ? 15 
HELX_P HELX_P9 9 ASN B 54 ? GLU B 68 ? ASN B 175 GLU B 189 1 ? 15 
# 
_struct_conf_type.id          HELX_P 
_struct_conf_type.criteria    ? 
_struct_conf_type.reference   ? 
# 
loop_
_struct_conn.id 
_struct_conn.conn_type_id 
_struct_conn.pdbx_leaving_atom_flag 
_struct_conn.pdbx_PDB_id 
_struct_conn.ptnr1_label_asym_id 
_struct_conn.ptnr1_label_comp_id 
_struct_conn.ptnr1_label_seq_id 
_struct_conn.ptnr1_label_atom_id 
_struct_conn.pdbx_ptnr1_label_alt_id 
_struct_conn.pdbx_ptnr1_PDB_ins_code 
_struct_conn.pdbx_ptnr1_standard_comp_id 
_struct_conn.ptnr1_symmetry 
_struct_conn.ptnr2_label_asym_id 
_struct_conn.ptnr2_label_comp_id 
_struct_conn.ptnr2_label_seq_id 
_struct_conn.ptnr2_label_atom_id 
_struct_conn.pdbx_ptnr2_label_alt_id 
_struct_conn.pdbx_ptnr2_PDB_ins_code 
_struct_conn.ptnr1_auth_asym_id 
_struct_conn.ptnr1_auth_comp_id 
_struct_conn.ptnr1_auth_seq_id 
_struct_conn.ptnr2_auth_asym_id 
_struct_conn.ptnr2_auth_comp_id 
_struct_conn.ptnr2_auth_seq_id 
_struct_conn.ptnr2_symmetry 
_struct_conn.pdbx_ptnr3_label_atom_id 
_struct_conn.pdbx_ptnr3_label_seq_id 
_struct_conn.pdbx_ptnr3_label_comp_id 
_struct_conn.pdbx_ptnr3_label_asym_id 
_struct_conn.pdbx_ptnr3_label_alt_id 
_struct_conn.pdbx_ptnr3_PDB_ins_code 
_struct_conn.details 
_struct_conn.pdbx_dist_value 
_struct_conn.pdbx_value_order 
_struct_conn.pdbx_role 
covale1  covale both ? A ARG 16 C   ? ? ? 1_555 A MSE 17 N  ? ? A ARG 137 A MSE 138 1_555 ? ? ? ? ? ? ? 1.326 ? ? 
covale2  covale both ? A MSE 17 C   ? ? ? 1_555 A LEU 18 N  ? ? A MSE 138 A LEU 139 1_555 ? ? ? ? ? ? ? 1.329 ? ? 
covale3  covale both ? B ARG 16 C   ? ? ? 1_555 B MSE 17 N  ? ? B ARG 137 B MSE 138 1_555 ? ? ? ? ? ? ? 1.330 ? ? 
covale4  covale both ? B MSE 17 C   ? ? ? 1_555 B LEU 18 N  ? ? B MSE 138 B LEU 139 1_555 ? ? ? ? ? ? ? 1.323 ? ? 
metalc1  metalc ?    ? A ASP 9  OD1 ? ? ? 1_555 F ZN  .  ZN ? ? A ASP 130 A ZN  507 1_555 ? ? ? ? ? ? ? 2.251 ? ? 
metalc2  metalc ?    ? A ASP 9  OD2 ? ? ? 1_555 F ZN  .  ZN ? ? A ASP 130 A ZN  507 1_555 ? ? ? ? ? ? ? 2.278 ? ? 
metalc3  metalc ?    ? A ASP 25 OD2 ? ? ? 1_555 C ZN  .  ZN ? ? A ASP 146 A ZN  501 1_555 ? ? ? ? ? ? ? 2.035 ? ? 
metalc4  metalc ?    ? A ASP 33 OD2 ? ? ? 1_555 D ZN  .  ZN ? ? A ASP 154 A ZN  504 1_555 ? ? ? ? ? ? ? 2.226 ? ? 
metalc5  metalc ?    ? A ASP 38 OD1 ? ? ? 1_555 E ZN  .  ZN ? ? A ASP 159 A ZN  505 1_555 ? ? ? ? ? ? ? 2.127 ? ? 
metalc6  metalc ?    ? B GLU 8  OE2 ? ? ? 1_555 K ZN  .  ZN ? ? B GLU 129 B ZN  509 1_555 ? ? ? ? ? ? ? 2.227 ? ? 
metalc7  metalc ?    ? B GLU 11 OE1 ? ? ? 1_555 K ZN  .  ZN ? ? B GLU 132 B ZN  509 1_555 ? ? ? ? ? ? ? 2.385 ? ? 
metalc8  metalc ?    ? B ASP 25 OD1 ? ? ? 1_555 H ZN  .  ZN ? ? B ASP 146 B ZN  503 1_555 ? ? ? ? ? ? ? 1.769 ? ? 
metalc9  metalc ?    ? B ASP 32 OD2 ? ? ? 1_555 G ZN  .  ZN ? ? B ASP 153 B ZN  502 1_555 ? ? ? ? ? ? ? 2.005 ? ? 
metalc10 metalc ?    ? B ASP 33 OD1 ? ? ? 1_555 I ZN  .  ZN ? ? B ASP 154 B ZN  506 1_555 ? ? ? ? ? ? ? 2.312 ? ? 
metalc11 metalc ?    ? B ASP 36 OD2 ? ? ? 1_555 J ZN  .  ZN ? ? B ASP 157 B ZN  508 1_555 ? ? ? ? ? ? ? 2.153 ? ? 
# 
loop_
_struct_conn_type.id 
_struct_conn_type.criteria 
_struct_conn_type.reference 
covale ? ? 
metalc ? ? 
# 
loop_
_pdbx_struct_conn_angle.id 
_pdbx_struct_conn_angle.ptnr1_label_atom_id 
_pdbx_struct_conn_angle.ptnr1_label_alt_id 
_pdbx_struct_conn_angle.ptnr1_label_asym_id 
_pdbx_struct_conn_angle.ptnr1_label_comp_id 
_pdbx_struct_conn_angle.ptnr1_label_seq_id 
_pdbx_struct_conn_angle.ptnr1_auth_atom_id 
_pdbx_struct_conn_angle.ptnr1_auth_asym_id 
_pdbx_struct_conn_angle.ptnr1_auth_comp_id 
_pdbx_struct_conn_angle.ptnr1_auth_seq_id 
_pdbx_struct_conn_angle.ptnr1_PDB_ins_code 
_pdbx_struct_conn_angle.ptnr1_symmetry 
_pdbx_struct_conn_angle.ptnr2_label_atom_id 
_pdbx_struct_conn_angle.ptnr2_label_alt_id 
_pdbx_struct_conn_angle.ptnr2_label_asym_id 
_pdbx_struct_conn_angle.ptnr2_label_comp_id 
_pdbx_struct_conn_angle.ptnr2_label_seq_id 
_pdbx_struct_conn_angle.ptnr2_auth_atom_id 
_pdbx_struct_conn_angle.ptnr2_auth_asym_id 
_pdbx_struct_conn_angle.ptnr2_auth_comp_id 
_pdbx_struct_conn_angle.ptnr2_auth_seq_id 
_pdbx_struct_conn_angle.ptnr2_PDB_ins_code 
_pdbx_struct_conn_angle.ptnr2_symmetry 
_pdbx_struct_conn_angle.ptnr3_label_atom_id 
_pdbx_struct_conn_angle.ptnr3_label_alt_id 
_pdbx_struct_conn_angle.ptnr3_label_asym_id 
_pdbx_struct_conn_angle.ptnr3_label_comp_id 
_pdbx_struct_conn_angle.ptnr3_label_seq_id 
_pdbx_struct_conn_angle.ptnr3_auth_atom_id 
_pdbx_struct_conn_angle.ptnr3_auth_asym_id 
_pdbx_struct_conn_angle.ptnr3_auth_comp_id 
_pdbx_struct_conn_angle.ptnr3_auth_seq_id 
_pdbx_struct_conn_angle.ptnr3_PDB_ins_code 
_pdbx_struct_conn_angle.ptnr3_symmetry 
_pdbx_struct_conn_angle.value 
_pdbx_struct_conn_angle.value_esd 
1 OD1 ? A ASP 9 ? A ASP 130 ? 1_555 ZN ? F ZN . ? A ZN 507 ? 1_555 OD2 ? A ASP 9  ? A ASP 130 ? 1_555 57.9 ? 
2 OE2 ? B GLU 8 ? B GLU 129 ? 1_555 ZN ? K ZN . ? B ZN 509 ? 1_555 OE1 ? B GLU 11 ? B GLU 132 ? 1_555 68.7 ? 
# 
loop_
_pdbx_modification_feature.ordinal 
_pdbx_modification_feature.label_comp_id 
_pdbx_modification_feature.label_asym_id 
_pdbx_modification_feature.label_seq_id 
_pdbx_modification_feature.label_alt_id 
_pdbx_modification_feature.modified_residue_label_comp_id 
_pdbx_modification_feature.modified_residue_label_asym_id 
_pdbx_modification_feature.modified_residue_label_seq_id 
_pdbx_modification_feature.modified_residue_label_alt_id 
_pdbx_modification_feature.auth_comp_id 
_pdbx_modification_feature.auth_asym_id 
_pdbx_modification_feature.auth_seq_id 
_pdbx_modification_feature.PDB_ins_code 
_pdbx_modification_feature.symmetry 
_pdbx_modification_feature.modified_residue_auth_comp_id 
_pdbx_modification_feature.modified_residue_auth_asym_id 
_pdbx_modification_feature.modified_residue_auth_seq_id 
_pdbx_modification_feature.modified_residue_PDB_ins_code 
_pdbx_modification_feature.modified_residue_symmetry 
_pdbx_modification_feature.comp_id_linking_atom 
_pdbx_modification_feature.modified_residue_id_linking_atom 
_pdbx_modification_feature.modified_residue_id 
_pdbx_modification_feature.ref_pcm_id 
_pdbx_modification_feature.ref_comp_id 
_pdbx_modification_feature.type 
_pdbx_modification_feature.category 
1 MSE A 17 ? . . . . MSE A 138 ? 1_555 . . . . . . . MET 1 MSE Selenomethionine 'Named protein modification' 
2 MSE B 17 ? . . . . MSE B 138 ? 1_555 . . . . . . . MET 1 MSE Selenomethionine 'Named protein modification' 
# 
loop_
_struct_site.id 
_struct_site.pdbx_evidence_code 
_struct_site.pdbx_auth_asym_id 
_struct_site.pdbx_auth_comp_id 
_struct_site.pdbx_auth_seq_id 
_struct_site.pdbx_auth_ins_code 
_struct_site.pdbx_num_residues 
_struct_site.details 
AC1 Software A ZN 501 ? 3 'BINDING SITE FOR RESIDUE ZN A 501' 
AC2 Software B ZN 502 ? 3 'BINDING SITE FOR RESIDUE ZN B 502' 
AC3 Software B ZN 503 ? 1 'BINDING SITE FOR RESIDUE ZN B 503' 
AC4 Software A ZN 504 ? 2 'BINDING SITE FOR RESIDUE ZN A 504' 
AC5 Software A ZN 505 ? 3 'BINDING SITE FOR RESIDUE ZN A 505' 
AC6 Software B ZN 506 ? 2 'BINDING SITE FOR RESIDUE ZN B 506' 
AC7 Software A ZN 507 ? 1 'BINDING SITE FOR RESIDUE ZN A 507' 
AC8 Software B ZN 508 ? 2 'BINDING SITE FOR RESIDUE ZN B 508' 
AC9 Software B ZN 509 ? 3 'BINDING SITE FOR RESIDUE ZN B 509' 
# 
loop_
_struct_site_gen.id 
_struct_site_gen.site_id 
_struct_site_gen.pdbx_num_res 
_struct_site_gen.label_comp_id 
_struct_site_gen.label_asym_id 
_struct_site_gen.label_seq_id 
_struct_site_gen.pdbx_auth_ins_code 
_struct_site_gen.auth_comp_id 
_struct_site_gen.auth_asym_id 
_struct_site_gen.auth_seq_id 
_struct_site_gen.label_atom_id 
_struct_site_gen.label_alt_id 
_struct_site_gen.symmetry 
_struct_site_gen.details 
1  AC1 3 ASP A 25 ? ASP A 146 . ? 1_555 ? 
2  AC1 3 ASN B 64 ? ASN B 185 . ? 6_455 ? 
3  AC1 3 GLU B 68 ? GLU B 189 . ? 6_455 ? 
4  AC2 3 ASP A 36 ? ASP A 157 . ? 7_555 ? 
5  AC2 3 GLU A 78 ? GLU A 199 . ? 7_555 ? 
6  AC2 3 ASP B 32 ? ASP B 153 . ? 1_555 ? 
7  AC3 1 ASP B 25 ? ASP B 146 . ? 1_555 ? 
8  AC4 2 ASP A 33 ? ASP A 154 . ? 1_555 ? 
9  AC4 2 GLU B 78 ? GLU B 199 . ? 6_455 ? 
10 AC5 3 ASP A 38 ? ASP A 159 . ? 1_555 ? 
11 AC5 3 ARG A 41 ? ARG A 162 . ? 1_555 ? 
12 AC5 3 GLU B 24 ? GLU B 145 . ? 7_555 ? 
13 AC6 2 ARG A 74 ? ARG A 195 . ? 7_555 ? 
14 AC6 2 ASP B 33 ? ASP B 154 . ? 1_555 ? 
15 AC7 1 ASP A 9  ? ASP A 130 . ? 1_555 ? 
16 AC8 2 ASP B 36 ? ASP B 157 . ? 1_555 ? 
17 AC8 2 GLU B 77 ? GLU B 198 . ? 4_554 ? 
18 AC9 3 GLU B 8  ? GLU B 129 . ? 1_555 ? 
19 AC9 3 GLU B 11 ? GLU B 132 . ? 1_555 ? 
20 AC9 3 MSE B 17 ? MSE B 138 . ? 1_555 ? 
# 
_pdbx_entry_details.entry_id                   2ZC2 
_pdbx_entry_details.compound_details           ? 
_pdbx_entry_details.source_details             ? 
_pdbx_entry_details.nonpolymer_details         ? 
_pdbx_entry_details.sequence_details           ? 
_pdbx_entry_details.has_ligand_of_interest     ? 
_pdbx_entry_details.has_protein_modification   Y 
# 
_pdbx_validate_rmsd_bond.id                        1 
_pdbx_validate_rmsd_bond.PDB_model_num             1 
_pdbx_validate_rmsd_bond.auth_atom_id_1            CB 
_pdbx_validate_rmsd_bond.auth_asym_id_1            B 
_pdbx_validate_rmsd_bond.auth_comp_id_1            VAL 
_pdbx_validate_rmsd_bond.auth_seq_id_1             161 
_pdbx_validate_rmsd_bond.PDB_ins_code_1            ? 
_pdbx_validate_rmsd_bond.label_alt_id_1            ? 
_pdbx_validate_rmsd_bond.auth_atom_id_2            CG2 
_pdbx_validate_rmsd_bond.auth_asym_id_2            B 
_pdbx_validate_rmsd_bond.auth_comp_id_2            VAL 
_pdbx_validate_rmsd_bond.auth_seq_id_2             161 
_pdbx_validate_rmsd_bond.PDB_ins_code_2            ? 
_pdbx_validate_rmsd_bond.label_alt_id_2            ? 
_pdbx_validate_rmsd_bond.bond_value                1.658 
_pdbx_validate_rmsd_bond.bond_target_value         1.524 
_pdbx_validate_rmsd_bond.bond_deviation            0.134 
_pdbx_validate_rmsd_bond.bond_standard_deviation   0.021 
_pdbx_validate_rmsd_bond.linker_flag               N 
# 
loop_
_pdbx_validate_rmsd_angle.id 
_pdbx_validate_rmsd_angle.PDB_model_num 
_pdbx_validate_rmsd_angle.auth_atom_id_1 
_pdbx_validate_rmsd_angle.auth_asym_id_1 
_pdbx_validate_rmsd_angle.auth_comp_id_1 
_pdbx_validate_rmsd_angle.auth_seq_id_1 
_pdbx_validate_rmsd_angle.PDB_ins_code_1 
_pdbx_validate_rmsd_angle.label_alt_id_1 
_pdbx_validate_rmsd_angle.auth_atom_id_2 
_pdbx_validate_rmsd_angle.auth_asym_id_2 
_pdbx_validate_rmsd_angle.auth_comp_id_2 
_pdbx_validate_rmsd_angle.auth_seq_id_2 
_pdbx_validate_rmsd_angle.PDB_ins_code_2 
_pdbx_validate_rmsd_angle.label_alt_id_2 
_pdbx_validate_rmsd_angle.auth_atom_id_3 
_pdbx_validate_rmsd_angle.auth_asym_id_3 
_pdbx_validate_rmsd_angle.auth_comp_id_3 
_pdbx_validate_rmsd_angle.auth_seq_id_3 
_pdbx_validate_rmsd_angle.PDB_ins_code_3 
_pdbx_validate_rmsd_angle.label_alt_id_3 
_pdbx_validate_rmsd_angle.angle_value 
_pdbx_validate_rmsd_angle.angle_target_value 
_pdbx_validate_rmsd_angle.angle_deviation 
_pdbx_validate_rmsd_angle.angle_standard_deviation 
_pdbx_validate_rmsd_angle.linker_flag 
1 1 CB A ASP 157 ? ? CG A ASP 157 ? ? OD1 A ASP 157 ? ? 124.06 118.30 5.76  0.90 N 
2 1 CB A ASP 157 ? ? CG A ASP 157 ? ? OD2 A ASP 157 ? ? 112.08 118.30 -6.22 0.90 N 
# 
loop_
_pdbx_validate_torsion.id 
_pdbx_validate_torsion.PDB_model_num 
_pdbx_validate_torsion.auth_comp_id 
_pdbx_validate_torsion.auth_asym_id 
_pdbx_validate_torsion.auth_seq_id 
_pdbx_validate_torsion.PDB_ins_code 
_pdbx_validate_torsion.label_alt_id 
_pdbx_validate_torsion.phi 
_pdbx_validate_torsion.psi 
1 1 GLU A 198 ? ? 102.25 113.43 
2 1 GLU B 198 ? ? 163.08 -30.91 
# 
_pdbx_SG_project.id                    1 
_pdbx_SG_project.project_name          'PSI, Protein Structure Initiative' 
_pdbx_SG_project.full_name_of_center   'Midwest Center for Structural Genomics' 
_pdbx_SG_project.initial_of_center     MCSG 
# 
loop_
_pdbx_struct_mod_residue.id 
_pdbx_struct_mod_residue.label_asym_id 
_pdbx_struct_mod_residue.label_comp_id 
_pdbx_struct_mod_residue.label_seq_id 
_pdbx_struct_mod_residue.auth_asym_id 
_pdbx_struct_mod_residue.auth_comp_id 
_pdbx_struct_mod_residue.auth_seq_id 
_pdbx_struct_mod_residue.PDB_ins_code 
_pdbx_struct_mod_residue.parent_comp_id 
_pdbx_struct_mod_residue.details 
1 A MSE 17 A MSE 138 ? MET SELENOMETHIONINE 
2 B MSE 17 B MSE 138 ? MET SELENOMETHIONINE 
# 
_diffrn_reflns.diffrn_id                   1 
_diffrn_reflns.pdbx_d_res_high             2.000 
_diffrn_reflns.pdbx_d_res_low              50.000 
_diffrn_reflns.pdbx_number_obs             22797 
_diffrn_reflns.pdbx_Rmerge_I_obs           0.060 
_diffrn_reflns.pdbx_Rsym_value             ? 
_diffrn_reflns.pdbx_chi_squared            1.03 
_diffrn_reflns.av_sigmaI_over_netI         11.70 
_diffrn_reflns.pdbx_redundancy             8.80 
_diffrn_reflns.pdbx_percent_possible_obs   99.20 
_diffrn_reflns.number                      200964 
_diffrn_reflns.pdbx_observed_criterion     ? 
_diffrn_reflns.limit_h_max                 ? 
_diffrn_reflns.limit_h_min                 ? 
_diffrn_reflns.limit_k_max                 ? 
_diffrn_reflns.limit_k_min                 ? 
_diffrn_reflns.limit_l_max                 ? 
_diffrn_reflns.limit_l_min                 ? 
# 
loop_
_pdbx_diffrn_reflns_shell.diffrn_id 
_pdbx_diffrn_reflns_shell.d_res_high 
_pdbx_diffrn_reflns_shell.d_res_low 
_pdbx_diffrn_reflns_shell.number_obs 
_pdbx_diffrn_reflns_shell.rejects 
_pdbx_diffrn_reflns_shell.Rmerge_I_obs 
_pdbx_diffrn_reflns_shell.Rsym_value 
_pdbx_diffrn_reflns_shell.chi_squared 
_pdbx_diffrn_reflns_shell.redundancy 
_pdbx_diffrn_reflns_shell.percent_possible_obs 
1 6.83 50.00 ? ? 0.018 ? 0.702 10.10 99.30  
1 5.43 6.83  ? ? 0.024 ? 0.725 10.40 100.00 
1 4.74 5.43  ? ? 0.022 ? 0.692 10.50 100.00 
1 4.31 4.74  ? ? 0.022 ? 0.732 10.50 100.00 
1 4.00 4.31  ? ? 0.024 ? 0.728 10.40 100.00 
1 3.76 4.00  ? ? 0.026 ? 0.745 9.70  100.00 
1 3.58 3.76  ? ? 0.028 ? 0.823 9.30  100.00 
1 3.42 3.58  ? ? 0.036 ? 0.944 9.60  100.00 
1 3.29 3.42  ? ? 0.044 ? 1.033 9.70  100.00 
1 3.17 3.29  ? ? 0.051 ? 1.183 9.80  100.00 
1 3.08 3.17  ? ? 0.061 ? 1.301 9.90  100.00 
1 2.99 3.08  ? ? 0.068 ? 1.305 9.80  100.00 
1 2.91 2.99  ? ? 0.078 ? 1.335 9.80  100.00 
1 2.84 2.91  ? ? 0.087 ? 1.289 9.80  100.00 
1 2.77 2.84  ? ? 0.103 ? 1.266 9.80  100.00 
1 2.71 2.77  ? ? 0.104 ? 1.209 9.60  100.00 
1 2.66 2.71  ? ? 0.115 ? 1.134 9.60  100.00 
1 2.61 2.66  ? ? 0.114 ? 1.175 9.50  100.00 
1 2.56 2.61  ? ? 0.130 ? 1.112 9.40  100.00 
1 2.52 2.56  ? ? 0.134 ? 1.090 9.20  100.00 
1 2.48 2.52  ? ? 0.154 ? 1.112 9.20  100.00 
1 2.44 2.48  ? ? 0.143 ? 1.051 8.90  100.00 
1 2.41 2.44  ? ? 0.160 ? 1.095 8.90  100.00 
1 2.37 2.41  ? ? 0.158 ? 1.112 8.70  100.00 
1 2.34 2.37  ? ? 0.169 ? 1.076 8.60  100.00 
1 2.31 2.34  ? ? 0.172 ? 1.032 8.60  100.00 
1 2.28 2.31  ? ? 0.231 ? 1.054 8.50  100.00 
1 2.25 2.28  ? ? 0.214 ? 1.052 8.40  99.70  
1 2.23 2.25  ? ? 0.225 ? 1.045 8.20  99.80  
1 2.20 2.23  ? ? 0.232 ? 1.009 8.30  99.80  
1 2.18 2.20  ? ? 0.265 ? 0.981 7.90  99.00  
1 2.15 2.18  ? ? 0.250 ? 1.043 8.00  99.10  
1 2.13 2.15  ? ? 0.300 ? 1.056 7.70  98.50  
1 2.11 2.13  ? ? 0.312 ? 1.015 7.70  98.70  
1 2.09 2.11  ? ? 0.329 ? 0.997 7.40  98.50  
1 2.07 2.09  ? ? 0.342 ? 1.001 7.00  96.90  
1 2.05 2.07  ? ? 0.379 ? 1.030 6.60  96.70  
1 2.03 2.05  ? ? 0.460 ? 1.011 6.00  96.20  
1 2.02 2.03  ? ? 0.459 ? 1.049 5.80  94.10  
1 2.00 2.02  ? ? 0.527 ? 0.997 5.30  93.00  
# 
_pdbx_phasing_MAD_set.id                  1 
_pdbx_phasing_MAD_set.d_res_high          2.10 
_pdbx_phasing_MAD_set.d_res_low           50.00 
_pdbx_phasing_MAD_set.reflns_acentric     8962 
_pdbx_phasing_MAD_set.loc_acentric        0.100 
_pdbx_phasing_MAD_set.power_acentric      0.000 
_pdbx_phasing_MAD_set.R_cullis_acentric   1.530 
_pdbx_phasing_MAD_set.reflns_centric      1840 
_pdbx_phasing_MAD_set.loc_centric         0.100 
_pdbx_phasing_MAD_set.power_centric       0.000 
_pdbx_phasing_MAD_set.R_cullis_centric    1.000 
# 
loop_
_pdbx_phasing_MAD_set_shell.id 
_pdbx_phasing_MAD_set_shell.d_res_high 
_pdbx_phasing_MAD_set_shell.d_res_low 
_pdbx_phasing_MAD_set_shell.reflns_acentric 
_pdbx_phasing_MAD_set_shell.loc_acentric 
_pdbx_phasing_MAD_set_shell.power_acentric 
_pdbx_phasing_MAD_set_shell.R_cullis_acentric 
_pdbx_phasing_MAD_set_shell.reflns_centric 
_pdbx_phasing_MAD_set_shell.loc_centric 
_pdbx_phasing_MAD_set_shell.power_centric 
_pdbx_phasing_MAD_set_shell.R_cullis_centric 
1 12.98 50.00 22   0.600 0.000 1.580 37  0.300 0.000 1.000 
1 7.46  12.98 130  0.500 0.000 1.670 96  0.300 0.000 1.000 
1 5.23  7.46  344  0.400 0.000 2.290 148 0.100 0.000 1.000 
1 4.03  5.23  656  0.200 0.000 1.120 208 0.200 0.000 1.000 
1 3.28  4.03  1081 0.100 0.000 1.120 257 0.100 0.000 1.000 
1 2.76  3.28  1590 0.000 0.000 2.130 313 0.000 0.000 1.000 
1 2.39  2.76  2218 0.000 0.000 2.700 372 0.000 0.000 1.000 
1 2.10  2.39  2921 0.000 0.000 1.290 409 0.000 0.000 1.000 
# 
loop_
_pdbx_phasing_MAD_set_site.id 
_pdbx_phasing_MAD_set_site.atom_type_symbol 
_pdbx_phasing_MAD_set_site.fract_x 
_pdbx_phasing_MAD_set_site.fract_y 
_pdbx_phasing_MAD_set_site.fract_z 
_pdbx_phasing_MAD_set_site.b_iso 
_pdbx_phasing_MAD_set_site.occupancy 
1  Se 0.504 0.334 0.025  48.15793 0.000 
2  Se 0.536 0.624 0.042  77.86912 0.000 
3  Se 0.320 0.162 0.006  41.17496 0.000 
4  Se 0.834 0.520 0.069  44.65211 0.000 
5  Se 0.570 0.635 0.020  57.94392 0.000 
6  Se 0.365 0.543 -0.007 54.097   0.000 
7  Se 0.357 0.521 -0.009 75.56010 0.000 
8  Se 0.201 0.705 0.077  62.63144 0.000 
9  Se 0.488 0.907 0.039  75.57895 0.000 
10 Se 0.242 0.133 0.008  60.55979 0.000 
11 Se 0.297 0.232 0.010  81.69875 0.000 
12 Se 0.119 0.160 0.076  72.27107 0.000 
13 Se 0.361 0.203 0.123  52.95457 0.000 
14 Se 0.037 0.505 0.054  109.7773 0.000 
15 Se 0.318 0.496 0.026  47.08311 0.000 
# 
loop_
_pdbx_phasing_MAD_shell.d_res_high 
_pdbx_phasing_MAD_shell.d_res_low 
_pdbx_phasing_MAD_shell.reflns 
_pdbx_phasing_MAD_shell.fom 
_pdbx_phasing_MAD_shell.reflns_centric 
_pdbx_phasing_MAD_shell.fom_centric 
_pdbx_phasing_MAD_shell.reflns_acentric 
_pdbx_phasing_MAD_shell.fom_acentric 
12.98 50.00 59   0.229 37  0.000 22   0.614 
7.46  12.98 226  0.352 96  0.000 130  0.612 
5.23  7.46  492  0.383 148 0.000 344  0.548 
4.03  5.23  864  0.417 208 0.000 656  0.549 
3.28  4.03  1338 0.394 257 0.000 1081 0.488 
2.76  3.28  1903 0.276 313 0.000 1590 0.330 
2.39  2.76  2590 0.153 372 0.000 2218 0.178 
2.10  2.39  3330 0.065 409 0.000 2921 0.074 
# 
_pdbx_phasing_dm.entry_id   2ZC2 
_pdbx_phasing_dm.method     'Solvent flattening  and Histogram matching' 
_pdbx_phasing_dm.reflns     10802 
# 
loop_
_pdbx_phasing_dm_shell.d_res_high 
_pdbx_phasing_dm_shell.d_res_low 
_pdbx_phasing_dm_shell.delta_phi_final 
_pdbx_phasing_dm_shell.delta_phi_initial 
_pdbx_phasing_dm_shell.fom_acentric 
_pdbx_phasing_dm_shell.fom_centric 
_pdbx_phasing_dm_shell.fom 
_pdbx_phasing_dm_shell.reflns_acentric 
_pdbx_phasing_dm_shell.reflns_centric 
_pdbx_phasing_dm_shell.reflns 
6.110 100.000 70.000 ? ? ? 0.652 ? ? 503 
4.780 6.110   63.000 ? ? ? 0.848 ? ? 507 
4.150 4.780   62.500 ? ? ? 0.892 ? ? 506 
3.750 4.150   61.900 ? ? ? 0.893 ? ? 509 
3.470 3.750   61.300 ? ? ? 0.911 ? ? 502 
3.250 3.470   62.800 ? ? ? 0.870 ? ? 505 
3.090 3.250   61.000 ? ? ? 0.871 ? ? 508 
2.950 3.090   65.800 ? ? ? 0.879 ? ? 504 
2.830 2.950   70.300 ? ? ? 0.873 ? ? 507 
2.730 2.830   67.900 ? ? ? 0.866 ? ? 506 
2.640 2.730   73.900 ? ? ? 0.887 ? ? 511 
2.560 2.640   72.700 ? ? ? 0.855 ? ? 503 
2.490 2.560   69.600 ? ? ? 0.897 ? ? 513 
2.430 2.490   75.700 ? ? ? 0.857 ? ? 509 
2.370 2.430   76.200 ? ? ? 0.898 ? ? 503 
2.320 2.370   78.800 ? ? ? 0.880 ? ? 507 
2.270 2.320   79.500 ? ? ? 0.874 ? ? 504 
2.230 2.270   79.300 ? ? ? 0.869 ? ? 508 
2.190 2.230   80.100 ? ? ? 0.856 ? ? 512 
2.150 2.190   80.900 ? ? ? 0.864 ? ? 521 
2.100 2.150   85.900 ? ? ? 0.816 ? ? 654 
# 
_phasing.method   MAD 
# 
_phasing_MAD.entry_id               2ZC2 
_phasing_MAD.pdbx_d_res_high        2.10 
_phasing_MAD.pdbx_d_res_low         50.00 
_phasing_MAD.pdbx_reflns            10802 
_phasing_MAD.pdbx_fom               0.213 
_phasing_MAD.pdbx_reflns_centric    1840 
_phasing_MAD.pdbx_fom_centric       0.000 
_phasing_MAD.pdbx_reflns_acentric   8962 
_phasing_MAD.pdbx_fom_acentric      0.257 
# 
loop_
_pdbx_unobs_or_zero_occ_residues.id 
_pdbx_unobs_or_zero_occ_residues.PDB_model_num 
_pdbx_unobs_or_zero_occ_residues.polymer_flag 
_pdbx_unobs_or_zero_occ_residues.occupancy_flag 
_pdbx_unobs_or_zero_occ_residues.auth_asym_id 
_pdbx_unobs_or_zero_occ_residues.auth_comp_id 
_pdbx_unobs_or_zero_occ_residues.auth_seq_id 
_pdbx_unobs_or_zero_occ_residues.PDB_ins_code 
_pdbx_unobs_or_zero_occ_residues.label_asym_id 
_pdbx_unobs_or_zero_occ_residues.label_comp_id 
_pdbx_unobs_or_zero_occ_residues.label_seq_id 
1 1 Y 1 A SER 122 ? A SER 1 
2 1 Y 1 A ASN 123 ? A ASN 2 
3 1 Y 1 A ALA 124 ? A ALA 3 
4 1 Y 1 B SER 122 ? B SER 1 
5 1 Y 1 B ASN 123 ? B ASN 2 
6 1 Y 1 B ALA 124 ? B ALA 3 
# 
loop_
_chem_comp_atom.comp_id 
_chem_comp_atom.atom_id 
_chem_comp_atom.type_symbol 
_chem_comp_atom.pdbx_aromatic_flag 
_chem_comp_atom.pdbx_stereo_config 
_chem_comp_atom.pdbx_ordinal 
ALA N    N  N N 1   
ALA CA   C  N S 2   
ALA C    C  N N 3   
ALA O    O  N N 4   
ALA CB   C  N N 5   
ALA OXT  O  N N 6   
ALA H    H  N N 7   
ALA H2   H  N N 8   
ALA HA   H  N N 9   
ALA HB1  H  N N 10  
ALA HB2  H  N N 11  
ALA HB3  H  N N 12  
ALA HXT  H  N N 13  
ARG N    N  N N 14  
ARG CA   C  N S 15  
ARG C    C  N N 16  
ARG O    O  N N 17  
ARG CB   C  N N 18  
ARG CG   C  N N 19  
ARG CD   C  N N 20  
ARG NE   N  N N 21  
ARG CZ   C  N N 22  
ARG NH1  N  N N 23  
ARG NH2  N  N N 24  
ARG OXT  O  N N 25  
ARG H    H  N N 26  
ARG H2   H  N N 27  
ARG HA   H  N N 28  
ARG HB2  H  N N 29  
ARG HB3  H  N N 30  
ARG HG2  H  N N 31  
ARG HG3  H  N N 32  
ARG HD2  H  N N 33  
ARG HD3  H  N N 34  
ARG HE   H  N N 35  
ARG HH11 H  N N 36  
ARG HH12 H  N N 37  
ARG HH21 H  N N 38  
ARG HH22 H  N N 39  
ARG HXT  H  N N 40  
ASN N    N  N N 41  
ASN CA   C  N S 42  
ASN C    C  N N 43  
ASN O    O  N N 44  
ASN CB   C  N N 45  
ASN CG   C  N N 46  
ASN OD1  O  N N 47  
ASN ND2  N  N N 48  
ASN OXT  O  N N 49  
ASN H    H  N N 50  
ASN H2   H  N N 51  
ASN HA   H  N N 52  
ASN HB2  H  N N 53  
ASN HB3  H  N N 54  
ASN HD21 H  N N 55  
ASN HD22 H  N N 56  
ASN HXT  H  N N 57  
ASP N    N  N N 58  
ASP CA   C  N S 59  
ASP C    C  N N 60  
ASP O    O  N N 61  
ASP CB   C  N N 62  
ASP CG   C  N N 63  
ASP OD1  O  N N 64  
ASP OD2  O  N N 65  
ASP OXT  O  N N 66  
ASP H    H  N N 67  
ASP H2   H  N N 68  
ASP HA   H  N N 69  
ASP HB2  H  N N 70  
ASP HB3  H  N N 71  
ASP HD2  H  N N 72  
ASP HXT  H  N N 73  
GLN N    N  N N 74  
GLN CA   C  N S 75  
GLN C    C  N N 76  
GLN O    O  N N 77  
GLN CB   C  N N 78  
GLN CG   C  N N 79  
GLN CD   C  N N 80  
GLN OE1  O  N N 81  
GLN NE2  N  N N 82  
GLN OXT  O  N N 83  
GLN H    H  N N 84  
GLN H2   H  N N 85  
GLN HA   H  N N 86  
GLN HB2  H  N N 87  
GLN HB3  H  N N 88  
GLN HG2  H  N N 89  
GLN HG3  H  N N 90  
GLN HE21 H  N N 91  
GLN HE22 H  N N 92  
GLN HXT  H  N N 93  
GLU N    N  N N 94  
GLU CA   C  N S 95  
GLU C    C  N N 96  
GLU O    O  N N 97  
GLU CB   C  N N 98  
GLU CG   C  N N 99  
GLU CD   C  N N 100 
GLU OE1  O  N N 101 
GLU OE2  O  N N 102 
GLU OXT  O  N N 103 
GLU H    H  N N 104 
GLU H2   H  N N 105 
GLU HA   H  N N 106 
GLU HB2  H  N N 107 
GLU HB3  H  N N 108 
GLU HG2  H  N N 109 
GLU HG3  H  N N 110 
GLU HE2  H  N N 111 
GLU HXT  H  N N 112 
GLY N    N  N N 113 
GLY CA   C  N N 114 
GLY C    C  N N 115 
GLY O    O  N N 116 
GLY OXT  O  N N 117 
GLY H    H  N N 118 
GLY H2   H  N N 119 
GLY HA2  H  N N 120 
GLY HA3  H  N N 121 
GLY HXT  H  N N 122 
HIS N    N  N N 123 
HIS CA   C  N S 124 
HIS C    C  N N 125 
HIS O    O  N N 126 
HIS CB   C  N N 127 
HIS CG   C  Y N 128 
HIS ND1  N  Y N 129 
HIS CD2  C  Y N 130 
HIS CE1  C  Y N 131 
HIS NE2  N  Y N 132 
HIS OXT  O  N N 133 
HIS H    H  N N 134 
HIS H2   H  N N 135 
HIS HA   H  N N 136 
HIS HB2  H  N N 137 
HIS HB3  H  N N 138 
HIS HD1  H  N N 139 
HIS HD2  H  N N 140 
HIS HE1  H  N N 141 
HIS HE2  H  N N 142 
HIS HXT  H  N N 143 
HOH O    O  N N 144 
HOH H1   H  N N 145 
HOH H2   H  N N 146 
ILE N    N  N N 147 
ILE CA   C  N S 148 
ILE C    C  N N 149 
ILE O    O  N N 150 
ILE CB   C  N S 151 
ILE CG1  C  N N 152 
ILE CG2  C  N N 153 
ILE CD1  C  N N 154 
ILE OXT  O  N N 155 
ILE H    H  N N 156 
ILE H2   H  N N 157 
ILE HA   H  N N 158 
ILE HB   H  N N 159 
ILE HG12 H  N N 160 
ILE HG13 H  N N 161 
ILE HG21 H  N N 162 
ILE HG22 H  N N 163 
ILE HG23 H  N N 164 
ILE HD11 H  N N 165 
ILE HD12 H  N N 166 
ILE HD13 H  N N 167 
ILE HXT  H  N N 168 
LEU N    N  N N 169 
LEU CA   C  N S 170 
LEU C    C  N N 171 
LEU O    O  N N 172 
LEU CB   C  N N 173 
LEU CG   C  N N 174 
LEU CD1  C  N N 175 
LEU CD2  C  N N 176 
LEU OXT  O  N N 177 
LEU H    H  N N 178 
LEU H2   H  N N 179 
LEU HA   H  N N 180 
LEU HB2  H  N N 181 
LEU HB3  H  N N 182 
LEU HG   H  N N 183 
LEU HD11 H  N N 184 
LEU HD12 H  N N 185 
LEU HD13 H  N N 186 
LEU HD21 H  N N 187 
LEU HD22 H  N N 188 
LEU HD23 H  N N 189 
LEU HXT  H  N N 190 
LYS N    N  N N 191 
LYS CA   C  N S 192 
LYS C    C  N N 193 
LYS O    O  N N 194 
LYS CB   C  N N 195 
LYS CG   C  N N 196 
LYS CD   C  N N 197 
LYS CE   C  N N 198 
LYS NZ   N  N N 199 
LYS OXT  O  N N 200 
LYS H    H  N N 201 
LYS H2   H  N N 202 
LYS HA   H  N N 203 
LYS HB2  H  N N 204 
LYS HB3  H  N N 205 
LYS HG2  H  N N 206 
LYS HG3  H  N N 207 
LYS HD2  H  N N 208 
LYS HD3  H  N N 209 
LYS HE2  H  N N 210 
LYS HE3  H  N N 211 
LYS HZ1  H  N N 212 
LYS HZ2  H  N N 213 
LYS HZ3  H  N N 214 
LYS HXT  H  N N 215 
MSE N    N  N N 216 
MSE CA   C  N S 217 
MSE C    C  N N 218 
MSE O    O  N N 219 
MSE OXT  O  N N 220 
MSE CB   C  N N 221 
MSE CG   C  N N 222 
MSE SE   SE N N 223 
MSE CE   C  N N 224 
MSE H    H  N N 225 
MSE H2   H  N N 226 
MSE HA   H  N N 227 
MSE HXT  H  N N 228 
MSE HB2  H  N N 229 
MSE HB3  H  N N 230 
MSE HG2  H  N N 231 
MSE HG3  H  N N 232 
MSE HE1  H  N N 233 
MSE HE2  H  N N 234 
MSE HE3  H  N N 235 
PHE N    N  N N 236 
PHE CA   C  N S 237 
PHE C    C  N N 238 
PHE O    O  N N 239 
PHE CB   C  N N 240 
PHE CG   C  Y N 241 
PHE CD1  C  Y N 242 
PHE CD2  C  Y N 243 
PHE CE1  C  Y N 244 
PHE CE2  C  Y N 245 
PHE CZ   C  Y N 246 
PHE OXT  O  N N 247 
PHE H    H  N N 248 
PHE H2   H  N N 249 
PHE HA   H  N N 250 
PHE HB2  H  N N 251 
PHE HB3  H  N N 252 
PHE HD1  H  N N 253 
PHE HD2  H  N N 254 
PHE HE1  H  N N 255 
PHE HE2  H  N N 256 
PHE HZ   H  N N 257 
PHE HXT  H  N N 258 
PRO N    N  N N 259 
PRO CA   C  N S 260 
PRO C    C  N N 261 
PRO O    O  N N 262 
PRO CB   C  N N 263 
PRO CG   C  N N 264 
PRO CD   C  N N 265 
PRO OXT  O  N N 266 
PRO H    H  N N 267 
PRO HA   H  N N 268 
PRO HB2  H  N N 269 
PRO HB3  H  N N 270 
PRO HG2  H  N N 271 
PRO HG3  H  N N 272 
PRO HD2  H  N N 273 
PRO HD3  H  N N 274 
PRO HXT  H  N N 275 
SER N    N  N N 276 
SER CA   C  N S 277 
SER C    C  N N 278 
SER O    O  N N 279 
SER CB   C  N N 280 
SER OG   O  N N 281 
SER OXT  O  N N 282 
SER H    H  N N 283 
SER H2   H  N N 284 
SER HA   H  N N 285 
SER HB2  H  N N 286 
SER HB3  H  N N 287 
SER HG   H  N N 288 
SER HXT  H  N N 289 
THR N    N  N N 290 
THR CA   C  N S 291 
THR C    C  N N 292 
THR O    O  N N 293 
THR CB   C  N R 294 
THR OG1  O  N N 295 
THR CG2  C  N N 296 
THR OXT  O  N N 297 
THR H    H  N N 298 
THR H2   H  N N 299 
THR HA   H  N N 300 
THR HB   H  N N 301 
THR HG1  H  N N 302 
THR HG21 H  N N 303 
THR HG22 H  N N 304 
THR HG23 H  N N 305 
THR HXT  H  N N 306 
TRP N    N  N N 307 
TRP CA   C  N S 308 
TRP C    C  N N 309 
TRP O    O  N N 310 
TRP CB   C  N N 311 
TRP CG   C  Y N 312 
TRP CD1  C  Y N 313 
TRP CD2  C  Y N 314 
TRP NE1  N  Y N 315 
TRP CE2  C  Y N 316 
TRP CE3  C  Y N 317 
TRP CZ2  C  Y N 318 
TRP CZ3  C  Y N 319 
TRP CH2  C  Y N 320 
TRP OXT  O  N N 321 
TRP H    H  N N 322 
TRP H2   H  N N 323 
TRP HA   H  N N 324 
TRP HB2  H  N N 325 
TRP HB3  H  N N 326 
TRP HD1  H  N N 327 
TRP HE1  H  N N 328 
TRP HE3  H  N N 329 
TRP HZ2  H  N N 330 
TRP HZ3  H  N N 331 
TRP HH2  H  N N 332 
TRP HXT  H  N N 333 
TYR N    N  N N 334 
TYR CA   C  N S 335 
TYR C    C  N N 336 
TYR O    O  N N 337 
TYR CB   C  N N 338 
TYR CG   C  Y N 339 
TYR CD1  C  Y N 340 
TYR CD2  C  Y N 341 
TYR CE1  C  Y N 342 
TYR CE2  C  Y N 343 
TYR CZ   C  Y N 344 
TYR OH   O  N N 345 
TYR OXT  O  N N 346 
TYR H    H  N N 347 
TYR H2   H  N N 348 
TYR HA   H  N N 349 
TYR HB2  H  N N 350 
TYR HB3  H  N N 351 
TYR HD1  H  N N 352 
TYR HD2  H  N N 353 
TYR HE1  H  N N 354 
TYR HE2  H  N N 355 
TYR HH   H  N N 356 
TYR HXT  H  N N 357 
VAL N    N  N N 358 
VAL CA   C  N S 359 
VAL C    C  N N 360 
VAL O    O  N N 361 
VAL CB   C  N N 362 
VAL CG1  C  N N 363 
VAL CG2  C  N N 364 
VAL OXT  O  N N 365 
VAL H    H  N N 366 
VAL H2   H  N N 367 
VAL HA   H  N N 368 
VAL HB   H  N N 369 
VAL HG11 H  N N 370 
VAL HG12 H  N N 371 
VAL HG13 H  N N 372 
VAL HG21 H  N N 373 
VAL HG22 H  N N 374 
VAL HG23 H  N N 375 
VAL HXT  H  N N 376 
ZN  ZN   ZN N N 377 
# 
loop_
_chem_comp_bond.comp_id 
_chem_comp_bond.atom_id_1 
_chem_comp_bond.atom_id_2 
_chem_comp_bond.value_order 
_chem_comp_bond.pdbx_aromatic_flag 
_chem_comp_bond.pdbx_stereo_config 
_chem_comp_bond.pdbx_ordinal 
ALA N   CA   sing N N 1   
ALA N   H    sing N N 2   
ALA N   H2   sing N N 3   
ALA CA  C    sing N N 4   
ALA CA  CB   sing N N 5   
ALA CA  HA   sing N N 6   
ALA C   O    doub N N 7   
ALA C   OXT  sing N N 8   
ALA CB  HB1  sing N N 9   
ALA CB  HB2  sing N N 10  
ALA CB  HB3  sing N N 11  
ALA OXT HXT  sing N N 12  
ARG N   CA   sing N N 13  
ARG N   H    sing N N 14  
ARG N   H2   sing N N 15  
ARG CA  C    sing N N 16  
ARG CA  CB   sing N N 17  
ARG CA  HA   sing N N 18  
ARG C   O    doub N N 19  
ARG C   OXT  sing N N 20  
ARG CB  CG   sing N N 21  
ARG CB  HB2  sing N N 22  
ARG CB  HB3  sing N N 23  
ARG CG  CD   sing N N 24  
ARG CG  HG2  sing N N 25  
ARG CG  HG3  sing N N 26  
ARG CD  NE   sing N N 27  
ARG CD  HD2  sing N N 28  
ARG CD  HD3  sing N N 29  
ARG NE  CZ   sing N N 30  
ARG NE  HE   sing N N 31  
ARG CZ  NH1  sing N N 32  
ARG CZ  NH2  doub N N 33  
ARG NH1 HH11 sing N N 34  
ARG NH1 HH12 sing N N 35  
ARG NH2 HH21 sing N N 36  
ARG NH2 HH22 sing N N 37  
ARG OXT HXT  sing N N 38  
ASN N   CA   sing N N 39  
ASN N   H    sing N N 40  
ASN N   H2   sing N N 41  
ASN CA  C    sing N N 42  
ASN CA  CB   sing N N 43  
ASN CA  HA   sing N N 44  
ASN C   O    doub N N 45  
ASN C   OXT  sing N N 46  
ASN CB  CG   sing N N 47  
ASN CB  HB2  sing N N 48  
ASN CB  HB3  sing N N 49  
ASN CG  OD1  doub N N 50  
ASN CG  ND2  sing N N 51  
ASN ND2 HD21 sing N N 52  
ASN ND2 HD22 sing N N 53  
ASN OXT HXT  sing N N 54  
ASP N   CA   sing N N 55  
ASP N   H    sing N N 56  
ASP N   H2   sing N N 57  
ASP CA  C    sing N N 58  
ASP CA  CB   sing N N 59  
ASP CA  HA   sing N N 60  
ASP C   O    doub N N 61  
ASP C   OXT  sing N N 62  
ASP CB  CG   sing N N 63  
ASP CB  HB2  sing N N 64  
ASP CB  HB3  sing N N 65  
ASP CG  OD1  doub N N 66  
ASP CG  OD2  sing N N 67  
ASP OD2 HD2  sing N N 68  
ASP OXT HXT  sing N N 69  
GLN N   CA   sing N N 70  
GLN N   H    sing N N 71  
GLN N   H2   sing N N 72  
GLN CA  C    sing N N 73  
GLN CA  CB   sing N N 74  
GLN CA  HA   sing N N 75  
GLN C   O    doub N N 76  
GLN C   OXT  sing N N 77  
GLN CB  CG   sing N N 78  
GLN CB  HB2  sing N N 79  
GLN CB  HB3  sing N N 80  
GLN CG  CD   sing N N 81  
GLN CG  HG2  sing N N 82  
GLN CG  HG3  sing N N 83  
GLN CD  OE1  doub N N 84  
GLN CD  NE2  sing N N 85  
GLN NE2 HE21 sing N N 86  
GLN NE2 HE22 sing N N 87  
GLN OXT HXT  sing N N 88  
GLU N   CA   sing N N 89  
GLU N   H    sing N N 90  
GLU N   H2   sing N N 91  
GLU CA  C    sing N N 92  
GLU CA  CB   sing N N 93  
GLU CA  HA   sing N N 94  
GLU C   O    doub N N 95  
GLU C   OXT  sing N N 96  
GLU CB  CG   sing N N 97  
GLU CB  HB2  sing N N 98  
GLU CB  HB3  sing N N 99  
GLU CG  CD   sing N N 100 
GLU CG  HG2  sing N N 101 
GLU CG  HG3  sing N N 102 
GLU CD  OE1  doub N N 103 
GLU CD  OE2  sing N N 104 
GLU OE2 HE2  sing N N 105 
GLU OXT HXT  sing N N 106 
GLY N   CA   sing N N 107 
GLY N   H    sing N N 108 
GLY N   H2   sing N N 109 
GLY CA  C    sing N N 110 
GLY CA  HA2  sing N N 111 
GLY CA  HA3  sing N N 112 
GLY C   O    doub N N 113 
GLY C   OXT  sing N N 114 
GLY OXT HXT  sing N N 115 
HIS N   CA   sing N N 116 
HIS N   H    sing N N 117 
HIS N   H2   sing N N 118 
HIS CA  C    sing N N 119 
HIS CA  CB   sing N N 120 
HIS CA  HA   sing N N 121 
HIS C   O    doub N N 122 
HIS C   OXT  sing N N 123 
HIS CB  CG   sing N N 124 
HIS CB  HB2  sing N N 125 
HIS CB  HB3  sing N N 126 
HIS CG  ND1  sing Y N 127 
HIS CG  CD2  doub Y N 128 
HIS ND1 CE1  doub Y N 129 
HIS ND1 HD1  sing N N 130 
HIS CD2 NE2  sing Y N 131 
HIS CD2 HD2  sing N N 132 
HIS CE1 NE2  sing Y N 133 
HIS CE1 HE1  sing N N 134 
HIS NE2 HE2  sing N N 135 
HIS OXT HXT  sing N N 136 
HOH O   H1   sing N N 137 
HOH O   H2   sing N N 138 
ILE N   CA   sing N N 139 
ILE N   H    sing N N 140 
ILE N   H2   sing N N 141 
ILE CA  C    sing N N 142 
ILE CA  CB   sing N N 143 
ILE CA  HA   sing N N 144 
ILE C   O    doub N N 145 
ILE C   OXT  sing N N 146 
ILE CB  CG1  sing N N 147 
ILE CB  CG2  sing N N 148 
ILE CB  HB   sing N N 149 
ILE CG1 CD1  sing N N 150 
ILE CG1 HG12 sing N N 151 
ILE CG1 HG13 sing N N 152 
ILE CG2 HG21 sing N N 153 
ILE CG2 HG22 sing N N 154 
ILE CG2 HG23 sing N N 155 
ILE CD1 HD11 sing N N 156 
ILE CD1 HD12 sing N N 157 
ILE CD1 HD13 sing N N 158 
ILE OXT HXT  sing N N 159 
LEU N   CA   sing N N 160 
LEU N   H    sing N N 161 
LEU N   H2   sing N N 162 
LEU CA  C    sing N N 163 
LEU CA  CB   sing N N 164 
LEU CA  HA   sing N N 165 
LEU C   O    doub N N 166 
LEU C   OXT  sing N N 167 
LEU CB  CG   sing N N 168 
LEU CB  HB2  sing N N 169 
LEU CB  HB3  sing N N 170 
LEU CG  CD1  sing N N 171 
LEU CG  CD2  sing N N 172 
LEU CG  HG   sing N N 173 
LEU CD1 HD11 sing N N 174 
LEU CD1 HD12 sing N N 175 
LEU CD1 HD13 sing N N 176 
LEU CD2 HD21 sing N N 177 
LEU CD2 HD22 sing N N 178 
LEU CD2 HD23 sing N N 179 
LEU OXT HXT  sing N N 180 
LYS N   CA   sing N N 181 
LYS N   H    sing N N 182 
LYS N   H2   sing N N 183 
LYS CA  C    sing N N 184 
LYS CA  CB   sing N N 185 
LYS CA  HA   sing N N 186 
LYS C   O    doub N N 187 
LYS C   OXT  sing N N 188 
LYS CB  CG   sing N N 189 
LYS CB  HB2  sing N N 190 
LYS CB  HB3  sing N N 191 
LYS CG  CD   sing N N 192 
LYS CG  HG2  sing N N 193 
LYS CG  HG3  sing N N 194 
LYS CD  CE   sing N N 195 
LYS CD  HD2  sing N N 196 
LYS CD  HD3  sing N N 197 
LYS CE  NZ   sing N N 198 
LYS CE  HE2  sing N N 199 
LYS CE  HE3  sing N N 200 
LYS NZ  HZ1  sing N N 201 
LYS NZ  HZ2  sing N N 202 
LYS NZ  HZ3  sing N N 203 
LYS OXT HXT  sing N N 204 
MSE N   CA   sing N N 205 
MSE N   H    sing N N 206 
MSE N   H2   sing N N 207 
MSE CA  C    sing N N 208 
MSE CA  CB   sing N N 209 
MSE CA  HA   sing N N 210 
MSE C   O    doub N N 211 
MSE C   OXT  sing N N 212 
MSE OXT HXT  sing N N 213 
MSE CB  CG   sing N N 214 
MSE CB  HB2  sing N N 215 
MSE CB  HB3  sing N N 216 
MSE CG  SE   sing N N 217 
MSE CG  HG2  sing N N 218 
MSE CG  HG3  sing N N 219 
MSE SE  CE   sing N N 220 
MSE CE  HE1  sing N N 221 
MSE CE  HE2  sing N N 222 
MSE CE  HE3  sing N N 223 
PHE N   CA   sing N N 224 
PHE N   H    sing N N 225 
PHE N   H2   sing N N 226 
PHE CA  C    sing N N 227 
PHE CA  CB   sing N N 228 
PHE CA  HA   sing N N 229 
PHE C   O    doub N N 230 
PHE C   OXT  sing N N 231 
PHE CB  CG   sing N N 232 
PHE CB  HB2  sing N N 233 
PHE CB  HB3  sing N N 234 
PHE CG  CD1  doub Y N 235 
PHE CG  CD2  sing Y N 236 
PHE CD1 CE1  sing Y N 237 
PHE CD1 HD1  sing N N 238 
PHE CD2 CE2  doub Y N 239 
PHE CD2 HD2  sing N N 240 
PHE CE1 CZ   doub Y N 241 
PHE CE1 HE1  sing N N 242 
PHE CE2 CZ   sing Y N 243 
PHE CE2 HE2  sing N N 244 
PHE CZ  HZ   sing N N 245 
PHE OXT HXT  sing N N 246 
PRO N   CA   sing N N 247 
PRO N   CD   sing N N 248 
PRO N   H    sing N N 249 
PRO CA  C    sing N N 250 
PRO CA  CB   sing N N 251 
PRO CA  HA   sing N N 252 
PRO C   O    doub N N 253 
PRO C   OXT  sing N N 254 
PRO CB  CG   sing N N 255 
PRO CB  HB2  sing N N 256 
PRO CB  HB3  sing N N 257 
PRO CG  CD   sing N N 258 
PRO CG  HG2  sing N N 259 
PRO CG  HG3  sing N N 260 
PRO CD  HD2  sing N N 261 
PRO CD  HD3  sing N N 262 
PRO OXT HXT  sing N N 263 
SER N   CA   sing N N 264 
SER N   H    sing N N 265 
SER N   H2   sing N N 266 
SER CA  C    sing N N 267 
SER CA  CB   sing N N 268 
SER CA  HA   sing N N 269 
SER C   O    doub N N 270 
SER C   OXT  sing N N 271 
SER CB  OG   sing N N 272 
SER CB  HB2  sing N N 273 
SER CB  HB3  sing N N 274 
SER OG  HG   sing N N 275 
SER OXT HXT  sing N N 276 
THR N   CA   sing N N 277 
THR N   H    sing N N 278 
THR N   H2   sing N N 279 
THR CA  C    sing N N 280 
THR CA  CB   sing N N 281 
THR CA  HA   sing N N 282 
THR C   O    doub N N 283 
THR C   OXT  sing N N 284 
THR CB  OG1  sing N N 285 
THR CB  CG2  sing N N 286 
THR CB  HB   sing N N 287 
THR OG1 HG1  sing N N 288 
THR CG2 HG21 sing N N 289 
THR CG2 HG22 sing N N 290 
THR CG2 HG23 sing N N 291 
THR OXT HXT  sing N N 292 
TRP N   CA   sing N N 293 
TRP N   H    sing N N 294 
TRP N   H2   sing N N 295 
TRP CA  C    sing N N 296 
TRP CA  CB   sing N N 297 
TRP CA  HA   sing N N 298 
TRP C   O    doub N N 299 
TRP C   OXT  sing N N 300 
TRP CB  CG   sing N N 301 
TRP CB  HB2  sing N N 302 
TRP CB  HB3  sing N N 303 
TRP CG  CD1  doub Y N 304 
TRP CG  CD2  sing Y N 305 
TRP CD1 NE1  sing Y N 306 
TRP CD1 HD1  sing N N 307 
TRP CD2 CE2  doub Y N 308 
TRP CD2 CE3  sing Y N 309 
TRP NE1 CE2  sing Y N 310 
TRP NE1 HE1  sing N N 311 
TRP CE2 CZ2  sing Y N 312 
TRP CE3 CZ3  doub Y N 313 
TRP CE3 HE3  sing N N 314 
TRP CZ2 CH2  doub Y N 315 
TRP CZ2 HZ2  sing N N 316 
TRP CZ3 CH2  sing Y N 317 
TRP CZ3 HZ3  sing N N 318 
TRP CH2 HH2  sing N N 319 
TRP OXT HXT  sing N N 320 
TYR N   CA   sing N N 321 
TYR N   H    sing N N 322 
TYR N   H2   sing N N 323 
TYR CA  C    sing N N 324 
TYR CA  CB   sing N N 325 
TYR CA  HA   sing N N 326 
TYR C   O    doub N N 327 
TYR C   OXT  sing N N 328 
TYR CB  CG   sing N N 329 
TYR CB  HB2  sing N N 330 
TYR CB  HB3  sing N N 331 
TYR CG  CD1  doub Y N 332 
TYR CG  CD2  sing Y N 333 
TYR CD1 CE1  sing Y N 334 
TYR CD1 HD1  sing N N 335 
TYR CD2 CE2  doub Y N 336 
TYR CD2 HD2  sing N N 337 
TYR CE1 CZ   doub Y N 338 
TYR CE1 HE1  sing N N 339 
TYR CE2 CZ   sing Y N 340 
TYR CE2 HE2  sing N N 341 
TYR CZ  OH   sing N N 342 
TYR OH  HH   sing N N 343 
TYR OXT HXT  sing N N 344 
VAL N   CA   sing N N 345 
VAL N   H    sing N N 346 
VAL N   H2   sing N N 347 
VAL CA  C    sing N N 348 
VAL CA  CB   sing N N 349 
VAL CA  HA   sing N N 350 
VAL C   O    doub N N 351 
VAL C   OXT  sing N N 352 
VAL CB  CG1  sing N N 353 
VAL CB  CG2  sing N N 354 
VAL CB  HB   sing N N 355 
VAL CG1 HG11 sing N N 356 
VAL CG1 HG12 sing N N 357 
VAL CG1 HG13 sing N N 358 
VAL CG2 HG21 sing N N 359 
VAL CG2 HG22 sing N N 360 
VAL CG2 HG23 sing N N 361 
VAL OXT HXT  sing N N 362 
# 
_atom_sites.entry_id                    2ZC2 
_atom_sites.fract_transf_matrix[1][1]   0.01176510 
_atom_sites.fract_transf_matrix[1][2]   -0.00267141 
_atom_sites.fract_transf_matrix[1][3]   0.00206484 
_atom_sites.fract_transf_matrix[2][1]   -0.00336678 
_atom_sites.fract_transf_matrix[2][2]   -0.00871763 
_atom_sites.fract_transf_matrix[2][3]   0.00790476 
_atom_sites.fract_transf_matrix[3][1]   -0.00039649 
_atom_sites.fract_transf_matrix[3][2]   -0.01271672 
_atom_sites.fract_transf_matrix[3][3]   -0.01419329 
_atom_sites.fract_transf_vector[1]      0.218419 
_atom_sites.fract_transf_vector[2]      0.186090 
_atom_sites.fract_transf_vector[3]      0.245223 
# 
loop_
_atom_type.symbol 
C  
N  
O  
SE 
ZN 
# 
loop_
_atom_site.group_PDB 
_atom_site.id 
_atom_site.type_symbol 
_atom_site.label_atom_id 
_atom_site.label_alt_id 
_atom_site.label_comp_id 
_atom_site.label_asym_id 
_atom_site.label_entity_id 
_atom_site.label_seq_id 
_atom_site.pdbx_PDB_ins_code 
_atom_site.Cartn_x 
_atom_site.Cartn_y 
_atom_site.Cartn_z 
_atom_site.occupancy 
_atom_site.B_iso_or_equiv 
_atom_site.pdbx_formal_charge 
_atom_site.auth_seq_id 
_atom_site.auth_comp_id 
_atom_site.auth_asym_id 
_atom_site.auth_atom_id 
_atom_site.pdbx_PDB_model_num 
ATOM   1    N  N   . ASN A 1 4  ? -16.694 11.550  5.080   1.00 38.24 ? 125 ASN A N   1 
ATOM   2    C  CA  . ASN A 1 4  ? -16.174 10.402  5.882   1.00 37.57 ? 125 ASN A CA  1 
ATOM   3    C  C   . ASN A 1 4  ? -14.832 10.124  5.230   1.00 36.08 ? 125 ASN A C   1 
ATOM   4    O  O   . ASN A 1 4  ? -14.793 9.839   4.024   1.00 36.30 ? 125 ASN A O   1 
ATOM   5    C  CB  . ASN A 1 4  ? -17.170 9.225   5.740   1.00 38.71 ? 125 ASN A CB  1 
ATOM   6    C  CG  . ASN A 1 4  ? -16.774 7.972   6.545   1.00 40.60 ? 125 ASN A CG  1 
ATOM   7    O  OD1 . ASN A 1 4  ? -15.686 7.428   6.403   1.00 38.29 ? 125 ASN A OD1 1 
ATOM   8    N  ND2 . ASN A 1 4  ? -17.702 7.489   7.350   1.00 41.51 ? 125 ASN A ND2 1 
ATOM   9    N  N   . ALA A 1 5  ? -13.735 10.249  5.983   1.00 33.96 ? 126 ALA A N   1 
ATOM   10   C  CA  . ALA A 1 5  ? -12.410 10.060  5.392   1.00 31.97 ? 126 ALA A CA  1 
ATOM   11   C  C   . ALA A 1 5  ? -12.228 8.656   4.841   1.00 29.86 ? 126 ALA A C   1 
ATOM   12   O  O   . ALA A 1 5  ? -11.700 8.503   3.743   1.00 29.52 ? 126 ALA A O   1 
ATOM   13   C  CB  . ALA A 1 5  ? -11.293 10.399  6.355   1.00 32.24 ? 126 ALA A CB  1 
ATOM   14   N  N   . LEU A 1 6  ? -12.661 7.662   5.611   1.00 27.32 ? 127 LEU A N   1 
ATOM   15   C  CA  . LEU A 1 6  ? -12.603 6.253   5.218   1.00 26.86 ? 127 LEU A CA  1 
ATOM   16   C  C   . LEU A 1 6  ? -13.299 5.977   3.871   1.00 26.09 ? 127 LEU A C   1 
ATOM   17   O  O   . LEU A 1 6  ? -12.682 5.519   2.928   1.00 24.91 ? 127 LEU A O   1 
ATOM   18   C  CB  . LEU A 1 6  ? -13.156 5.351   6.330   1.00 26.82 ? 127 LEU A CB  1 
ATOM   19   C  CG  . LEU A 1 6  ? -12.966 3.839   6.112   1.00 24.33 ? 127 LEU A CG  1 
ATOM   20   C  CD1 . LEU A 1 6  ? -11.473 3.519   6.121   1.00 22.42 ? 127 LEU A CD1 1 
ATOM   21   C  CD2 . LEU A 1 6  ? -13.679 3.063   7.170   1.00 23.46 ? 127 LEU A CD2 1 
ATOM   22   N  N   . VAL A 1 7  ? -14.572 6.317   3.765   1.00 25.65 ? 128 VAL A N   1 
ATOM   23   C  CA  . VAL A 1 7  ? -15.304 6.233   2.497   1.00 24.65 ? 128 VAL A CA  1 
ATOM   24   C  C   . VAL A 1 7  ? -14.464 6.946   1.420   1.00 25.00 ? 128 VAL A C   1 
ATOM   25   O  O   . VAL A 1 7  ? -14.260 6.447   0.328   1.00 25.44 ? 128 VAL A O   1 
ATOM   26   C  CB  . VAL A 1 7  ? -16.712 6.889   2.662   1.00 24.95 ? 128 VAL A CB  1 
ATOM   27   C  CG1 . VAL A 1 7  ? -17.374 7.187   1.342   1.00 27.16 ? 128 VAL A CG1 1 
ATOM   28   C  CG2 . VAL A 1 7  ? -17.639 6.098   3.596   1.00 23.07 ? 128 VAL A CG2 1 
ATOM   29   N  N   . GLU A 1 8  ? -13.952 8.126   1.736   1.00 24.95 ? 129 GLU A N   1 
ATOM   30   C  CA  . GLU A 1 8  ? -13.176 8.896   0.782   1.00 25.98 ? 129 GLU A CA  1 
ATOM   31   C  C   . GLU A 1 8  ? -11.888 8.162   0.344   1.00 23.53 ? 129 GLU A C   1 
ATOM   32   O  O   . GLU A 1 8  ? -11.544 8.199   -0.838  1.00 23.50 ? 129 GLU A O   1 
ATOM   33   C  CB  . GLU A 1 8  ? -12.899 10.264  1.409   1.00 27.48 ? 129 GLU A CB  1 
ATOM   34   C  CG  . GLU A 1 8  ? -11.669 11.024  0.971   1.00 31.31 ? 129 GLU A CG  1 
ATOM   35   C  CD  . GLU A 1 8  ? -11.398 12.224  1.926   1.00 33.43 ? 129 GLU A CD  1 
ATOM   36   O  OE1 . GLU A 1 8  ? -12.351 13.020  2.162   1.00 37.55 ? 129 GLU A OE1 1 
ATOM   37   O  OE2 . GLU A 1 8  ? -10.237 12.359  2.441   1.00 41.80 ? 129 GLU A OE2 1 
ATOM   38   N  N   . ASP A 1 9  ? -11.218 7.479   1.281   1.00 21.29 ? 130 ASP A N   1 
ATOM   39   C  CA  . ASP A 1 9  ? -10.088 6.582   0.949   1.00 20.80 ? 130 ASP A CA  1 
ATOM   40   C  C   . ASP A 1 9  ? -10.532 5.498   -0.058  1.00 19.86 ? 130 ASP A C   1 
ATOM   41   O  O   . ASP A 1 9  ? -9.944  5.341   -1.115  1.00 19.96 ? 130 ASP A O   1 
ATOM   42   C  CB  . ASP A 1 9  ? -9.505  5.985   2.233   1.00 20.24 ? 130 ASP A CB  1 
ATOM   43   C  CG  . ASP A 1 9  ? -8.692  7.018   3.012   1.00 23.63 ? 130 ASP A CG  1 
ATOM   44   O  OD1 . ASP A 1 9  ? -8.330  8.018   2.364   1.00 26.22 ? 130 ASP A OD1 1 
ATOM   45   O  OD2 . ASP A 1 9  ? -8.457  6.884   4.235   1.00 27.95 ? 130 ASP A OD2 1 
ATOM   46   N  N   . PHE A 1 10 ? -11.608 4.789   0.280   1.00 18.00 ? 131 PHE A N   1 
ATOM   47   C  CA  . PHE A 1 10 ? -12.159 3.755   -0.576  1.00 16.81 ? 131 PHE A CA  1 
ATOM   48   C  C   . PHE A 1 10 ? -12.463 4.227   -1.970  1.00 17.93 ? 131 PHE A C   1 
ATOM   49   O  O   . PHE A 1 10 ? -12.099 3.582   -2.929  1.00 14.72 ? 131 PHE A O   1 
ATOM   50   C  CB  . PHE A 1 10 ? -13.409 3.170   0.076   1.00 16.84 ? 131 PHE A CB  1 
ATOM   51   C  CG  . PHE A 1 10 ? -13.112 1.978   0.985   1.00 15.86 ? 131 PHE A CG  1 
ATOM   52   C  CD1 . PHE A 1 10 ? -12.649 2.170   2.250   1.00 14.94 ? 131 PHE A CD1 1 
ATOM   53   C  CD2 . PHE A 1 10 ? -13.261 0.683   0.520   1.00 13.68 ? 131 PHE A CD2 1 
ATOM   54   C  CE1 . PHE A 1 10 ? -12.340 1.098   3.073   1.00 16.14 ? 131 PHE A CE1 1 
ATOM   55   C  CE2 . PHE A 1 10 ? -12.984 -0.397  1.303   1.00 14.93 ? 131 PHE A CE2 1 
ATOM   56   C  CZ  . PHE A 1 10 ? -12.528 -0.195  2.609   1.00 17.09 ? 131 PHE A CZ  1 
ATOM   57   N  N   . GLU A 1 11 ? -13.136 5.379   -2.090  1.00 19.65 ? 132 GLU A N   1 
ATOM   58   C  CA  . GLU A 1 11 ? -13.581 5.854   -3.394  1.00 20.63 ? 132 GLU A CA  1 
ATOM   59   C  C   . GLU A 1 11 ? -12.431 6.306   -4.204  1.00 20.99 ? 132 GLU A C   1 
ATOM   60   O  O   . GLU A 1 11 ? -12.372 6.041   -5.397  1.00 20.82 ? 132 GLU A O   1 
ATOM   61   C  CB  . GLU A 1 11 ? -14.604 6.967   -3.202  1.00 22.32 ? 132 GLU A CB  1 
ATOM   62   C  CG  . GLU A 1 11 ? -15.884 6.388   -2.661  1.00 25.74 ? 132 GLU A CG  1 
ATOM   63   C  CD  . GLU A 1 11 ? -17.015 7.421   -2.451  1.00 31.95 ? 132 GLU A CD  1 
ATOM   64   O  OE1 . GLU A 1 11 ? -16.722 8.621   -2.194  1.00 33.50 ? 132 GLU A OE1 1 
ATOM   65   O  OE2 . GLU A 1 11 ? -18.191 6.989   -2.500  1.00 32.26 ? 132 GLU A OE2 1 
ATOM   66   N  N   . ARG A 1 12 ? -11.416 6.893   -3.557  1.00 21.91 ? 133 ARG A N   1 
ATOM   67   C  CA  . ARG A 1 12 ? -10.240 7.327   -4.343  1.00 21.99 ? 133 ARG A CA  1 
ATOM   68   C  C   . ARG A 1 12 ? -9.495  6.117   -4.881  1.00 22.24 ? 133 ARG A C   1 
ATOM   69   O  O   . ARG A 1 12 ? -9.095  6.098   -6.036  1.00 22.12 ? 133 ARG A O   1 
ATOM   70   C  CB  . ARG A 1 12 ? -9.298  8.148   -3.475  1.00 22.36 ? 133 ARG A CB  1 
ATOM   71   C  CG  . ARG A 1 12 ? -7.968  8.543   -4.140  1.00 24.46 ? 133 ARG A CG  1 
ATOM   72   C  CD  . ARG A 1 12 ? -6.944  9.054   -3.091  1.00 23.08 ? 133 ARG A CD  1 
ATOM   73   N  NE  . ARG A 1 12 ? -6.509  7.957   -2.242  1.00 23.22 ? 133 ARG A NE  1 
ATOM   74   C  CZ  . ARG A 1 12 ? -6.694  7.920   -0.931  1.00 25.19 ? 133 ARG A CZ  1 
ATOM   75   N  NH1 . ARG A 1 12 ? -7.253  8.940   -0.303  1.00 22.60 ? 133 ARG A NH1 1 
ATOM   76   N  NH2 . ARG A 1 12 ? -6.303  6.866   -0.243  1.00 26.99 ? 133 ARG A NH2 1 
ATOM   77   N  N   . GLU A 1 13 ? -9.267  5.093   -4.041  1.00 21.37 ? 134 GLU A N   1 
ATOM   78   C  CA  . GLU A 1 13 ? -8.495  3.933   -4.517  1.00 20.00 ? 134 GLU A CA  1 
ATOM   79   C  C   . GLU A 1 13 ? -9.286  3.118   -5.490  1.00 21.65 ? 134 GLU A C   1 
ATOM   80   O  O   . GLU A 1 13 ? -8.706  2.522   -6.441  1.00 19.86 ? 134 GLU A O   1 
ATOM   81   C  CB  . GLU A 1 13 ? -8.041  3.009   -3.370  1.00 20.10 ? 134 GLU A CB  1 
ATOM   82   C  CG  . GLU A 1 13 ? -7.063  3.646   -2.325  1.00 17.30 ? 134 GLU A CG  1 
ATOM   83   C  CD  . GLU A 1 13 ? -5.832  4.279   -2.983  1.00 19.93 ? 134 GLU A CD  1 
ATOM   84   O  OE1 . GLU A 1 13 ? -5.445  3.881   -4.132  1.00 17.23 ? 134 GLU A OE1 1 
ATOM   85   O  OE2 . GLU A 1 13 ? -5.220  5.113   -2.309  1.00 20.56 ? 134 GLU A OE2 1 
ATOM   86   N  N   . LEU A 1 14 ? -10.598 3.004   -5.221  1.00 21.52 ? 135 LEU A N   1 
ATOM   87   C  CA  . LEU A 1 14 ? -11.472 2.214   -6.123  1.00 22.89 ? 135 LEU A CA  1 
ATOM   88   C  C   . LEU A 1 14 ? -11.753 3.018   -7.401  1.00 24.24 ? 135 LEU A C   1 
ATOM   89   O  O   . LEU A 1 14 ? -12.170 2.475   -8.407  1.00 24.90 ? 135 LEU A O   1 
ATOM   90   C  CB  . LEU A 1 14 ? -12.781 1.739   -5.405  1.00 21.28 ? 135 LEU A CB  1 
ATOM   91   C  CG  . LEU A 1 14 ? -12.617 0.613   -4.333  1.00 21.95 ? 135 LEU A CG  1 
ATOM   92   C  CD1 . LEU A 1 14 ? -13.923 0.156   -3.626  1.00 20.16 ? 135 LEU A CD1 1 
ATOM   93   C  CD2 . LEU A 1 14 ? -11.996 -0.620  -4.939  1.00 16.34 ? 135 LEU A CD2 1 
ATOM   94   N  N   . GLY A 1 15 ? -11.476 4.325   -7.378  1.00 25.60 ? 136 GLY A N   1 
ATOM   95   C  CA  . GLY A 1 15 ? -11.837 5.181   -8.509  1.00 27.57 ? 136 GLY A CA  1 
ATOM   96   C  C   . GLY A 1 15 ? -13.341 5.210   -8.841  1.00 29.18 ? 136 GLY A C   1 
ATOM   97   O  O   . GLY A 1 15 ? -13.715 5.257   -9.998  1.00 29.61 ? 136 GLY A O   1 
ATOM   98   N  N   . ARG A 1 16 ? -14.196 5.173   -7.835  1.00 29.77 ? 137 ARG A N   1 
ATOM   99   C  CA  . ARG A 1 16 ? -15.631 5.164   -8.078  1.00 30.91 ? 137 ARG A CA  1 
ATOM   100  C  C   . ARG A 1 16 ? -16.301 5.381   -6.756  1.00 31.63 ? 137 ARG A C   1 
ATOM   101  O  O   . ARG A 1 16 ? -15.689 5.201   -5.705  1.00 31.14 ? 137 ARG A O   1 
ATOM   102  C  CB  . ARG A 1 16 ? -16.096 3.816   -8.678  1.00 32.05 ? 137 ARG A CB  1 
ATOM   103  C  CG  . ARG A 1 16 ? -15.930 2.602   -7.714  1.00 30.10 ? 137 ARG A CG  1 
ATOM   104  C  CD  . ARG A 1 16 ? -16.249 1.258   -8.413  1.00 29.11 ? 137 ARG A CD  1 
ATOM   105  N  NE  . ARG A 1 16 ? -16.142 0.091   -7.523  1.00 27.96 ? 137 ARG A NE  1 
ATOM   106  C  CZ  . ARG A 1 16 ? -16.933 -0.102  -6.459  1.00 26.43 ? 137 ARG A CZ  1 
ATOM   107  N  NH1 . ARG A 1 16 ? -17.874 0.791   -6.148  1.00 22.04 ? 137 ARG A NH1 1 
ATOM   108  N  NH2 . ARG A 1 16 ? -16.808 -1.187  -5.721  1.00 25.86 ? 137 ARG A NH2 1 
HETATM 109  N  N   . MSE A 1 17 ? -17.575 5.747   -6.803  1.00 32.77 ? 138 MSE A N   1 
HETATM 110  C  CA  A MSE A 1 17 ? -18.347 5.939   -5.593  0.50 34.45 ? 138 MSE A CA  1 
HETATM 111  C  CA  B MSE A 1 17 ? -18.323 5.951   -5.584  0.50 32.85 ? 138 MSE A CA  1 
HETATM 112  C  C   . MSE A 1 17 ? -18.720 4.593   -4.993  1.00 31.87 ? 138 MSE A C   1 
HETATM 113  O  O   . MSE A 1 17 ? -18.912 3.624   -5.723  1.00 31.58 ? 138 MSE A O   1 
HETATM 114  C  CB  A MSE A 1 17 ? -19.625 6.721   -5.898  0.50 34.30 ? 138 MSE A CB  1 
HETATM 115  C  CB  B MSE A 1 17 ? -19.561 6.828   -5.849  0.50 34.48 ? 138 MSE A CB  1 
HETATM 116  C  CG  A MSE A 1 17 ? -19.411 8.205   -6.073  0.50 36.82 ? 138 MSE A CG  1 
HETATM 117  C  CG  B MSE A 1 17 ? -19.255 8.144   -6.587  0.50 39.73 ? 138 MSE A CG  1 
HETATM 118  SE SE  A MSE A 1 17 ? -21.050 9.119   -6.577  0.50 44.55 ? 138 MSE A SE  1 
HETATM 119  SE SE  B MSE A 1 17 ? -18.146 9.412   -5.581  0.50 56.21 ? 138 MSE A SE  1 
HETATM 120  C  CE  A MSE A 1 17 ? -22.353 8.204   -5.414  0.50 35.35 ? 138 MSE A CE  1 
HETATM 121  C  CE  B MSE A 1 17 ? -19.404 9.828   -4.130  0.50 50.98 ? 138 MSE A CE  1 
ATOM   122  N  N   . LEU A 1 18 ? -18.839 4.530   -3.671  1.00 29.08 ? 139 LEU A N   1 
ATOM   123  C  CA  . LEU A 1 18 ? -19.384 3.325   -3.090  1.00 27.69 ? 139 LEU A CA  1 
ATOM   124  C  C   . LEU A 1 18 ? -20.882 3.249   -3.365  1.00 27.75 ? 139 LEU A C   1 
ATOM   125  O  O   . LEU A 1 18 ? -21.579 4.258   -3.310  1.00 27.54 ? 139 LEU A O   1 
ATOM   126  C  CB  . LEU A 1 18 ? -19.111 3.251   -1.589  1.00 26.04 ? 139 LEU A CB  1 
ATOM   127  C  CG  . LEU A 1 18 ? -17.608 3.292   -1.239  1.00 23.62 ? 139 LEU A CG  1 
ATOM   128  C  CD1 . LEU A 1 18 ? -17.376 2.953   0.210   1.00 20.52 ? 139 LEU A CD1 1 
ATOM   129  C  CD2 . LEU A 1 18 ? -16.796 2.373   -2.198  1.00 21.67 ? 139 LEU A CD2 1 
ATOM   130  N  N   . SER A 1 19 ? -21.355 2.043   -3.648  1.00 26.17 ? 140 SER A N   1 
ATOM   131  C  CA  . SER A 1 19 ? -22.778 1.758   -3.736  1.00 24.52 ? 140 SER A CA  1 
ATOM   132  C  C   . SER A 1 19 ? -23.434 1.871   -2.325  1.00 24.39 ? 140 SER A C   1 
ATOM   133  O  O   . SER A 1 19 ? -22.745 1.723   -1.302  1.00 23.75 ? 140 SER A O   1 
ATOM   134  C  CB  . SER A 1 19 ? -22.892 0.316   -4.239  1.00 21.92 ? 140 SER A CB  1 
ATOM   135  O  OG  . SER A 1 19 ? -22.885 -0.541  -3.085  1.00 18.48 ? 140 SER A OG  1 
ATOM   136  N  N   . PRO A 1 20 ? -24.795 2.065   -2.249  1.00 25.15 ? 141 PRO A N   1 
ATOM   137  C  CA  . PRO A 1 20 ? -25.478 1.966   -0.950  1.00 24.68 ? 141 PRO A CA  1 
ATOM   138  C  C   . PRO A 1 20 ? -25.157 0.728   -0.159  1.00 23.94 ? 141 PRO A C   1 
ATOM   139  O  O   . PRO A 1 20 ? -25.006 0.811   1.090   1.00 24.36 ? 141 PRO A O   1 
ATOM   140  C  CB  . PRO A 1 20 ? -26.953 1.975   -1.334  1.00 25.62 ? 141 PRO A CB  1 
ATOM   141  C  CG  . PRO A 1 20 ? -26.953 2.846   -2.563  1.00 26.55 ? 141 PRO A CG  1 
ATOM   142  C  CD  . PRO A 1 20 ? -25.731 2.462   -3.317  1.00 24.62 ? 141 PRO A CD  1 
ATOM   143  N  N   . PHE A 1 21 ? -25.084 -0.437  -0.847  1.00 22.53 ? 142 PHE A N   1 
ATOM   144  C  CA  . PHE A 1 21 ? -24.780 -1.671  -0.191  1.00 19.45 ? 142 PHE A CA  1 
ATOM   145  C  C   . PHE A 1 21 ? -23.365 -1.675  0.420   1.00 19.30 ? 142 PHE A C   1 
ATOM   146  O  O   . PHE A 1 21 ? -23.139 -2.155  1.543   1.00 19.44 ? 142 PHE A O   1 
ATOM   147  C  CB  . PHE A 1 21 ? -25.026 -2.880  -1.114  1.00 21.94 ? 142 PHE A CB  1 
ATOM   148  C  CG  . PHE A 1 21 ? -26.517 -3.186  -1.375  1.00 19.87 ? 142 PHE A CG  1 
ATOM   149  C  CD1 . PHE A 1 21 ? -27.308 -3.795  -0.390  1.00 26.72 ? 142 PHE A CD1 1 
ATOM   150  C  CD2 . PHE A 1 21 ? -27.103 -2.863  -2.591  1.00 23.94 ? 142 PHE A CD2 1 
ATOM   151  C  CE1 . PHE A 1 21 ? -28.703 -4.088  -0.610  1.00 25.01 ? 142 PHE A CE1 1 
ATOM   152  C  CE2 . PHE A 1 21 ? -28.465 -3.153  -2.854  1.00 24.06 ? 142 PHE A CE2 1 
ATOM   153  C  CZ  . PHE A 1 21 ? -29.271 -3.771  -1.862  1.00 25.11 ? 142 PHE A CZ  1 
ATOM   154  N  N   . GLU A 1 22 ? -22.403 -1.137  -0.303  1.00 19.59 ? 143 GLU A N   1 
ATOM   155  C  CA  . GLU A 1 22 ? -21.006 -1.048  0.211   1.00 19.37 ? 143 GLU A CA  1 
ATOM   156  C  C   . GLU A 1 22 ? -20.946 -0.036  1.349   1.00 20.16 ? 143 GLU A C   1 
ATOM   157  O  O   . GLU A 1 22 ? -20.332 -0.309  2.388   1.00 21.60 ? 143 GLU A O   1 
ATOM   158  C  CB  . GLU A 1 22 ? -20.054 -0.656  -0.928  1.00 18.35 ? 143 GLU A CB  1 
ATOM   159  C  CG  . GLU A 1 22 ? -19.995 -1.760  -2.019  1.00 18.74 ? 143 GLU A CG  1 
ATOM   160  C  CD  . GLU A 1 22 ? -19.239 -1.354  -3.231  1.00 23.52 ? 143 GLU A CD  1 
ATOM   161  O  OE1 . GLU A 1 22 ? -19.150 -0.151  -3.470  1.00 20.65 ? 143 GLU A OE1 1 
ATOM   162  O  OE2 . GLU A 1 22 ? -18.703 -2.244  -3.938  1.00 25.39 ? 143 GLU A OE2 1 
ATOM   163  N  N   . LEU A 1 23 ? -21.604 1.125   1.185   1.00 21.06 ? 144 LEU A N   1 
ATOM   164  C  CA  . LEU A 1 23 ? -21.666 2.113   2.270   1.00 22.14 ? 144 LEU A CA  1 
ATOM   165  C  C   . LEU A 1 23 ? -22.217 1.476   3.507   1.00 22.37 ? 144 LEU A C   1 
ATOM   166  O  O   . LEU A 1 23 ? -21.638 1.620   4.560   1.00 21.48 ? 144 LEU A O   1 
ATOM   167  C  CB  . LEU A 1 23 ? -22.495 3.361   1.880   1.00 22.68 ? 144 LEU A CB  1 
ATOM   168  C  CG  . LEU A 1 23 ? -21.715 4.347   1.019   1.00 24.57 ? 144 LEU A CG  1 
ATOM   169  C  CD1 . LEU A 1 23 ? -22.644 5.239   0.184   1.00 27.57 ? 144 LEU A CD1 1 
ATOM   170  C  CD2 . LEU A 1 23 ? -20.803 5.183   1.884   1.00 24.89 ? 144 LEU A CD2 1 
ATOM   171  N  N   . GLU A 1 24 ? -23.305 0.701   3.350   1.00 22.74 ? 145 GLU A N   1 
ATOM   172  C  CA  . GLU A 1 24 ? -23.955 0.020   4.471   1.00 24.10 ? 145 GLU A CA  1 
ATOM   173  C  C   . GLU A 1 24 ? -23.087 -1.087  5.054   1.00 23.01 ? 145 GLU A C   1 
ATOM   174  O  O   . GLU A 1 24 ? -23.000 -1.296  6.267   1.00 23.18 ? 145 GLU A O   1 
ATOM   175  C  CB  . GLU A 1 24 ? -25.330 -0.537  4.009   1.00 25.56 ? 145 GLU A CB  1 
ATOM   176  C  CG  . GLU A 1 24 ? -25.604 -1.997  4.518   1.00 33.62 ? 145 GLU A CG  1 
ATOM   177  C  CD  . GLU A 1 24 ? -26.080 -2.997  3.396   1.00 40.64 ? 145 GLU A CD  1 
ATOM   178  O  OE1 . GLU A 1 24 ? -25.219 -3.724  2.772   1.00 37.66 ? 145 GLU A OE1 1 
ATOM   179  O  OE2 . GLU A 1 24 ? -27.333 -3.034  3.168   1.00 41.62 ? 145 GLU A OE2 1 
ATOM   180  N  N   . ASP A 1 25 ? -22.399 -1.815  4.182   1.00 23.18 ? 146 ASP A N   1 
ATOM   181  C  CA  . ASP A 1 25 ? -21.452 -2.833  4.642   1.00 22.71 ? 146 ASP A CA  1 
ATOM   182  C  C   . ASP A 1 25 ? -20.360 -2.254  5.493   1.00 22.03 ? 146 ASP A C   1 
ATOM   183  O  O   . ASP A 1 25 ? -20.012 -2.817  6.531   1.00 21.58 ? 146 ASP A O   1 
ATOM   184  C  CB  . ASP A 1 25 ? -20.794 -3.523  3.448   1.00 22.92 ? 146 ASP A CB  1 
ATOM   185  C  CG  . ASP A 1 25 ? -21.482 -4.824  3.070   1.00 23.76 ? 146 ASP A CG  1 
ATOM   186  O  OD1 . ASP A 1 25 ? -22.394 -5.313  3.778   1.00 17.19 ? 146 ASP A OD1 1 
ATOM   187  O  OD2 . ASP A 1 25 ? -21.055 -5.385  2.050   1.00 25.81 ? 146 ASP A OD2 1 
ATOM   188  N  N   . LEU A 1 26 ? -19.798 -1.150  5.047   1.00 22.61 ? 147 LEU A N   1 
ATOM   189  C  CA  . LEU A 1 26 ? -18.780 -0.451  5.846   1.00 24.22 ? 147 LEU A CA  1 
ATOM   190  C  C   . LEU A 1 26 ? -19.304 -0.015  7.221   1.00 24.95 ? 147 LEU A C   1 
ATOM   191  O  O   . LEU A 1 26 ? -18.629 -0.211  8.226   1.00 25.49 ? 147 LEU A O   1 
ATOM   192  C  CB  . LEU A 1 26 ? -18.304 0.776   5.098   1.00 23.88 ? 147 LEU A CB  1 
ATOM   193  C  CG  . LEU A 1 26 ? -16.830 0.972   4.744   1.00 27.97 ? 147 LEU A CG  1 
ATOM   194  C  CD1 . LEU A 1 26 ? -16.262 -0.315  4.198   1.00 23.64 ? 147 LEU A CD1 1 
ATOM   195  C  CD2 . LEU A 1 26 ? -16.637 2.153   3.764   1.00 26.18 ? 147 LEU A CD2 1 
ATOM   196  N  N   . GLN A 1 27 ? -20.502 0.591   7.254   1.00 27.08 ? 148 GLN A N   1 
ATOM   197  C  CA  . GLN A 1 27 ? -21.145 1.012   8.534   1.00 27.87 ? 148 GLN A CA  1 
ATOM   198  C  C   . GLN A 1 27 ? -21.267 -0.133  9.471   1.00 27.84 ? 148 GLN A C   1 
ATOM   199  O  O   . GLN A 1 27 ? -20.919 -0.025  10.656  1.00 26.77 ? 148 GLN A O   1 
ATOM   200  C  CB  . GLN A 1 27 ? -22.526 1.665   8.334   1.00 28.07 ? 148 GLN A CB  1 
ATOM   201  C  CG  . GLN A 1 27 ? -22.433 3.091   7.887   1.00 33.01 ? 148 GLN A CG  1 
ATOM   202  C  CD  . GLN A 1 27 ? -23.640 3.576   7.109   1.00 40.26 ? 148 GLN A CD  1 
ATOM   203  O  OE1 . GLN A 1 27 ? -23.579 4.623   6.430   1.00 42.52 ? 148 GLN A OE1 1 
ATOM   204  N  NE2 . GLN A 1 27 ? -24.743 2.824   7.179   1.00 40.96 ? 148 GLN A NE2 1 
ATOM   205  N  N   . LYS A 1 28 ? -21.750 -1.246  8.921   1.00 28.32 ? 149 LYS A N   1 
ATOM   206  C  CA  . LYS A 1 28 ? -21.916 -2.481  9.678   1.00 29.02 ? 149 LYS A CA  1 
ATOM   207  C  C   . LYS A 1 28 ? -20.634 -3.014  10.293  1.00 29.03 ? 149 LYS A C   1 
ATOM   208  O  O   . LYS A 1 28 ? -20.591 -3.265  11.502  1.00 28.80 ? 149 LYS A O   1 
ATOM   209  C  CB  . LYS A 1 28 ? -22.648 -3.548  8.832   1.00 28.91 ? 149 LYS A CB  1 
ATOM   210  C  CG  . LYS A 1 28 ? -24.192 -3.387  8.936   1.00 32.74 ? 149 LYS A CG  1 
ATOM   211  C  CD  . LYS A 1 28 ? -25.007 -3.547  7.625   1.00 34.08 ? 149 LYS A CD  1 
ATOM   212  C  CE  . LYS A 1 28 ? -25.126 -4.992  7.153   1.00 37.95 ? 149 LYS A CE  1 
ATOM   213  N  NZ  . LYS A 1 28 ? -24.666 -6.087  8.104   1.00 41.14 ? 149 LYS A NZ  1 
ATOM   214  N  N   . THR A 1 29 ? -19.589 -3.173  9.479   1.00 29.66 ? 150 THR A N   1 
ATOM   215  C  CA  . THR A 1 29 ? -18.307 -3.679  9.964   1.00 30.06 ? 150 THR A CA  1 
ATOM   216  C  C   . THR A 1 29 ? -17.739 -2.806  11.081  1.00 30.34 ? 150 THR A C   1 
ATOM   217  O  O   . THR A 1 29 ? -17.179 -3.320  12.060  1.00 32.20 ? 150 THR A O   1 
ATOM   218  C  CB  . THR A 1 29 ? -17.239 -3.833  8.820   1.00 30.06 ? 150 THR A CB  1 
ATOM   219  O  OG1 . THR A 1 29 ? -16.749 -2.557  8.436   1.00 35.58 ? 150 THR A OG1 1 
ATOM   220  C  CG2 . THR A 1 29 ? -17.800 -4.476  7.596   1.00 27.61 ? 150 THR A CG2 1 
ATOM   221  N  N   . VAL A 1 30 ? -17.853 -1.491  10.929  1.00 31.25 ? 151 VAL A N   1 
ATOM   222  C  CA  . VAL A 1 30 ? -17.277 -0.516  11.889  1.00 31.71 ? 151 VAL A CA  1 
ATOM   223  C  C   . VAL A 1 30 ? -18.115 -0.405  13.188  1.00 32.53 ? 151 VAL A C   1 
ATOM   224  O  O   . VAL A 1 30 ? -17.601 -0.596  14.293  1.00 32.75 ? 151 VAL A O   1 
ATOM   225  C  CB  . VAL A 1 30 ? -17.050 0.851   11.227  1.00 32.10 ? 151 VAL A CB  1 
ATOM   226  C  CG1 . VAL A 1 30 ? -16.842 1.955   12.293  1.00 33.56 ? 151 VAL A CG1 1 
ATOM   227  C  CG2 . VAL A 1 30 ? -15.815 0.805   10.243  1.00 28.72 ? 151 VAL A CG2 1 
ATOM   228  N  N   . SER A 1 31 ? -19.398 -0.137  13.048  1.00 33.35 ? 152 SER A N   1 
ATOM   229  C  CA  . SER A 1 31 ? -20.311 -0.127  14.222  1.00 35.89 ? 152 SER A CA  1 
ATOM   230  C  C   . SER A 1 31 ? -20.746 -1.499  14.693  1.00 36.68 ? 152 SER A C   1 
ATOM   231  O  O   . SER A 1 31 ? -20.399 -1.890  15.821  1.00 38.36 ? 152 SER A O   1 
ATOM   232  C  CB  . SER A 1 31 ? -21.532 0.740   13.945  1.00 34.98 ? 152 SER A CB  1 
ATOM   233  O  OG  . SER A 1 31 ? -21.126 1.808   13.105  1.00 36.49 ? 152 SER A OG  1 
ATOM   234  N  N   . ASP A 1 32 ? -21.496 -2.242  13.868  1.00 37.17 ? 153 ASP A N   1 
ATOM   235  C  CA  . ASP A 1 32 ? -22.040 -3.539  14.322  1.00 37.36 ? 153 ASP A CA  1 
ATOM   236  C  C   . ASP A 1 32 ? -20.965 -4.508  14.794  1.00 36.91 ? 153 ASP A C   1 
ATOM   237  O  O   . ASP A 1 32 ? -21.026 -5.037  15.914  1.00 37.88 ? 153 ASP A O   1 
ATOM   238  C  CB  . ASP A 1 32 ? -22.939 -4.225  13.266  1.00 37.91 ? 153 ASP A CB  1 
ATOM   239  C  CG  . ASP A 1 32 ? -24.189 -3.423  12.928  1.00 38.94 ? 153 ASP A CG  1 
ATOM   240  O  OD1 . ASP A 1 32 ? -24.261 -2.233  13.277  1.00 42.50 ? 153 ASP A OD1 1 
ATOM   241  O  OD2 . ASP A 1 32 ? -25.115 -3.975  12.285  1.00 43.08 ? 153 ASP A OD2 1 
ATOM   242  N  N   . ASP A 1 33 ? -19.975 -4.740  13.941  1.00 35.77 ? 154 ASP A N   1 
ATOM   243  C  CA  . ASP A 1 33 ? -18.952 -5.723  14.226  1.00 33.70 ? 154 ASP A CA  1 
ATOM   244  C  C   . ASP A 1 33 ? -17.794 -5.142  15.014  1.00 32.69 ? 154 ASP A C   1 
ATOM   245  O  O   . ASP A 1 33 ? -16.847 -5.863  15.335  1.00 32.40 ? 154 ASP A O   1 
ATOM   246  C  CB  . ASP A 1 33 ? -18.445 -6.362  12.930  1.00 34.03 ? 154 ASP A CB  1 
ATOM   247  C  CG  . ASP A 1 33 ? -19.570 -7.070  12.126  1.00 34.43 ? 154 ASP A CG  1 
ATOM   248  O  OD1 . ASP A 1 33 ? -20.681 -7.266  12.649  1.00 35.54 ? 154 ASP A OD1 1 
ATOM   249  O  OD2 . ASP A 1 33 ? -19.324 -7.441  10.978  1.00 31.30 ? 154 ASP A OD2 1 
ATOM   250  N  N   . LYS A 1 34 ? -17.870 -3.842  15.314  1.00 31.72 ? 155 LYS A N   1 
ATOM   251  C  CA  . LYS A 1 34 ? -16.878 -3.181  16.179  1.00 31.51 ? 155 LYS A CA  1 
ATOM   252  C  C   . LYS A 1 34 ? -15.448 -3.263  15.611  1.00 29.68 ? 155 LYS A C   1 
ATOM   253  O  O   . LYS A 1 34 ? -14.515 -3.573  16.347  1.00 30.49 ? 155 LYS A O   1 
ATOM   254  C  CB  . LYS A 1 34 ? -16.863 -3.823  17.576  1.00 31.92 ? 155 LYS A CB  1 
ATOM   255  C  CG  . LYS A 1 34 ? -18.202 -4.109  18.231  1.00 33.79 ? 155 LYS A CG  1 
ATOM   256  C  CD  . LYS A 1 34 ? -19.077 -2.906  18.368  1.00 35.61 ? 155 LYS A CD  1 
ATOM   257  C  CE  . LYS A 1 34 ? -20.458 -3.311  19.028  1.00 38.21 ? 155 LYS A CE  1 
ATOM   258  N  NZ  . LYS A 1 34 ? -21.600 -2.379  18.676  1.00 37.78 ? 155 LYS A NZ  1 
ATOM   259  N  N   . THR A 1 35 ? -15.317 -3.090  14.300  1.00 27.22 ? 156 THR A N   1 
ATOM   260  C  CA  . THR A 1 35 ? -14.031 -3.094  13.596  1.00 25.86 ? 156 THR A CA  1 
ATOM   261  C  C   . THR A 1 35 ? -13.522 -1.649  13.550  1.00 23.77 ? 156 THR A C   1 
ATOM   262  O  O   . THR A 1 35 ? -14.230 -0.736  13.070  1.00 21.62 ? 156 THR A O   1 
ATOM   263  C  CB  . THR A 1 35 ? -14.188 -3.657  12.147  1.00 27.11 ? 156 THR A CB  1 
ATOM   264  O  OG1 . THR A 1 35 ? -14.891 -4.922  12.222  1.00 27.21 ? 156 THR A OG1 1 
ATOM   265  C  CG2 . THR A 1 35 ? -12.827 -3.869  11.512  1.00 26.80 ? 156 THR A CG2 1 
ATOM   266  N  N   . ASP A 1 36 ? -12.363 -1.445  14.152  1.00 20.44 ? 157 ASP A N   1 
ATOM   267  C  CA  . ASP A 1 36 ? -11.652 -0.141  14.099  1.00 20.40 ? 157 ASP A CA  1 
ATOM   268  C  C   . ASP A 1 36 ? -11.570 0.370   12.664  1.00 20.31 ? 157 ASP A C   1 
ATOM   269  O  O   . ASP A 1 36 ? -11.102 -0.360  11.803  1.00 20.79 ? 157 ASP A O   1 
ATOM   270  C  CB  . ASP A 1 36 ? -10.257 -0.418  14.607  1.00 19.87 ? 157 ASP A CB  1 
ATOM   271  C  CG  . ASP A 1 36 ? -9.393  0.811   14.757  1.00 18.65 ? 157 ASP A CG  1 
ATOM   272  O  OD1 . ASP A 1 36 ? -9.776  1.980   14.488  1.00 16.93 ? 157 ASP A OD1 1 
ATOM   273  O  OD2 . ASP A 1 36 ? -8.280  0.540   15.182  1.00 17.39 ? 157 ASP A OD2 1 
ATOM   274  N  N   . PRO A 1 37 ? -12.092 1.592   12.374  1.00 19.94 ? 158 PRO A N   1 
ATOM   275  C  CA  . PRO A 1 37 ? -11.932 2.117   10.988  1.00 19.66 ? 158 PRO A CA  1 
ATOM   276  C  C   . PRO A 1 37 ? -10.468 2.110   10.490  1.00 20.36 ? 158 PRO A C   1 
ATOM   277  O  O   . PRO A 1 37 ? -10.273 2.028   9.289   1.00 18.25 ? 158 PRO A O   1 
ATOM   278  C  CB  . PRO A 1 37 ? -12.461 3.553   11.053  1.00 19.46 ? 158 PRO A CB  1 
ATOM   279  C  CG  . PRO A 1 37 ? -12.857 3.783   12.537  1.00 22.15 ? 158 PRO A CG  1 
ATOM   280  C  CD  . PRO A 1 37 ? -12.886 2.471   13.239  1.00 19.49 ? 158 PRO A CD  1 
ATOM   281  N  N   . ASP A 1 38 ? -9.463  2.165   11.397  1.00 19.08 ? 159 ASP A N   1 
ATOM   282  C  CA  . ASP A 1 38 ? -8.077  2.196   10.928  1.00 20.18 ? 159 ASP A CA  1 
ATOM   283  C  C   . ASP A 1 38 ? -7.571  0.826   10.558  1.00 19.33 ? 159 ASP A C   1 
ATOM   284  O  O   . ASP A 1 38 ? -6.635  0.719   9.810   1.00 19.51 ? 159 ASP A O   1 
ATOM   285  C  CB  . ASP A 1 38 ? -7.142  2.921   11.886  1.00 20.93 ? 159 ASP A CB  1 
ATOM   286  C  CG  . ASP A 1 38 ? -7.536  4.381   12.045  1.00 24.34 ? 159 ASP A CG  1 
ATOM   287  O  OD1 . ASP A 1 38 ? -7.140  5.184   11.183  1.00 26.05 ? 159 ASP A OD1 1 
ATOM   288  O  OD2 . ASP A 1 38 ? -8.290  4.725   12.995  1.00 28.11 ? 159 ASP A OD2 1 
ATOM   289  N  N   . LEU A 1 39 ? -8.250  -0.204  11.067  1.00 18.44 ? 160 LEU A N   1 
ATOM   290  C  CA  . LEU A 1 39 ? -8.039  -1.555  10.616  1.00 16.85 ? 160 LEU A CA  1 
ATOM   291  C  C   . LEU A 1 39 ? -8.617  -1.781  9.207   1.00 16.57 ? 160 LEU A C   1 
ATOM   292  O  O   . LEU A 1 39 ? -7.969  -2.442  8.352   1.00 16.95 ? 160 LEU A O   1 
ATOM   293  C  CB  . LEU A 1 39 ? -8.643  -2.557  11.591  1.00 15.97 ? 160 LEU A CB  1 
ATOM   294  C  CG  . LEU A 1 39 ? -8.342  -4.015  11.167  1.00 16.77 ? 160 LEU A CG  1 
ATOM   295  C  CD1 . LEU A 1 39 ? -6.830  -4.306  11.378  1.00 13.05 ? 160 LEU A CD1 1 
ATOM   296  C  CD2 . LEU A 1 39 ? -9.205  -5.070  11.854  1.00 15.81 ? 160 LEU A CD2 1 
ATOM   297  N  N   . VAL A 1 40 ? -9.821  -1.253  8.981   1.00 16.82 ? 161 VAL A N   1 
ATOM   298  C  CA  . VAL A 1 40 ? -10.415 -1.216  7.641   1.00 16.30 ? 161 VAL A CA  1 
ATOM   299  C  C   . VAL A 1 40 ? -9.489  -0.522  6.624   1.00 16.31 ? 161 VAL A C   1 
ATOM   300  O  O   . VAL A 1 40 ? -9.213  -1.040  5.529   1.00 13.87 ? 161 VAL A O   1 
ATOM   301  C  CB  . VAL A 1 40 ? -11.848 -0.629  7.641   1.00 16.58 ? 161 VAL A CB  1 
ATOM   302  C  CG1 . VAL A 1 40 ? -12.460 -0.657  6.234   1.00 15.63 ? 161 VAL A CG1 1 
ATOM   303  C  CG2 . VAL A 1 40 ? -12.782 -1.435  8.575   1.00 14.16 ? 161 VAL A CG2 1 
ATOM   304  N  N   . ARG A 1 41 ? -9.027  0.672   6.992   1.00 16.74 ? 162 ARG A N   1 
ATOM   305  C  CA  . ARG A 1 41 ? -8.109  1.408   6.184   1.00 16.77 ? 162 ARG A CA  1 
ATOM   306  C  C   . ARG A 1 41 ? -6.806  0.609   5.929   1.00 16.13 ? 162 ARG A C   1 
ATOM   307  O  O   . ARG A 1 41 ? -6.260  0.652   4.796   1.00 15.13 ? 162 ARG A O   1 
ATOM   308  C  CB  . ARG A 1 41 ? -7.815  2.770   6.865   1.00 17.03 ? 162 ARG A CB  1 
ATOM   309  C  CG  . ARG A 1 41 ? -6.623  3.580   6.294   1.00 19.25 ? 162 ARG A CG  1 
ATOM   310  C  CD  . ARG A 1 41 ? -6.550  5.001   6.977   1.00 21.41 ? 162 ARG A CD  1 
ATOM   311  N  NE  . ARG A 1 41 ? -7.748  5.812   6.677   1.00 26.40 ? 162 ARG A NE  1 
ATOM   312  C  CZ  . ARG A 1 41 ? -8.723  6.130   7.529   1.00 28.65 ? 162 ARG A CZ  1 
ATOM   313  N  NH1 . ARG A 1 41 ? -8.719  5.710   8.797   1.00 27.95 ? 162 ARG A NH1 1 
ATOM   314  N  NH2 . ARG A 1 41 ? -9.717  6.892   7.097   1.00 28.64 ? 162 ARG A NH2 1 
ATOM   315  N  N   . SER A 1 42 ? -6.302  -0.117  6.925   1.00 13.49 ? 163 SER A N   1 
ATOM   316  C  CA  . SER A 1 42 ? -5.103  -0.902  6.611   1.00 14.69 ? 163 SER A CA  1 
ATOM   317  C  C   . SER A 1 42 ? -5.341  -2.146  5.732   1.00 12.62 ? 163 SER A C   1 
ATOM   318  O  O   . SER A 1 42 ? -4.423  -2.580  5.039   1.00 10.73 ? 163 SER A O   1 
ATOM   319  C  CB  . SER A 1 42 ? -4.328  -1.249  7.828   1.00 13.18 ? 163 SER A CB  1 
ATOM   320  O  OG  . SER A 1 42 ? -5.030  -2.177  8.542   1.00 25.61 ? 163 SER A OG  1 
ATOM   321  N  N   . ALA A 1 43 ? -6.588  -2.636  5.680   1.00 12.80 ? 164 ALA A N   1 
ATOM   322  C  CA  . ALA A 1 43 ? -6.955  -3.666  4.675   1.00 12.05 ? 164 ALA A CA  1 
ATOM   323  C  C   . ALA A 1 43 ? -6.960  -3.057  3.298   1.00 12.90 ? 164 ALA A C   1 
ATOM   324  O  O   . ALA A 1 43 ? -6.475  -3.667  2.339   1.00 13.55 ? 164 ALA A O   1 
ATOM   325  C  CB  . ALA A 1 43 ? -8.253  -4.318  5.031   1.00 12.02 ? 164 ALA A CB  1 
ATOM   326  N  N   . LEU A 1 44 ? -7.478  -1.826  3.190   1.00 11.74 ? 165 LEU A N   1 
ATOM   327  C  CA  . LEU A 1 44 ? -7.477  -1.102  1.965   1.00 11.30 ? 165 LEU A CA  1 
ATOM   328  C  C   . LEU A 1 44 ? -5.992  -0.850  1.532   1.00 12.66 ? 165 LEU A C   1 
ATOM   329  O  O   . LEU A 1 44 ? -5.645  -1.065  0.380   1.00 12.36 ? 165 LEU A O   1 
ATOM   330  C  CB  . LEU A 1 44 ? -8.170  0.264   2.141   1.00 11.68 ? 165 LEU A CB  1 
ATOM   331  C  CG  . LEU A 1 44 ? -8.097  1.217   0.922   1.00 9.66  ? 165 LEU A CG  1 
ATOM   332  C  CD1 . LEU A 1 44 ? -8.835  0.580   -0.261  1.00 10.69 ? 165 LEU A CD1 1 
ATOM   333  C  CD2 . LEU A 1 44 ? -8.819  2.508   1.236   1.00 8.89  ? 165 LEU A CD2 1 
ATOM   334  N  N   . ARG A 1 45 ? -5.178  -0.342  2.447   1.00 13.36 ? 166 ARG A N   1 
ATOM   335  C  CA  . ARG A 1 45 ? -3.738  -0.149  2.196   1.00 15.17 ? 166 ARG A CA  1 
ATOM   336  C  C   . ARG A 1 45 ? -3.117  -1.386  1.610   1.00 13.46 ? 166 ARG A C   1 
ATOM   337  O  O   . ARG A 1 45 ? -2.382  -1.304  0.653   1.00 14.01 ? 166 ARG A O   1 
ATOM   338  C  CB  . ARG A 1 45 ? -2.973  0.197   3.491   1.00 14.29 ? 166 ARG A CB  1 
ATOM   339  C  CG  . ARG A 1 45 ? -1.455  0.590   3.232   1.00 15.42 ? 166 ARG A CG  1 
ATOM   340  C  CD  . ARG A 1 45 ? -0.737  1.075   4.519   1.00 20.22 ? 166 ARG A CD  1 
ATOM   341  N  NE  . ARG A 1 45 ? -0.131  -0.091  5.154   1.00 36.28 ? 166 ARG A NE  1 
ATOM   342  C  CZ  . ARG A 1 45 ? 1.159   -0.225  5.488   1.00 41.58 ? 166 ARG A CZ  1 
ATOM   343  N  NH1 . ARG A 1 45 ? 2.043   0.769   5.308   1.00 42.40 ? 166 ARG A NH1 1 
ATOM   344  N  NH2 . ARG A 1 45 ? 1.562   -1.366  6.046   1.00 41.84 ? 166 ARG A NH2 1 
ATOM   345  N  N   . GLU A 1 46 ? -3.345  -2.523  2.262   1.00 14.57 ? 167 GLU A N   1 
ATOM   346  C  CA  . GLU A 1 46 ? -2.736  -3.796  1.846   1.00 15.99 ? 167 GLU A CA  1 
ATOM   347  C  C   . GLU A 1 46 ? -3.223  -4.228  0.433   1.00 15.79 ? 167 GLU A C   1 
ATOM   348  O  O   . GLU A 1 46 ? -2.451  -4.697  -0.409  1.00 15.56 ? 167 GLU A O   1 
ATOM   349  C  CB  . GLU A 1 46 ? -3.001  -4.851  2.908   1.00 15.11 ? 167 GLU A CB  1 
ATOM   350  C  CG  . GLU A 1 46 ? -2.447  -6.169  2.565   1.00 24.43 ? 167 GLU A CG  1 
ATOM   351  C  CD  . GLU A 1 46 ? -0.942  -6.077  2.341   1.00 34.70 ? 167 GLU A CD  1 
ATOM   352  O  OE1 . GLU A 1 46 ? -0.223  -5.510  3.232   1.00 31.80 ? 167 GLU A OE1 1 
ATOM   353  O  OE2 . GLU A 1 46 ? -0.516  -6.559  1.248   1.00 37.90 ? 167 GLU A OE2 1 
ATOM   354  N  N   . ALA A 1 47 ? -4.495  -3.983  0.137   1.00 14.36 ? 168 ALA A N   1 
ATOM   355  C  CA  . ALA A 1 47 ? -5.015  -4.285  -1.194  1.00 13.99 ? 168 ALA A CA  1 
ATOM   356  C  C   . ALA A 1 47 ? -4.283  -3.371  -2.245  1.00 13.19 ? 168 ALA A C   1 
ATOM   357  O  O   . ALA A 1 47 ? -3.886  -3.796  -3.309  1.00 14.34 ? 168 ALA A O   1 
ATOM   358  C  CB  . ALA A 1 47 ? -6.518  -3.994  -1.230  1.00 12.09 ? 168 ALA A CB  1 
ATOM   359  N  N   . VAL A 1 48 ? -4.184  -2.097  -1.950  1.00 13.15 ? 169 VAL A N   1 
ATOM   360  C  CA  . VAL A 1 48 ? -3.401  -1.193  -2.776  1.00 13.99 ? 169 VAL A CA  1 
ATOM   361  C  C   . VAL A 1 48 ? -1.965  -1.714  -2.991  1.00 13.64 ? 169 VAL A C   1 
ATOM   362  O  O   . VAL A 1 48 ? -1.469  -1.674  -4.113  1.00 13.43 ? 169 VAL A O   1 
ATOM   363  C  CB  . VAL A 1 48 ? -3.380  0.240   -2.196  1.00 14.49 ? 169 VAL A CB  1 
ATOM   364  C  CG1 . VAL A 1 48 ? -2.453  1.179   -3.031  1.00 12.93 ? 169 VAL A CG1 1 
ATOM   365  C  CG2 . VAL A 1 48 ? -4.794  0.854   -2.162  1.00 13.87 ? 169 VAL A CG2 1 
ATOM   366  N  N   . PHE A 1 49 ? -1.290  -2.098  -1.909  1.00 11.95 ? 170 PHE A N   1 
ATOM   367  C  CA  . PHE A 1 49 ? 0.144   -2.477  -1.973  1.00 13.37 ? 170 PHE A CA  1 
ATOM   368  C  C   . PHE A 1 49 ? 0.287   -3.733  -2.812  1.00 14.19 ? 170 PHE A C   1 
ATOM   369  O  O   . PHE A 1 49 ? 1.380   -4.029  -3.362  1.00 14.73 ? 170 PHE A O   1 
ATOM   370  C  CB  . PHE A 1 49 ? 0.727   -2.737  -0.571  1.00 11.66 ? 170 PHE A CB  1 
ATOM   371  C  CG  . PHE A 1 49 ? 1.092   -1.478  0.202   1.00 13.47 ? 170 PHE A CG  1 
ATOM   372  C  CD1 . PHE A 1 49 ? 0.803   -0.221  -0.296  1.00 16.77 ? 170 PHE A CD1 1 
ATOM   373  C  CD2 . PHE A 1 49 ? 1.694   -1.585  1.440   1.00 15.21 ? 170 PHE A CD2 1 
ATOM   374  C  CE1 . PHE A 1 49 ? 1.129   0.936   0.426   1.00 14.30 ? 170 PHE A CE1 1 
ATOM   375  C  CE2 . PHE A 1 49 ? 2.038   -0.441  2.135   1.00 18.94 ? 170 PHE A CE2 1 
ATOM   376  C  CZ  . PHE A 1 49 ? 1.728   0.821   1.617   1.00 13.50 ? 170 PHE A CZ  1 
ATOM   377  N  N   . ASN A 1 50 ? -0.797  -4.512  -2.883  1.00 15.74 ? 171 ASN A N   1 
ATOM   378  C  CA  . ASN A 1 50 ? -0.799  -5.738  -3.703  1.00 17.98 ? 171 ASN A CA  1 
ATOM   379  C  C   . ASN A 1 50 ? -1.217  -5.527  -5.151  1.00 18.14 ? 171 ASN A C   1 
ATOM   380  O  O   . ASN A 1 50 ? -1.096  -6.415  -5.952  1.00 19.09 ? 171 ASN A O   1 
ATOM   381  C  CB  . ASN A 1 50 ? -1.669  -6.800  -3.042  1.00 18.49 ? 171 ASN A CB  1 
ATOM   382  C  CG  . ASN A 1 50 ? -0.861  -7.709  -2.151  1.00 27.33 ? 171 ASN A CG  1 
ATOM   383  O  OD1 . ASN A 1 50 ? 0.339   -7.975  -2.436  1.00 37.53 ? 171 ASN A OD1 1 
ATOM   384  N  ND2 . ASN A 1 50 ? -1.474  -8.204  -1.081  1.00 33.53 ? 171 ASN A ND2 1 
ATOM   385  N  N   . GLY A 1 51 ? -1.690  -4.344  -5.490  1.00 17.74 ? 172 GLY A N   1 
ATOM   386  C  CA  . GLY A 1 51 ? -2.160  -4.044  -6.827  1.00 18.80 ? 172 GLY A CA  1 
ATOM   387  C  C   . GLY A 1 51 ? -3.519  -4.724  -7.069  1.00 21.34 ? 172 GLY A C   1 
ATOM   388  O  O   . GLY A 1 51 ? -3.901  -4.979  -8.204  1.00 22.55 ? 172 GLY A O   1 
ATOM   389  N  N   . LYS A 1 52 ? -4.245  -4.987  -5.994  1.00 20.50 ? 173 LYS A N   1 
ATOM   390  C  CA  . LYS A 1 52 ? -5.531  -5.626  -6.045  1.00 21.90 ? 173 LYS A CA  1 
ATOM   391  C  C   . LYS A 1 52 ? -6.626  -4.765  -5.431  1.00 21.39 ? 173 LYS A C   1 
ATOM   392  O  O   . LYS A 1 52 ? -7.275  -5.188  -4.445  1.00 21.65 ? 173 LYS A O   1 
ATOM   393  C  CB  . LYS A 1 52 ? -5.461  -6.976  -5.309  1.00 21.81 ? 173 LYS A CB  1 
ATOM   394  C  CG  . LYS A 1 52 ? -4.258  -7.832  -5.714  1.00 27.01 ? 173 LYS A CG  1 
ATOM   395  C  CD  . LYS A 1 52 ? -4.656  -9.213  -6.182  1.00 34.02 ? 173 LYS A CD  1 
ATOM   396  C  CE  . LYS A 1 52 ? -5.400  -9.130  -7.467  1.00 38.07 ? 173 LYS A CE  1 
ATOM   397  N  NZ  . LYS A 1 52 ? -6.877  -9.253  -7.192  1.00 38.19 ? 173 LYS A NZ  1 
ATOM   398  N  N   . THR A 1 53 ? -6.844  -3.571  -6.001  1.00 19.99 ? 174 THR A N   1 
ATOM   399  C  CA  . THR A 1 53 ? -7.789  -2.676  -5.390  1.00 20.26 ? 174 THR A CA  1 
ATOM   400  C  C   . THR A 1 53 ? -9.199  -3.031  -5.947  1.00 18.72 ? 174 THR A C   1 
ATOM   401  O  O   . THR A 1 53 ? -9.677  -2.446  -6.910  1.00 17.94 ? 174 THR A O   1 
ATOM   402  C  CB  . THR A 1 53 ? -7.403  -1.164  -5.532  1.00 22.06 ? 174 THR A CB  1 
ATOM   403  O  OG1 . THR A 1 53 ? -6.013  -0.979  -5.263  1.00 22.51 ? 174 THR A OG1 1 
ATOM   404  C  CG2 . THR A 1 53 ? -8.150  -0.320  -4.461  1.00 22.93 ? 174 THR A CG2 1 
ATOM   405  N  N   . ASN A 1 54 ? -9.825  -4.006  -5.318  1.00 16.55 ? 175 ASN A N   1 
ATOM   406  C  CA  . ASN A 1 54 ? -11.227 -4.308  -5.557  1.00 15.87 ? 175 ASN A CA  1 
ATOM   407  C  C   . ASN A 1 54 ? -11.953 -4.603  -4.263  1.00 15.17 ? 175 ASN A C   1 
ATOM   408  O  O   . ASN A 1 54 ? -11.333 -5.094  -3.304  1.00 14.06 ? 175 ASN A O   1 
ATOM   409  C  CB  . ASN A 1 54 ? -11.402 -5.444  -6.598  1.00 15.72 ? 175 ASN A CB  1 
ATOM   410  C  CG  . ASN A 1 54 ? -10.960 -6.799  -6.111  1.00 17.08 ? 175 ASN A CG  1 
ATOM   411  O  OD1 . ASN A 1 54 ? -9.970  -7.356  -6.618  1.00 20.09 ? 175 ASN A OD1 1 
ATOM   412  N  ND2 . ASN A 1 54 ? -11.773 -7.428  -5.253  1.00 10.34 ? 175 ASN A ND2 1 
ATOM   413  N  N   . TRP A 1 55 ? -13.245 -4.260  -4.209  1.00 13.34 ? 176 TRP A N   1 
ATOM   414  C  CA  . TRP A 1 55 ? -14.036 -4.443  -2.969  1.00 13.50 ? 176 TRP A CA  1 
ATOM   415  C  C   . TRP A 1 55 ? -13.845 -5.766  -2.286  1.00 12.41 ? 176 TRP A C   1 
ATOM   416  O  O   . TRP A 1 55 ? -13.572 -5.819  -1.106  1.00 12.07 ? 176 TRP A O   1 
ATOM   417  C  CB  . TRP A 1 55 ? -15.552 -4.252  -3.243  1.00 13.83 ? 176 TRP A CB  1 
ATOM   418  C  CG  . TRP A 1 55 ? -16.398 -4.450  -1.973  1.00 14.18 ? 176 TRP A CG  1 
ATOM   419  C  CD1 . TRP A 1 55 ? -17.071 -5.581  -1.589  1.00 13.75 ? 176 TRP A CD1 1 
ATOM   420  C  CD2 . TRP A 1 55 ? -16.625 -3.480  -0.946  1.00 14.39 ? 176 TRP A CD2 1 
ATOM   421  N  NE1 . TRP A 1 55 ? -17.732 -5.355  -0.418  1.00 13.74 ? 176 TRP A NE1 1 
ATOM   422  C  CE2 . TRP A 1 55 ? -17.458 -4.067  0.002   1.00 15.02 ? 176 TRP A CE2 1 
ATOM   423  C  CE3 . TRP A 1 55 ? -16.207 -2.151  -0.754  1.00 16.18 ? 176 TRP A CE3 1 
ATOM   424  C  CZ2 . TRP A 1 55 ? -17.879 -3.377  1.168   1.00 18.17 ? 176 TRP A CZ2 1 
ATOM   425  C  CZ3 . TRP A 1 55 ? -16.631 -1.450  0.400   1.00 14.72 ? 176 TRP A CZ3 1 
ATOM   426  C  CH2 . TRP A 1 55 ? -17.477 -2.060  1.331   1.00 17.31 ? 176 TRP A CH2 1 
ATOM   427  N  N   . ASN A 1 56 ? -14.073 -6.861  -3.023  1.00 11.57 ? 177 ASN A N   1 
ATOM   428  C  CA  . ASN A 1 56 ? -14.030 -8.236  -2.472  1.00 11.46 ? 177 ASN A CA  1 
ATOM   429  C  C   . ASN A 1 56 ? -12.686 -8.613  -1.896  1.00 10.73 ? 177 ASN A C   1 
ATOM   430  O  O   . ASN A 1 56 ? -12.596 -9.253  -0.836  1.00 10.73 ? 177 ASN A O   1 
ATOM   431  C  CB  . ASN A 1 56 ? -14.403 -9.275  -3.560  1.00 9.90  ? 177 ASN A CB  1 
ATOM   432  C  CG  . ASN A 1 56 ? -15.868 -9.109  -4.047  1.00 13.84 ? 177 ASN A CG  1 
ATOM   433  O  OD1 . ASN A 1 56 ? -16.595 -8.263  -3.567  1.00 9.85  ? 177 ASN A OD1 1 
ATOM   434  N  ND2 . ASN A 1 56 ? -16.286 -9.949  -4.978  1.00 14.93 ? 177 ASN A ND2 1 
ATOM   435  N  N   . TYR A 1 57 ? -11.629 -8.245  -2.603  1.00 11.84 ? 178 TYR A N   1 
ATOM   436  C  CA  . TYR A 1 57 ? -10.267 -8.479  -2.070  1.00 12.41 ? 178 TYR A CA  1 
ATOM   437  C  C   . TYR A 1 57 ? -10.006 -7.804  -0.731  1.00 11.19 ? 178 TYR A C   1 
ATOM   438  O  O   . TYR A 1 57 ? -9.477  -8.417  0.211   1.00 12.04 ? 178 TYR A O   1 
ATOM   439  C  CB  . TYR A 1 57 ? -9.200  -8.095  -3.125  1.00 13.23 ? 178 TYR A CB  1 
ATOM   440  C  CG  . TYR A 1 57 ? -7.777  -8.540  -2.805  1.00 18.31 ? 178 TYR A CG  1 
ATOM   441  C  CD1 . TYR A 1 57 ? -7.252  -9.742  -3.291  1.00 21.55 ? 178 TYR A CD1 1 
ATOM   442  C  CD2 . TYR A 1 57 ? -6.933  -7.728  -2.046  1.00 20.40 ? 178 TYR A CD2 1 
ATOM   443  C  CE1 . TYR A 1 57 ? -5.892  -10.114 -2.981  1.00 23.37 ? 178 TYR A CE1 1 
ATOM   444  C  CE2 . TYR A 1 57 ? -5.624  -8.094  -1.742  1.00 20.53 ? 178 TYR A CE2 1 
ATOM   445  C  CZ  . TYR A 1 57 ? -5.105  -9.274  -2.189  1.00 18.55 ? 178 TYR A CZ  1 
ATOM   446  O  OH  . TYR A 1 57 ? -3.777  -9.571  -1.912  1.00 20.07 ? 178 TYR A OH  1 
ATOM   447  N  N   . ILE A 1 58 ? -10.372 -6.541  -0.612  1.00 11.17 ? 179 ILE A N   1 
ATOM   448  C  CA  . ILE A 1 58 ? -10.296 -5.828  0.683   1.00 11.66 ? 179 ILE A CA  1 
ATOM   449  C  C   . ILE A 1 58 ? -11.097 -6.530  1.772   1.00 11.49 ? 179 ILE A C   1 
ATOM   450  O  O   . ILE A 1 58 ? -10.625 -6.792  2.858   1.00 11.99 ? 179 ILE A O   1 
ATOM   451  C  CB  . ILE A 1 58 ? -10.832 -4.353  0.476   1.00 12.15 ? 179 ILE A CB  1 
ATOM   452  C  CG1 . ILE A 1 58 ? -9.925  -3.612  -0.505  1.00 11.45 ? 179 ILE A CG1 1 
ATOM   453  C  CG2 . ILE A 1 58 ? -10.904 -3.592  1.857   1.00 13.34 ? 179 ILE A CG2 1 
ATOM   454  C  CD1 . ILE A 1 58 ? -10.554 -2.375  -1.203  1.00 12.20 ? 179 ILE A CD1 1 
ATOM   455  N  N   . GLN A 1 59 ? -12.335 -6.883  1.472   1.00 12.60 ? 180 GLN A N   1 
ATOM   456  C  CA  . GLN A 1 59 ? -13.130 -7.674  2.441   1.00 14.58 ? 180 GLN A CA  1 
ATOM   457  C  C   . GLN A 1 59 ? -12.522 -9.013  2.815   1.00 14.31 ? 180 GLN A C   1 
ATOM   458  O  O   . GLN A 1 59 ? -12.647 -9.384  3.929   1.00 12.86 ? 180 GLN A O   1 
ATOM   459  C  CB  . GLN A 1 59 ? -14.586 -7.917  1.971   1.00 13.54 ? 180 GLN A CB  1 
ATOM   460  C  CG  . GLN A 1 59 ? -15.302 -6.622  1.722   1.00 21.32 ? 180 GLN A CG  1 
ATOM   461  C  CD  . GLN A 1 59 ? -15.382 -5.773  3.020   1.00 26.58 ? 180 GLN A CD  1 
ATOM   462  O  OE1 . GLN A 1 59 ? -15.105 -4.591  3.007   1.00 26.51 ? 180 GLN A OE1 1 
ATOM   463  N  NE2 . GLN A 1 59 ? -15.772 -6.405  4.134   1.00 29.01 ? 180 GLN A NE2 1 
ATOM   464  N  N   . ALA A 1 60 ? -11.923 -9.745  1.870   1.00 15.31 ? 181 ALA A N   1 
ATOM   465  C  CA  . ALA A 1 60 ? -11.210 -11.001 2.210   1.00 15.75 ? 181 ALA A CA  1 
ATOM   466  C  C   . ALA A 1 60 ? -10.035 -10.767 3.207   1.00 16.95 ? 181 ALA A C   1 
ATOM   467  O  O   . ALA A 1 60 ? -9.822  -11.533 4.179   1.00 16.09 ? 181 ALA A O   1 
ATOM   468  C  CB  . ALA A 1 60 ? -10.742 -11.701 0.913   1.00 13.70 ? 181 ALA A CB  1 
ATOM   469  N  N   . ILE A 1 61 ? -9.282  -9.693  2.985   1.00 18.23 ? 182 ILE A N   1 
ATOM   470  C  CA  . ILE A 1 61 ? -8.270  -9.292  3.979   1.00 19.82 ? 182 ILE A CA  1 
ATOM   471  C  C   . ILE A 1 61 ? -8.883  -9.093  5.352   1.00 19.86 ? 182 ILE A C   1 
ATOM   472  O  O   . ILE A 1 61 ? -8.385  -9.661  6.316   1.00 21.19 ? 182 ILE A O   1 
ATOM   473  C  CB  . ILE A 1 61 ? -7.371  -8.062  3.537   1.00 19.93 ? 182 ILE A CB  1 
ATOM   474  C  CG1 . ILE A 1 61 ? -6.641  -8.335  2.248   1.00 18.34 ? 182 ILE A CG1 1 
ATOM   475  C  CG2 . ILE A 1 61 ? -6.389  -7.687  4.652   1.00 21.48 ? 182 ILE A CG2 1 
ATOM   476  C  CD1 . ILE A 1 61 ? -6.004  -7.040  1.545   1.00 20.79 ? 182 ILE A CD1 1 
ATOM   477  N  N   . LEU A 1 62 ? -9.973  -8.333  5.454   1.00 20.91 ? 183 LEU A N   1 
ATOM   478  C  CA  . LEU A 1 62 ? -10.649 -8.128  6.724   1.00 20.90 ? 183 LEU A CA  1 
ATOM   479  C  C   . LEU A 1 62 ? -11.143 -9.433  7.352   1.00 23.31 ? 183 LEU A C   1 
ATOM   480  O  O   . LEU A 1 62 ? -11.051 -9.601  8.578   1.00 21.75 ? 183 LEU A O   1 
ATOM   481  C  CB  . LEU A 1 62 ? -11.841 -7.165  6.600   1.00 21.34 ? 183 LEU A CB  1 
ATOM   482  C  CG  . LEU A 1 62 ? -11.407 -5.727  6.390   1.00 19.27 ? 183 LEU A CG  1 
ATOM   483  C  CD1 . LEU A 1 62 ? -12.585 -4.889  5.964   1.00 17.72 ? 183 LEU A CD1 1 
ATOM   484  C  CD2 . LEU A 1 62 ? -10.693 -5.212  7.680   1.00 20.54 ? 183 LEU A CD2 1 
ATOM   485  N  N   . ARG A 1 63 ? -11.680 -10.340 6.521   1.00 23.61 ? 184 ARG A N   1 
ATOM   486  C  CA  . ARG A 1 63 ? -12.172 -11.656 7.005   1.00 25.73 ? 184 ARG A CA  1 
ATOM   487  C  C   . ARG A 1 63 ? -11.064 -12.532 7.510   1.00 24.79 ? 184 ARG A C   1 
ATOM   488  O  O   . ARG A 1 63 ? -11.210 -13.192 8.517   1.00 26.69 ? 184 ARG A O   1 
ATOM   489  C  CB  . ARG A 1 63 ? -12.942 -12.436 5.911   1.00 24.28 ? 184 ARG A CB  1 
ATOM   490  C  CG  . ARG A 1 63 ? -14.304 -11.989 5.758   1.00 28.33 ? 184 ARG A CG  1 
ATOM   491  C  CD  . ARG A 1 63 ? -15.129 -13.025 4.975   1.00 29.88 ? 184 ARG A CD  1 
ATOM   492  N  NE  . ARG A 1 63 ? -14.459 -13.335 3.733   1.00 29.94 ? 184 ARG A NE  1 
ATOM   493  C  CZ  . ARG A 1 63 ? -14.679 -12.684 2.595   1.00 27.08 ? 184 ARG A CZ  1 
ATOM   494  N  NH1 . ARG A 1 63 ? -15.580 -11.729 2.551   1.00 23.47 ? 184 ARG A NH1 1 
ATOM   495  N  NH2 . ARG A 1 63 ? -14.028 -13.054 1.496   1.00 30.17 ? 184 ARG A NH2 1 
ATOM   496  N  N   . ASN A 1 64 ? -9.963  -12.597 6.793   1.00 27.13 ? 185 ASN A N   1 
ATOM   497  C  CA  . ASN A 1 64 ? -8.830  -13.334 7.327   1.00 28.99 ? 185 ASN A CA  1 
ATOM   498  C  C   . ASN A 1 64 ? -8.408  -12.774 8.702   1.00 29.07 ? 185 ASN A C   1 
ATOM   499  O  O   . ASN A 1 64 ? -8.225  -13.550 9.636   1.00 29.39 ? 185 ASN A O   1 
ATOM   500  C  CB  . ASN A 1 64 ? -7.676  -13.387 6.329   1.00 30.88 ? 185 ASN A CB  1 
ATOM   501  C  CG  . ASN A 1 64 ? -6.400  -13.913 6.949   1.00 36.07 ? 185 ASN A CG  1 
ATOM   502  O  OD1 . ASN A 1 64 ? -5.499  -13.127 7.305   1.00 37.54 ? 185 ASN A OD1 1 
ATOM   503  N  ND2 . ASN A 1 64 ? -6.325  -15.251 7.133   1.00 37.76 ? 185 ASN A ND2 1 
ATOM   504  N  N   . TRP A 1 65 ? -8.325  -11.452 8.855   1.00 28.82 ? 186 TRP A N   1 
ATOM   505  C  CA  . TRP A 1 65 ? -8.031  -10.839 10.171  1.00 30.45 ? 186 TRP A CA  1 
ATOM   506  C  C   . TRP A 1 65 ? -9.093  -11.146 11.231  1.00 31.56 ? 186 TRP A C   1 
ATOM   507  O  O   . TRP A 1 65 ? -8.753  -11.484 12.343  1.00 31.72 ? 186 TRP A O   1 
ATOM   508  C  CB  . TRP A 1 65 ? -7.810  -9.303  10.086  1.00 30.65 ? 186 TRP A CB  1 
ATOM   509  C  CG  . TRP A 1 65 ? -6.540  -8.924  9.433   1.00 30.32 ? 186 TRP A CG  1 
ATOM   510  C  CD1 . TRP A 1 65 ? -5.452  -9.714  9.276   1.00 32.62 ? 186 TRP A CD1 1 
ATOM   511  C  CD2 . TRP A 1 65 ? -6.226  -7.658  8.790   1.00 30.60 ? 186 TRP A CD2 1 
ATOM   512  N  NE1 . TRP A 1 65 ? -4.472  -9.029  8.565   1.00 33.72 ? 186 TRP A NE1 1 
ATOM   513  C  CE2 . TRP A 1 65 ? -4.915  -7.765  8.274   1.00 30.33 ? 186 TRP A CE2 1 
ATOM   514  C  CE3 . TRP A 1 65 ? -6.938  -6.464  8.580   1.00 26.01 ? 186 TRP A CE3 1 
ATOM   515  C  CZ2 . TRP A 1 65 ? -4.273  -6.699  7.588   1.00 30.94 ? 186 TRP A CZ2 1 
ATOM   516  C  CZ3 . TRP A 1 65 ? -6.310  -5.425  7.920   1.00 28.11 ? 186 TRP A CZ3 1 
ATOM   517  C  CH2 . TRP A 1 65 ? -4.988  -5.547  7.432   1.00 31.31 ? 186 TRP A CH2 1 
ATOM   518  N  N   . ARG A 1 66 ? -10.373 -11.046 10.892  1.00 32.93 ? 187 ARG A N   1 
ATOM   519  C  CA  . ARG A 1 66 ? -11.411 -11.395 11.852  1.00 35.89 ? 187 ARG A CA  1 
ATOM   520  C  C   . ARG A 1 66 ? -11.353 -12.848 12.355  1.00 37.10 ? 187 ARG A C   1 
ATOM   521  O  O   . ARG A 1 66 ? -11.677 -13.115 13.522  1.00 37.24 ? 187 ARG A O   1 
ATOM   522  C  CB  . ARG A 1 66 ? -12.782 -11.135 11.286  1.00 36.26 ? 187 ARG A CB  1 
ATOM   523  C  CG  . ARG A 1 66 ? -13.871 -11.352 12.334  1.00 41.61 ? 187 ARG A CG  1 
ATOM   524  C  CD  . ARG A 1 66 ? -15.254 -11.534 11.739  1.00 48.95 ? 187 ARG A CD  1 
ATOM   525  N  NE  . ARG A 1 66 ? -16.308 -11.015 12.629  1.00 54.10 ? 187 ARG A NE  1 
ATOM   526  C  CZ  . ARG A 1 66 ? -16.811 -11.634 13.706  1.00 54.83 ? 187 ARG A CZ  1 
ATOM   527  N  NH1 . ARG A 1 66 ? -16.365 -12.832 14.091  1.00 53.74 ? 187 ARG A NH1 1 
ATOM   528  N  NH2 . ARG A 1 66 ? -17.770 -11.028 14.413  1.00 55.42 ? 187 ARG A NH2 1 
ATOM   529  N  N   . HIS A 1 67 ? -10.954 -13.774 11.471  1.00 38.47 ? 188 HIS A N   1 
ATOM   530  C  CA  . HIS A 1 67 ? -10.825 -15.215 11.784  1.00 39.99 ? 188 HIS A CA  1 
ATOM   531  C  C   . HIS A 1 67 ? -9.843  -15.432 12.908  1.00 40.36 ? 188 HIS A C   1 
ATOM   532  O  O   . HIS A 1 67 ? -9.971  -16.391 13.683  1.00 40.69 ? 188 HIS A O   1 
ATOM   533  C  CB  . HIS A 1 67 ? -10.281 -16.030 10.582  1.00 40.10 ? 188 HIS A CB  1 
ATOM   534  C  CG  . HIS A 1 67 ? -11.317 -16.412 9.564   1.00 43.23 ? 188 HIS A CG  1 
ATOM   535  N  ND1 . HIS A 1 67 ? -12.671 -16.243 9.765   1.00 45.64 ? 188 HIS A ND1 1 
ATOM   536  C  CD2 . HIS A 1 67 ? -11.190 -17.001 8.346   1.00 45.45 ? 188 HIS A CD2 1 
ATOM   537  C  CE1 . HIS A 1 67 ? -13.330 -16.688 8.707   1.00 47.59 ? 188 HIS A CE1 1 
ATOM   538  N  NE2 . HIS A 1 67 ? -12.457 -17.149 7.830   1.00 47.42 ? 188 HIS A NE2 1 
ATOM   539  N  N   . GLU A 1 68 ? -8.824  -14.577 12.922  1.00 40.40 ? 189 GLU A N   1 
ATOM   540  C  CA  . GLU A 1 68 ? -7.743  -14.616 13.895  1.00 41.07 ? 189 GLU A CA  1 
ATOM   541  C  C   . GLU A 1 68 ? -8.055  -13.725 15.109  1.00 40.38 ? 189 GLU A C   1 
ATOM   542  O  O   . GLU A 1 68 ? -7.173  -13.441 15.917  1.00 40.41 ? 189 GLU A O   1 
ATOM   543  C  CB  . GLU A 1 68 ? -6.416  -14.210 13.241  1.00 40.83 ? 189 GLU A CB  1 
ATOM   544  C  CG  . GLU A 1 68 ? -6.050  -15.053 12.033  1.00 43.69 ? 189 GLU A CG  1 
ATOM   545  C  CD  . GLU A 1 68 ? -5.091  -14.354 11.063  1.00 49.63 ? 189 GLU A CD  1 
ATOM   546  O  OE1 . GLU A 1 68 ? -4.756  -13.156 11.282  1.00 54.24 ? 189 GLU A OE1 1 
ATOM   547  O  OE2 . GLU A 1 68 ? -4.676  -14.999 10.069  1.00 50.19 ? 189 GLU A OE2 1 
ATOM   548  N  N   . GLY A 1 69 ? -9.316  -13.314 15.233  1.00 39.21 ? 190 GLY A N   1 
ATOM   549  C  CA  . GLY A 1 69 ? -9.760  -12.536 16.378  1.00 37.91 ? 190 GLY A CA  1 
ATOM   550  C  C   . GLY A 1 69 ? -9.305  -11.077 16.369  1.00 37.39 ? 190 GLY A C   1 
ATOM   551  O  O   . GLY A 1 69 ? -9.510  -10.363 17.373  1.00 37.05 ? 190 GLY A O   1 
ATOM   552  N  N   . ILE A 1 70 ? -8.731  -10.639 15.234  1.00 35.69 ? 191 ILE A N   1 
ATOM   553  C  CA  . ILE A 1 70 ? -8.247  -9.261  15.043  1.00 34.06 ? 191 ILE A CA  1 
ATOM   554  C  C   . ILE A 1 70 ? -9.318  -8.307  14.501  1.00 33.21 ? 191 ILE A C   1 
ATOM   555  O  O   . ILE A 1 70 ? -9.782  -8.440  13.336  1.00 32.56 ? 191 ILE A O   1 
ATOM   556  C  CB  . ILE A 1 70 ? -7.004  -9.171  14.110  1.00 34.34 ? 191 ILE A CB  1 
ATOM   557  C  CG1 . ILE A 1 70 ? -5.838  -10.041 14.599  1.00 33.49 ? 191 ILE A CG1 1 
ATOM   558  C  CG2 . ILE A 1 70 ? -6.550  -7.721  13.991  1.00 34.30 ? 191 ILE A CG2 1 
ATOM   559  C  CD1 . ILE A 1 70 ? -4.775  -10.277 13.505  1.00 35.09 ? 191 ILE A CD1 1 
ATOM   560  N  N   . SER A 1 71 ? -9.669  -7.323  15.339  1.00 31.00 ? 192 SER A N   1 
ATOM   561  C  CA  . SER A 1 71 ? -10.653 -6.297  15.006  1.00 29.26 ? 192 SER A CA  1 
ATOM   562  C  C   . SER A 1 71 ? -10.118 -4.858  15.239  1.00 27.11 ? 192 SER A C   1 
ATOM   563  O  O   . SER A 1 71 ? -10.765 -3.887  14.921  1.00 26.34 ? 192 SER A O   1 
ATOM   564  C  CB  . SER A 1 71 ? -11.958 -6.552  15.792  1.00 28.88 ? 192 SER A CB  1 
ATOM   565  O  OG  . SER A 1 71 ? -11.725 -6.360  17.187  1.00 30.23 ? 192 SER A OG  1 
ATOM   566  N  N   . THR A 1 72 ? -8.922  -4.702  15.773  1.00 26.34 ? 193 THR A N   1 
ATOM   567  C  CA  . THR A 1 72 ? -8.445  -3.347  15.922  1.00 25.31 ? 193 THR A CA  1 
ATOM   568  C  C   . THR A 1 72 ? -7.069  -3.283  15.352  1.00 26.55 ? 193 THR A C   1 
ATOM   569  O  O   . THR A 1 72 ? -6.366  -4.280  15.331  1.00 26.00 ? 193 THR A O   1 
ATOM   570  C  CB  . THR A 1 72 ? -8.422  -2.838  17.412  1.00 25.37 ? 193 THR A CB  1 
ATOM   571  O  OG1 . THR A 1 72 ? -7.341  -3.453  18.128  1.00 22.85 ? 193 THR A OG1 1 
ATOM   572  C  CG2 . THR A 1 72 ? -9.747  -3.095  18.116  1.00 20.67 ? 193 THR A CG2 1 
ATOM   573  N  N   . LEU A 1 73 ? -6.666  -2.097  14.931  1.00 28.36 ? 194 LEU A N   1 
ATOM   574  C  CA  . LEU A 1 73 ? -5.329  -1.930  14.351  1.00 31.67 ? 194 LEU A CA  1 
ATOM   575  C  C   . LEU A 1 73 ? -4.159  -2.223  15.323  1.00 32.68 ? 194 LEU A C   1 
ATOM   576  O  O   . LEU A 1 73 ? -3.187  -2.869  14.925  1.00 32.39 ? 194 LEU A O   1 
ATOM   577  C  CB  . LEU A 1 73 ? -5.200  -0.558  13.674  1.00 31.36 ? 194 LEU A CB  1 
ATOM   578  C  CG  . LEU A 1 73 ? -4.204  -0.425  12.497  1.00 35.17 ? 194 LEU A CG  1 
ATOM   579  C  CD1 . LEU A 1 73 ? -3.123  0.539   12.828  1.00 35.20 ? 194 LEU A CD1 1 
ATOM   580  C  CD2 . LEU A 1 73 ? -3.648  -1.764  11.994  1.00 35.84 ? 194 LEU A CD2 1 
ATOM   581  N  N   . ARG A 1 74 ? -4.266  -1.778  16.583  1.00 34.09 ? 195 ARG A N   1 
ATOM   582  C  CA  . ARG A 1 74 ? -3.328  -2.218  17.649  1.00 36.42 ? 195 ARG A CA  1 
ATOM   583  C  C   . ARG A 1 74 ? -3.080  -3.750  17.680  1.00 36.98 ? 195 ARG A C   1 
ATOM   584  O  O   . ARG A 1 74 ? -1.937  -4.183  17.847  1.00 37.41 ? 195 ARG A O   1 
ATOM   585  C  CB  . ARG A 1 74 ? -3.784  -1.764  19.044  1.00 34.98 ? 195 ARG A CB  1 
ATOM   586  C  CG  . ARG A 1 74 ? -2.702  -1.926  20.143  1.00 38.13 ? 195 ARG A CG  1 
ATOM   587  C  CD  . ARG A 1 74 ? -3.224  -1.437  21.521  1.00 39.10 ? 195 ARG A CD  1 
ATOM   588  N  NE  . ARG A 1 74 ? -3.366  0.027   21.462  1.00 47.69 ? 195 ARG A NE  1 
ATOM   589  C  CZ  . ARG A 1 74 ? -4.049  0.790   22.322  1.00 49.30 ? 195 ARG A CZ  1 
ATOM   590  N  NH1 . ARG A 1 74 ? -4.684  0.247   23.377  1.00 49.07 ? 195 ARG A NH1 1 
ATOM   591  N  NH2 . ARG A 1 74 ? -4.090  2.112   22.115  1.00 46.19 ? 195 ARG A NH2 1 
ATOM   592  N  N   . GLN A 1 75 ? -4.144  -4.542  17.570  1.00 37.93 ? 196 GLN A N   1 
ATOM   593  C  CA  . GLN A 1 75 ? -4.034  -6.015  17.523  1.00 39.19 ? 196 GLN A CA  1 
ATOM   594  C  C   . GLN A 1 75 ? -3.142  -6.488  16.352  1.00 40.99 ? 196 GLN A C   1 
ATOM   595  O  O   . GLN A 1 75 ? -2.344  -7.412  16.513  1.00 40.86 ? 196 GLN A O   1 
ATOM   596  C  CB  . GLN A 1 75 ? -5.422  -6.663  17.438  1.00 39.41 ? 196 GLN A CB  1 
ATOM   597  C  CG  . GLN A 1 75 ? -6.255  -6.649  18.736  1.00 36.80 ? 196 GLN A CG  1 
ATOM   598  C  CD  . GLN A 1 75 ? -7.698  -7.019  18.496  1.00 38.26 ? 196 GLN A CD  1 
ATOM   599  O  OE1 . GLN A 1 75 ? -8.172  -6.955  17.357  1.00 32.85 ? 196 GLN A OE1 1 
ATOM   600  N  NE2 . GLN A 1 75 ? -8.427  -7.379  19.566  1.00 36.82 ? 196 GLN A NE2 1 
ATOM   601  N  N   . VAL A 1 76 ? -3.252  -5.808  15.200  1.00 43.22 ? 197 VAL A N   1 
ATOM   602  C  CA  . VAL A 1 76 ? -2.435  -6.088  14.006  1.00 45.92 ? 197 VAL A CA  1 
ATOM   603  C  C   . VAL A 1 76 ? -1.076  -5.355  14.097  1.00 48.01 ? 197 VAL A C   1 
ATOM   604  O  O   . VAL A 1 76 ? -0.128  -5.694  13.369  1.00 48.21 ? 197 VAL A O   1 
ATOM   605  C  CB  . VAL A 1 76 ? -3.222  -5.739  12.676  1.00 45.16 ? 197 VAL A CB  1 
ATOM   606  C  CG1 . VAL A 1 76 ? -2.305  -5.481  11.497  1.00 46.09 ? 197 VAL A CG1 1 
ATOM   607  C  CG2 . VAL A 1 76 ? -4.152  -6.857  12.316  1.00 44.92 ? 197 VAL A CG2 1 
ATOM   608  N  N   . GLU A 1 77 ? -1.043  -4.343  14.981  1.00 50.60 ? 198 GLU A N   1 
ATOM   609  C  CA  . GLU A 1 77 ? 0.109   -3.493  15.335  1.00 53.10 ? 198 GLU A CA  1 
ATOM   610  C  C   . GLU A 1 77 ? 0.061   -2.097  14.666  1.00 53.92 ? 198 GLU A C   1 
ATOM   611  O  O   . GLU A 1 77 ? 0.149   -1.959  13.440  1.00 54.43 ? 198 GLU A O   1 
ATOM   612  C  CB  . GLU A 1 77 ? 1.438   -4.235  15.142  1.00 53.53 ? 198 GLU A CB  1 
ATOM   613  C  CG  . GLU A 1 77 ? 2.661   -3.577  15.779  1.00 57.15 ? 198 GLU A CG  1 
ATOM   614  C  CD  . GLU A 1 77 ? 3.913   -3.727  14.921  1.00 61.05 ? 198 GLU A CD  1 
ATOM   615  O  OE1 . GLU A 1 77 ? 3.979   -4.664  14.071  1.00 62.36 ? 198 GLU A OE1 1 
ATOM   616  O  OE2 . GLU A 1 77 ? 4.834   -2.897  15.100  1.00 62.93 ? 198 GLU A OE2 1 
ATOM   617  N  N   . GLU A 1 78 ? -0.103  -1.070  15.499  1.00 54.95 ? 199 GLU A N   1 
ATOM   618  C  CA  . GLU A 1 78 ? -0.228  0.332   15.066  1.00 55.56 ? 199 GLU A CA  1 
ATOM   619  C  C   . GLU A 1 78 ? 1.118   0.945   14.527  1.00 57.18 ? 199 GLU A C   1 
ATOM   620  O  O   . GLU A 1 78 ? 2.148   0.255   14.267  1.00 57.60 ? 199 GLU A O   1 
ATOM   621  C  CB  . GLU A 1 78 ? -0.820  1.165   16.232  1.00 54.97 ? 199 GLU A CB  1 
ATOM   622  C  CG  . GLU A 1 78 ? -1.367  2.512   15.855  1.00 52.39 ? 199 GLU A CG  1 
ATOM   623  C  CD  . GLU A 1 78 ? -2.887  2.550   15.819  1.00 55.70 ? 199 GLU A CD  1 
ATOM   624  O  OE1 . GLU A 1 78 ? -3.469  3.292   14.987  1.00 56.17 ? 199 GLU A OE1 1 
ATOM   625  O  OE2 . GLU A 1 78 ? -3.528  1.848   16.634  1.00 58.53 ? 199 GLU A OE2 1 
ATOM   626  O  OXT . GLU A 1 78 ? 1.237   2.172   14.312  1.00 57.55 ? 199 GLU A OXT 1 
ATOM   627  N  N   . ASN B 1 4  ? 4.984   17.098  -5.586  1.00 43.90 ? 125 ASN B N   1 
ATOM   628  C  CA  . ASN B 1 4  ? 6.367   16.855  -5.061  1.00 42.20 ? 125 ASN B CA  1 
ATOM   629  C  C   . ASN B 1 4  ? 7.168   16.319  -6.239  1.00 41.44 ? 125 ASN B C   1 
ATOM   630  O  O   . ASN B 1 4  ? 6.671   15.488  -7.028  1.00 39.85 ? 125 ASN B O   1 
ATOM   631  C  CB  . ASN B 1 4  ? 6.307   15.899  -3.853  1.00 43.34 ? 125 ASN B CB  1 
ATOM   632  C  CG  . ASN B 1 4  ? 7.712   15.423  -3.340  1.00 45.33 ? 125 ASN B CG  1 
ATOM   633  O  OD1 . ASN B 1 4  ? 8.596   15.033  -4.117  1.00 47.63 ? 125 ASN B OD1 1 
ATOM   634  N  ND2 . ASN B 1 4  ? 7.868   15.393  -2.009  1.00 46.32 ? 125 ASN B ND2 1 
ATOM   635  N  N   . ALA B 1 5  ? 8.402   16.812  -6.360  1.00 39.89 ? 126 ALA B N   1 
ATOM   636  C  CA  . ALA B 1 5  ? 9.241   16.581  -7.534  1.00 37.86 ? 126 ALA B CA  1 
ATOM   637  C  C   . ALA B 1 5  ? 9.727   15.128  -7.682  1.00 36.56 ? 126 ALA B C   1 
ATOM   638  O  O   . ALA B 1 5  ? 9.511   14.535  -8.715  1.00 36.13 ? 126 ALA B O   1 
ATOM   639  C  CB  . ALA B 1 5  ? 10.411  17.548  -7.533  1.00 38.14 ? 126 ALA B CB  1 
ATOM   640  N  N   . LEU B 1 6  ? 10.374  14.572  -6.663  1.00 34.57 ? 127 LEU B N   1 
ATOM   641  C  CA  . LEU B 1 6  ? 10.766  13.161  -6.668  1.00 34.13 ? 127 LEU B CA  1 
ATOM   642  C  C   . LEU B 1 6  ? 9.583   12.238  -6.945  1.00 31.67 ? 127 LEU B C   1 
ATOM   643  O  O   . LEU B 1 6  ? 9.667   11.341  -7.752  1.00 30.41 ? 127 LEU B O   1 
ATOM   644  C  CB  . LEU B 1 6  ? 11.337  12.774  -5.313  1.00 34.96 ? 127 LEU B CB  1 
ATOM   645  C  CG  . LEU B 1 6  ? 12.647  11.979  -5.158  1.00 38.72 ? 127 LEU B CG  1 
ATOM   646  C  CD1 . LEU B 1 6  ? 12.464  10.873  -4.082  1.00 40.88 ? 127 LEU B CD1 1 
ATOM   647  C  CD2 . LEU B 1 6  ? 13.234  11.418  -6.485  1.00 38.97 ? 127 LEU B CD2 1 
ATOM   648  N  N   . VAL B 1 7  ? 8.479   12.467  -6.249  1.00 30.50 ? 128 VAL B N   1 
ATOM   649  C  CA  . VAL B 1 7  ? 7.223   11.717  -6.486  1.00 29.97 ? 128 VAL B CA  1 
ATOM   650  C  C   . VAL B 1 7  ? 6.764   11.639  -7.941  1.00 29.04 ? 128 VAL B C   1 
ATOM   651  O  O   . VAL B 1 7  ? 6.440   10.557  -8.415  1.00 27.37 ? 128 VAL B O   1 
ATOM   652  C  CB  . VAL B 1 7  ? 6.058   12.266  -5.633  1.00 29.66 ? 128 VAL B CB  1 
ATOM   653  C  CG1 . VAL B 1 7  ? 4.727   11.650  -6.091  1.00 28.89 ? 128 VAL B CG1 1 
ATOM   654  C  CG2 . VAL B 1 7  ? 6.336   12.026  -4.100  1.00 28.71 ? 128 VAL B CG2 1 
ATOM   655  N  N   . GLU B 1 8  ? 6.688   12.783  -8.630  1.00 28.53 ? 129 GLU B N   1 
ATOM   656  C  CA  . GLU B 1 8  ? 6.331   12.783  -10.068 1.00 29.92 ? 129 GLU B CA  1 
ATOM   657  C  C   . GLU B 1 8  ? 7.322   12.028  -10.985 1.00 28.25 ? 129 GLU B C   1 
ATOM   658  O  O   . GLU B 1 8  ? 6.943   11.395  -11.971 1.00 27.36 ? 129 GLU B O   1 
ATOM   659  C  CB  . GLU B 1 8  ? 6.108   14.215  -10.562 1.00 30.90 ? 129 GLU B CB  1 
ATOM   660  C  CG  . GLU B 1 8  ? 4.782   14.838  -10.023 1.00 36.46 ? 129 GLU B CG  1 
ATOM   661  C  CD  . GLU B 1 8  ? 3.568   13.978  -10.288 1.00 41.33 ? 129 GLU B CD  1 
ATOM   662  O  OE1 . GLU B 1 8  ? 3.367   13.630  -11.480 1.00 43.45 ? 129 GLU B OE1 1 
ATOM   663  O  OE2 . GLU B 1 8  ? 2.815   13.639  -9.320  1.00 43.46 ? 129 GLU B OE2 1 
ATOM   664  N  N   . ASP B 1 9  ? 8.597   12.143  -10.641 1.00 28.07 ? 130 ASP B N   1 
ATOM   665  C  CA  . ASP B 1 9  ? 9.698   11.378  -11.252 1.00 28.40 ? 130 ASP B CA  1 
ATOM   666  C  C   . ASP B 1 9  ? 9.458   9.876   -11.045 1.00 26.83 ? 130 ASP B C   1 
ATOM   667  O  O   . ASP B 1 9  ? 9.515   9.099   -11.993 1.00 26.77 ? 130 ASP B O   1 
ATOM   668  C  CB  . ASP B 1 9  ? 10.992  11.738  -10.496 1.00 29.32 ? 130 ASP B CB  1 
ATOM   669  C  CG  . ASP B 1 9  ? 12.102  12.183  -11.405 1.00 34.94 ? 130 ASP B CG  1 
ATOM   670  O  OD1 . ASP B 1 9  ? 13.241  11.677  -11.231 1.00 41.88 ? 130 ASP B OD1 1 
ATOM   671  O  OD2 . ASP B 1 9  ? 11.847  13.047  -12.269 1.00 38.72 ? 130 ASP B OD2 1 
ATOM   672  N  N   . PHE B 1 10 ? 9.170   9.470   -9.791  1.00 25.89 ? 131 PHE B N   1 
ATOM   673  C  CA  . PHE B 1 10 ? 8.883   8.059   -9.483  1.00 24.37 ? 131 PHE B CA  1 
ATOM   674  C  C   . PHE B 1 10 ? 7.687   7.561   -10.250 1.00 24.01 ? 131 PHE B C   1 
ATOM   675  O  O   . PHE B 1 10 ? 7.666   6.444   -10.725 1.00 23.07 ? 131 PHE B O   1 
ATOM   676  C  CB  . PHE B 1 10 ? 8.826   7.777   -7.952  1.00 23.14 ? 131 PHE B CB  1 
ATOM   677  C  CG  . PHE B 1 10 ? 10.196  7.840   -7.290  1.00 23.84 ? 131 PHE B CG  1 
ATOM   678  C  CD1 . PHE B 1 10 ? 11.359  7.919   -8.080  1.00 20.35 ? 131 PHE B CD1 1 
ATOM   679  C  CD2 . PHE B 1 10 ? 10.352  7.758   -5.921  1.00 24.42 ? 131 PHE B CD2 1 
ATOM   680  C  CE1 . PHE B 1 10 ? 12.622  8.007   -7.529  1.00 18.11 ? 131 PHE B CE1 1 
ATOM   681  C  CE2 . PHE B 1 10 ? 11.675  7.806   -5.351  1.00 26.92 ? 131 PHE B CE2 1 
ATOM   682  C  CZ  . PHE B 1 10 ? 12.793  7.921   -6.173  1.00 22.79 ? 131 PHE B CZ  1 
ATOM   683  N  N   . GLU B 1 11 ? 6.685   8.403   -10.428 1.00 24.84 ? 132 GLU B N   1 
ATOM   684  C  CA  . GLU B 1 11 ? 5.502   7.947   -11.145 1.00 24.22 ? 132 GLU B CA  1 
ATOM   685  C  C   . GLU B 1 11 ? 5.751   7.809   -12.662 1.00 24.63 ? 132 GLU B C   1 
ATOM   686  O  O   . GLU B 1 11 ? 5.186   6.928   -13.298 1.00 22.68 ? 132 GLU B O   1 
ATOM   687  C  CB  . GLU B 1 11 ? 4.339   8.882   -10.850 1.00 25.22 ? 132 GLU B CB  1 
ATOM   688  C  CG  . GLU B 1 11 ? 3.904   8.868   -9.404  1.00 25.76 ? 132 GLU B CG  1 
ATOM   689  C  CD  . GLU B 1 11 ? 2.878   9.942   -9.114  1.00 28.58 ? 132 GLU B CD  1 
ATOM   690  O  OE1 . GLU B 1 11 ? 2.993   11.062  -9.655  1.00 31.35 ? 132 GLU B OE1 1 
ATOM   691  O  OE2 . GLU B 1 11 ? 1.971   9.693   -8.316  1.00 30.70 ? 132 GLU B OE2 1 
ATOM   692  N  N   . ARG B 1 12 ? 6.624   8.674   -13.211 1.00 24.83 ? 133 ARG B N   1 
ATOM   693  C  CA  . ARG B 1 12 ? 7.169   8.507   -14.573 1.00 25.71 ? 133 ARG B CA  1 
ATOM   694  C  C   . ARG B 1 12 ? 7.862   7.172   -14.662 1.00 22.91 ? 133 ARG B C   1 
ATOM   695  O  O   . ARG B 1 12 ? 7.594   6.403   -15.570 1.00 22.15 ? 133 ARG B O   1 
ATOM   696  C  CB  . ARG B 1 12 ? 8.133   9.663   -14.990 1.00 25.11 ? 133 ARG B CB  1 
ATOM   697  C  CG  . ARG B 1 12 ? 7.421   10.957  -15.449 1.00 29.04 ? 133 ARG B CG  1 
ATOM   698  C  CD  . ARG B 1 12 ? 8.353   11.989  -16.178 1.00 29.97 ? 133 ARG B CD  1 
ATOM   699  N  NE  . ARG B 1 12 ? 9.288   12.679  -15.271 1.00 30.95 ? 133 ARG B NE  1 
ATOM   700  C  CZ  . ARG B 1 12 ? 8.919   13.617  -14.389 1.00 37.57 ? 133 ARG B CZ  1 
ATOM   701  N  NH1 . ARG B 1 12 ? 7.639   13.989  -14.292 1.00 38.43 ? 133 ARG B NH1 1 
ATOM   702  N  NH2 . ARG B 1 12 ? 9.822   14.194  -13.589 1.00 38.67 ? 133 ARG B NH2 1 
ATOM   703  N  N   . GLU B 1 13 ? 8.733   6.878   -13.705 1.00 23.36 ? 134 GLU B N   1 
ATOM   704  C  CA  . GLU B 1 13 ? 9.450   5.578   -13.695 1.00 22.62 ? 134 GLU B CA  1 
ATOM   705  C  C   . GLU B 1 13 ? 8.502   4.410   -13.772 1.00 22.67 ? 134 GLU B C   1 
ATOM   706  O  O   . GLU B 1 13 ? 8.709   3.529   -14.612 1.00 21.14 ? 134 GLU B O   1 
ATOM   707  C  CB  . GLU B 1 13 ? 10.419  5.402   -12.518 1.00 21.59 ? 134 GLU B CB  1 
ATOM   708  C  CG  . GLU B 1 13 ? 11.539  6.452   -12.514 1.00 24.82 ? 134 GLU B CG  1 
ATOM   709  C  CD  . GLU B 1 13 ? 12.663  6.114   -13.438 1.00 23.37 ? 134 GLU B CD  1 
ATOM   710  O  OE1 . GLU B 1 13 ? 12.745  4.944   -13.885 1.00 25.38 ? 134 GLU B OE1 1 
ATOM   711  O  OE2 . GLU B 1 13 ? 13.475  7.008   -13.699 1.00 21.97 ? 134 GLU B OE2 1 
ATOM   712  N  N   . LEU B 1 14 ? 7.431   4.431   -12.966 1.00 22.08 ? 135 LEU B N   1 
ATOM   713  C  CA  . LEU B 1 14 ? 6.580   3.246   -12.839 1.00 23.82 ? 135 LEU B CA  1 
ATOM   714  C  C   . LEU B 1 14 ? 5.505   3.132   -13.898 1.00 25.54 ? 135 LEU B C   1 
ATOM   715  O  O   . LEU B 1 14 ? 5.018   2.022   -14.187 1.00 26.14 ? 135 LEU B O   1 
ATOM   716  C  CB  . LEU B 1 14 ? 5.879   3.213   -11.478 1.00 23.32 ? 135 LEU B CB  1 
ATOM   717  C  CG  . LEU B 1 14 ? 6.684   2.858   -10.258 1.00 20.68 ? 135 LEU B CG  1 
ATOM   718  C  CD1 . LEU B 1 14 ? 5.649   2.871   -9.101  1.00 17.75 ? 135 LEU B CD1 1 
ATOM   719  C  CD2 . LEU B 1 14 ? 7.292   1.417   -10.429 1.00 18.14 ? 135 LEU B CD2 1 
ATOM   720  N  N   . GLY B 1 15 ? 5.127   4.285   -14.438 1.00 25.84 ? 136 GLY B N   1 
ATOM   721  C  CA  . GLY B 1 15 ? 4.162   4.370   -15.495 1.00 27.44 ? 136 GLY B CA  1 
ATOM   722  C  C   . GLY B 1 15 ? 2.813   4.531   -14.864 1.00 28.55 ? 136 GLY B C   1 
ATOM   723  O  O   . GLY B 1 15 ? 1.814   4.246   -15.488 1.00 27.44 ? 136 GLY B O   1 
ATOM   724  N  N   . ARG B 1 16 ? 2.783   4.934   -13.589 1.00 28.46 ? 137 ARG B N   1 
ATOM   725  C  CA  . ARG B 1 16 ? 1.489   4.999   -12.874 1.00 28.64 ? 137 ARG B CA  1 
ATOM   726  C  C   . ARG B 1 16 ? 1.564   6.023   -11.746 1.00 29.64 ? 137 ARG B C   1 
ATOM   727  O  O   . ARG B 1 16 ? 2.653   6.326   -11.254 1.00 27.72 ? 137 ARG B O   1 
ATOM   728  C  CB  . ARG B 1 16 ? 1.044   3.596   -12.349 1.00 28.02 ? 137 ARG B CB  1 
ATOM   729  C  CG  . ARG B 1 16 ? 1.995   2.854   -11.367 1.00 24.88 ? 137 ARG B CG  1 
ATOM   730  C  CD  . ARG B 1 16 ? 1.322   1.608   -10.705 1.00 25.54 ? 137 ARG B CD  1 
ATOM   731  N  NE  . ARG B 1 16 ? 2.119   1.055   -9.593  1.00 19.89 ? 137 ARG B NE  1 
ATOM   732  C  CZ  . ARG B 1 16 ? 2.002   1.469   -8.343  1.00 17.81 ? 137 ARG B CZ  1 
ATOM   733  N  NH1 . ARG B 1 16 ? 1.094   2.401   -8.042  1.00 13.24 ? 137 ARG B NH1 1 
ATOM   734  N  NH2 . ARG B 1 16 ? 2.746   0.930   -7.386  1.00 18.01 ? 137 ARG B NH2 1 
HETATM 735  N  N   . MSE B 1 17 ? 0.396   6.535   -11.368 1.00 30.05 ? 138 MSE B N   1 
HETATM 736  C  CA  A MSE B 1 17 ? 0.253   7.374   -10.184 0.50 29.93 ? 138 MSE B CA  1 
HETATM 737  C  CA  B MSE B 1 17 ? 0.259   7.369   -10.190 0.50 32.95 ? 138 MSE B CA  1 
HETATM 738  C  C   . MSE B 1 17 ? 0.481   6.562   -8.897  1.00 29.23 ? 138 MSE B C   1 
HETATM 739  O  O   . MSE B 1 17 ? 0.074   5.420   -8.792  1.00 28.05 ? 138 MSE B O   1 
HETATM 740  C  CB  A MSE B 1 17 ? -1.141  8.019   -10.133 0.50 31.21 ? 138 MSE B CB  1 
HETATM 741  C  CB  B MSE B 1 17 ? -1.136  7.993   -10.174 0.50 33.04 ? 138 MSE B CB  1 
HETATM 742  C  CG  A MSE B 1 17 ? -1.453  9.055   -11.221 0.50 34.36 ? 138 MSE B CG  1 
HETATM 743  C  CG  B MSE B 1 17 ? -1.201  9.338   -9.501  0.50 36.13 ? 138 MSE B CG  1 
HETATM 744  SE SE  A MSE B 1 17 ? -0.259  10.592  -11.222 0.50 48.29 ? 138 MSE B SE  1 
HETATM 745  SE SE  B MSE B 1 17 ? -2.922  10.203  -9.774  0.50 45.92 ? 138 MSE B SE  1 
HETATM 746  C  CE  A MSE B 1 17 ? 0.948   10.020  -12.654 0.50 41.57 ? 138 MSE B CE  1 
HETATM 747  C  CE  B MSE B 1 17 ? -2.397  11.950  -9.061  0.50 38.40 ? 138 MSE B CE  1 
ATOM   748  N  N   . LEU B 1 18 ? 1.139   7.173   -7.924  1.00 27.15 ? 139 LEU B N   1 
ATOM   749  C  CA  . LEU B 1 18 ? 1.336   6.550   -6.635  1.00 24.21 ? 139 LEU B CA  1 
ATOM   750  C  C   . LEU B 1 18 ? 0.167   6.908   -5.714  1.00 22.61 ? 139 LEU B C   1 
ATOM   751  O  O   . LEU B 1 18 ? -0.286  8.080   -5.677  1.00 21.41 ? 139 LEU B O   1 
ATOM   752  C  CB  . LEU B 1 18 ? 2.676   6.967   -6.030  1.00 25.03 ? 139 LEU B CB  1 
ATOM   753  C  CG  . LEU B 1 18 ? 3.932   6.326   -6.670  1.00 25.77 ? 139 LEU B CG  1 
ATOM   754  C  CD1 . LEU B 1 18 ? 5.187   6.925   -6.075  1.00 24.44 ? 139 LEU B CD1 1 
ATOM   755  C  CD2 . LEU B 1 18 ? 3.927   4.788   -6.486  1.00 24.27 ? 139 LEU B CD2 1 
ATOM   756  N  N   . SER B 1 19 ? -0.315  5.916   -4.990  1.00 19.93 ? 140 SER B N   1 
ATOM   757  C  CA  . SER B 1 19 ? -1.392  6.161   -4.013  1.00 19.17 ? 140 SER B CA  1 
ATOM   758  C  C   . SER B 1 19 ? -0.837  6.930   -2.804  1.00 19.54 ? 140 SER B C   1 
ATOM   759  O  O   . SER B 1 19 ? 0.302   6.721   -2.463  1.00 20.05 ? 140 SER B O   1 
ATOM   760  C  CB  . SER B 1 19 ? -1.919  4.814   -3.495  1.00 16.59 ? 140 SER B CB  1 
ATOM   761  O  OG  . SER B 1 19 ? -2.607  4.982   -2.270  1.00 14.48 ? 140 SER B OG  1 
ATOM   762  N  N   . PRO B 1 20 ? -1.677  7.731   -2.089  1.00 18.92 ? 141 PRO B N   1 
ATOM   763  C  CA  . PRO B 1 20 ? -1.205  8.284   -0.830  1.00 17.60 ? 141 PRO B CA  1 
ATOM   764  C  C   . PRO B 1 20 ? -0.691  7.234   0.167   1.00 17.52 ? 141 PRO B C   1 
ATOM   765  O  O   . PRO B 1 20 ? 0.172   7.561   0.973   1.00 18.21 ? 141 PRO B O   1 
ATOM   766  C  CB  . PRO B 1 20 ? -2.448  9.001   -0.271  1.00 18.08 ? 141 PRO B CB  1 
ATOM   767  C  CG  . PRO B 1 20 ? -3.258  9.359   -1.479  1.00 18.96 ? 141 PRO B CG  1 
ATOM   768  C  CD  . PRO B 1 20 ? -3.043  8.202   -2.433  1.00 19.65 ? 141 PRO B CD  1 
ATOM   769  N  N   . PHE B 1 21 ? -1.229  5.994   0.181   1.00 15.90 ? 142 PHE B N   1 
ATOM   770  C  CA  . PHE B 1 21 ? -0.626  4.932   1.026   1.00 14.66 ? 142 PHE B CA  1 
ATOM   771  C  C   . PHE B 1 21 ? 0.835   4.644   0.667   1.00 14.05 ? 142 PHE B C   1 
ATOM   772  O  O   . PHE B 1 21 ? 1.711   4.376   1.546   1.00 14.90 ? 142 PHE B O   1 
ATOM   773  C  CB  . PHE B 1 21 ? -1.441  3.626   0.935   1.00 14.04 ? 142 PHE B CB  1 
ATOM   774  C  CG  . PHE B 1 21 ? -2.806  3.773   1.548   1.00 15.33 ? 142 PHE B CG  1 
ATOM   775  C  CD1 . PHE B 1 21 ? -2.915  4.040   2.881   1.00 16.52 ? 142 PHE B CD1 1 
ATOM   776  C  CD2 . PHE B 1 21 ? -3.953  3.719   0.760   1.00 15.60 ? 142 PHE B CD2 1 
ATOM   777  C  CE1 . PHE B 1 21 ? -4.186  4.255   3.474   1.00 23.39 ? 142 PHE B CE1 1 
ATOM   778  C  CE2 . PHE B 1 21 ? -5.221  3.902   1.331   1.00 19.16 ? 142 PHE B CE2 1 
ATOM   779  C  CZ  . PHE B 1 21 ? -5.335  4.158   2.698   1.00 16.20 ? 142 PHE B CZ  1 
ATOM   780  N  N   . GLU B 1 22 ? 1.074   4.571   -0.632  1.00 14.24 ? 143 GLU B N   1 
ATOM   781  C  CA  . GLU B 1 22 ? 2.430   4.317   -1.154  1.00 13.28 ? 143 GLU B CA  1 
ATOM   782  C  C   . GLU B 1 22 ? 3.318   5.540   -0.886  1.00 14.05 ? 143 GLU B C   1 
ATOM   783  O  O   . GLU B 1 22 ? 4.466   5.413   -0.533  1.00 14.03 ? 143 GLU B O   1 
ATOM   784  C  CB  . GLU B 1 22 ? 2.320   4.061   -2.656  1.00 12.84 ? 143 GLU B CB  1 
ATOM   785  C  CG  . GLU B 1 22 ? 1.647   2.709   -2.940  1.00 10.47 ? 143 GLU B CG  1 
ATOM   786  C  CD  . GLU B 1 22 ? 1.408   2.475   -4.404  1.00 14.83 ? 143 GLU B CD  1 
ATOM   787  O  OE1 . GLU B 1 22 ? 0.867   3.360   -5.089  1.00 13.33 ? 143 GLU B OE1 1 
ATOM   788  O  OE2 . GLU B 1 22 ? 1.737   1.369   -4.871  1.00 16.59 ? 143 GLU B OE2 1 
ATOM   789  N  N   . LEU B 1 23 ? 2.818   6.743   -1.070  1.00 15.46 ? 144 LEU B N   1 
ATOM   790  C  CA  . LEU B 1 23 ? 3.691   7.927   -0.708  1.00 17.64 ? 144 LEU B CA  1 
ATOM   791  C  C   . LEU B 1 23 ? 4.054   7.994   0.764   1.00 17.40 ? 144 LEU B C   1 
ATOM   792  O  O   . LEU B 1 23 ? 5.154   8.328   1.121   1.00 18.24 ? 144 LEU B O   1 
ATOM   793  C  CB  . LEU B 1 23 ? 3.043   9.257   -1.114  1.00 17.52 ? 144 LEU B CB  1 
ATOM   794  C  CG  . LEU B 1 23 ? 2.731   9.338   -2.587  1.00 20.94 ? 144 LEU B CG  1 
ATOM   795  C  CD1 . LEU B 1 23 ? 1.956   10.596  -2.864  1.00 25.91 ? 144 LEU B CD1 1 
ATOM   796  C  CD2 . LEU B 1 23 ? 4.010   9.309   -3.327  1.00 23.00 ? 144 LEU B CD2 1 
ATOM   797  N  N   . GLU B 1 24 ? 3.119   7.718   1.650   1.00 18.24 ? 145 GLU B N   1 
ATOM   798  C  CA  . GLU B 1 24 ? 3.486   7.627   3.053   1.00 19.05 ? 145 GLU B CA  1 
ATOM   799  C  C   . GLU B 1 24 ? 4.528   6.519   3.322   1.00 19.13 ? 145 GLU B C   1 
ATOM   800  O  O   . GLU B 1 24 ? 5.408   6.702   4.147   1.00 15.23 ? 145 GLU B O   1 
ATOM   801  C  CB  . GLU B 1 24 ? 2.233   7.411   3.908   1.00 19.69 ? 145 GLU B CB  1 
ATOM   802  C  CG  . GLU B 1 24 ? 2.452   7.004   5.408   1.00 27.13 ? 145 GLU B CG  1 
ATOM   803  C  CD  . GLU B 1 24 ? 2.714   8.181   6.393   1.00 36.19 ? 145 GLU B CD  1 
ATOM   804  O  OE1 . GLU B 1 24 ? 2.998   9.320   5.941   1.00 37.54 ? 145 GLU B OE1 1 
ATOM   805  O  OE2 . GLU B 1 24 ? 2.648   7.954   7.650   1.00 42.55 ? 145 GLU B OE2 1 
ATOM   806  N  N   . ASP B 1 25 ? 4.396   5.357   2.660   1.00 16.93 ? 146 ASP B N   1 
ATOM   807  C  CA  . ASP B 1 25 ? 5.359   4.288   2.899   1.00 17.15 ? 146 ASP B CA  1 
ATOM   808  C  C   . ASP B 1 25 ? 6.753   4.610   2.292   1.00 16.10 ? 146 ASP B C   1 
ATOM   809  O  O   . ASP B 1 25 ? 7.729   4.170   2.822   1.00 15.57 ? 146 ASP B O   1 
ATOM   810  C  CB  . ASP B 1 25 ? 4.861   2.967   2.299   1.00 17.55 ? 146 ASP B CB  1 
ATOM   811  C  CG  . ASP B 1 25 ? 5.556   1.791   2.873   1.00 18.99 ? 146 ASP B CG  1 
ATOM   812  O  OD1 . ASP B 1 25 ? 5.373   1.525   4.069   1.00 24.19 ? 146 ASP B OD1 1 
ATOM   813  O  OD2 . ASP B 1 25 ? 6.246   1.079   2.142   1.00 19.10 ? 146 ASP B OD2 1 
ATOM   814  N  N   . LEU B 1 26 ? 6.771   5.256   1.126   1.00 14.78 ? 147 LEU B N   1 
ATOM   815  C  CA  . LEU B 1 26 ? 7.952   5.782   0.496   1.00 16.83 ? 147 LEU B CA  1 
ATOM   816  C  C   . LEU B 1 26 ? 8.696   6.790   1.436   1.00 17.72 ? 147 LEU B C   1 
ATOM   817  O  O   . LEU B 1 26 ? 9.924   6.779   1.486   1.00 16.74 ? 147 LEU B O   1 
ATOM   818  C  CB  . LEU B 1 26 ? 7.596   6.471   -0.821  1.00 15.03 ? 147 LEU B CB  1 
ATOM   819  C  CG  . LEU B 1 26 ? 8.692   7.245   -1.541  1.00 16.41 ? 147 LEU B CG  1 
ATOM   820  C  CD1 . LEU B 1 26 ? 9.811   6.297   -1.899  1.00 15.23 ? 147 LEU B CD1 1 
ATOM   821  C  CD2 . LEU B 1 26 ? 8.200   7.935   -2.818  1.00 18.21 ? 147 LEU B CD2 1 
ATOM   822  N  N   . GLN B 1 27 ? 7.959   7.672   2.131   1.00 17.31 ? 148 GLN B N   1 
ATOM   823  C  CA  . GLN B 1 27 ? 8.564   8.540   3.190   1.00 17.60 ? 148 GLN B CA  1 
ATOM   824  C  C   . GLN B 1 27 ? 9.250   7.702   4.261   1.00 18.46 ? 148 GLN B C   1 
ATOM   825  O  O   . GLN B 1 27 ? 10.362  8.037   4.672   1.00 18.70 ? 148 GLN B O   1 
ATOM   826  C  CB  . GLN B 1 27 ? 7.517   9.464   3.849   1.00 18.00 ? 148 GLN B CB  1 
ATOM   827  C  CG  . GLN B 1 27 ? 8.177   10.517  4.800   1.00 18.01 ? 148 GLN B CG  1 
ATOM   828  C  CD  . GLN B 1 27 ? 9.092   11.458  3.996   1.00 20.87 ? 148 GLN B CD  1 
ATOM   829  O  OE1 . GLN B 1 27 ? 10.337  11.387  4.084   1.00 23.09 ? 148 GLN B OE1 1 
ATOM   830  N  NE2 . GLN B 1 27 ? 8.496   12.265  3.157   1.00 17.90 ? 148 GLN B NE2 1 
ATOM   831  N  N   . LYS B 1 28 ? 8.634   6.603   4.711   1.00 18.62 ? 149 LYS B N   1 
ATOM   832  C  CA  . LYS B 1 28 ? 9.306   5.736   5.675   1.00 19.35 ? 149 LYS B CA  1 
ATOM   833  C  C   . LYS B 1 28 ? 10.593  5.120   5.106   1.00 19.53 ? 149 LYS B C   1 
ATOM   834  O  O   . LYS B 1 28 ? 11.639  5.064   5.786   1.00 17.91 ? 149 LYS B O   1 
ATOM   835  C  CB  . LYS B 1 28 ? 8.424   4.607   6.155   1.00 21.30 ? 149 LYS B CB  1 
ATOM   836  C  CG  . LYS B 1 28 ? 7.439   5.073   7.182   1.00 25.35 ? 149 LYS B CG  1 
ATOM   837  C  CD  . LYS B 1 28 ? 6.374   4.018   7.417   1.00 30.72 ? 149 LYS B CD  1 
ATOM   838  C  CE  . LYS B 1 28 ? 5.021   4.682   7.722   1.00 34.57 ? 149 LYS B CE  1 
ATOM   839  N  NZ  . LYS B 1 28 ? 4.098   3.658   8.270   1.00 40.20 ? 149 LYS B NZ  1 
ATOM   840  N  N   . THR B 1 29 ? 10.490  4.627   3.886   1.00 18.22 ? 150 THR B N   1 
ATOM   841  C  CA  . THR B 1 29 ? 11.662  4.119   3.184   1.00 18.44 ? 150 THR B CA  1 
ATOM   842  C  C   . THR B 1 29 ? 12.797  5.133   3.110   1.00 17.56 ? 150 THR B C   1 
ATOM   843  O  O   . THR B 1 29 ? 13.965  4.771   3.310   1.00 17.02 ? 150 THR B O   1 
ATOM   844  C  CB  . THR B 1 29 ? 11.299  3.670   1.744   1.00 18.10 ? 150 THR B CB  1 
ATOM   845  O  OG1 . THR B 1 29 ? 10.399  2.568   1.888   1.00 17.97 ? 150 THR B OG1 1 
ATOM   846  C  CG2 . THR B 1 29 ? 12.587  3.153   0.998   1.00 15.48 ? 150 THR B CG2 1 
ATOM   847  N  N   . VAL B 1 30 ? 12.454  6.362   2.762   1.00 17.20 ? 151 VAL B N   1 
ATOM   848  C  CA  . VAL B 1 30 ? 13.487  7.400   2.676   1.00 19.57 ? 151 VAL B CA  1 
ATOM   849  C  C   . VAL B 1 30 ? 14.013  7.904   4.045   1.00 19.75 ? 151 VAL B C   1 
ATOM   850  O  O   . VAL B 1 30 ? 15.228  7.953   4.225   1.00 19.75 ? 151 VAL B O   1 
ATOM   851  C  CB  . VAL B 1 30 ? 13.099  8.547   1.749   1.00 19.69 ? 151 VAL B CB  1 
ATOM   852  C  CG1 . VAL B 1 30 ? 14.214  9.669   1.755   1.00 21.04 ? 151 VAL B CG1 1 
ATOM   853  C  CG2 . VAL B 1 30 ? 12.935  8.021   0.356   1.00 18.80 ? 151 VAL B CG2 1 
ATOM   854  N  N   . SER B 1 31 ? 13.123  8.222   5.005   1.00 19.76 ? 152 SER B N   1 
ATOM   855  C  CA  . SER B 1 31 ? 13.550  8.761   6.327   1.00 19.71 ? 152 SER B CA  1 
ATOM   856  C  C   . SER B 1 31 ? 13.833  7.671   7.368   1.00 20.52 ? 152 SER B C   1 
ATOM   857  O  O   . SER B 1 31 ? 14.943  7.545   7.839   1.00 21.44 ? 152 SER B O   1 
ATOM   858  C  CB  . SER B 1 31 ? 12.545  9.775   6.883   1.00 19.14 ? 152 SER B CB  1 
ATOM   859  O  OG  . SER B 1 31 ? 12.046  10.600  5.851   1.00 21.27 ? 152 SER B OG  1 
ATOM   860  N  N   . ASP B 1 32 ? 12.859  6.850   7.708   1.00 20.65 ? 153 ASP B N   1 
ATOM   861  C  CA  . ASP B 1 32 ? 13.108  5.866   8.768   1.00 21.73 ? 153 ASP B CA  1 
ATOM   862  C  C   . ASP B 1 32 ? 14.169  4.843   8.406   1.00 22.65 ? 153 ASP B C   1 
ATOM   863  O  O   . ASP B 1 32 ? 15.041  4.561   9.249   1.00 22.26 ? 153 ASP B O   1 
ATOM   864  C  CB  . ASP B 1 32 ? 11.834  5.140   9.250   1.00 20.08 ? 153 ASP B CB  1 
ATOM   865  C  CG  . ASP B 1 32 ? 10.770  6.103   9.714   1.00 23.42 ? 153 ASP B CG  1 
ATOM   866  O  OD1 . ASP B 1 32 ? 10.495  6.297   10.928  1.00 23.90 ? 153 ASP B OD1 1 
ATOM   867  O  OD2 . ASP B 1 32 ? 10.228  6.719   8.820   1.00 25.90 ? 153 ASP B OD2 1 
ATOM   868  N  N   . ASP B 1 33 ? 14.069  4.281   7.185   1.00 21.75 ? 154 ASP B N   1 
ATOM   869  C  CA  . ASP B 1 33 ? 15.029  3.247   6.697   1.00 21.69 ? 154 ASP B CA  1 
ATOM   870  C  C   . ASP B 1 33 ? 16.310  3.828   6.128   1.00 21.56 ? 154 ASP B C   1 
ATOM   871  O  O   . ASP B 1 33 ? 17.230  3.051   5.814   1.00 19.69 ? 154 ASP B O   1 
ATOM   872  C  CB  . ASP B 1 33 ? 14.383  2.383   5.604   1.00 22.34 ? 154 ASP B CB  1 
ATOM   873  C  CG  . ASP B 1 33 ? 13.280  1.479   6.141   1.00 24.63 ? 154 ASP B CG  1 
ATOM   874  O  OD1 . ASP B 1 33 ? 13.200  1.274   7.342   1.00 26.97 ? 154 ASP B OD1 1 
ATOM   875  O  OD2 . ASP B 1 33 ? 12.485  0.951   5.344   1.00 32.87 ? 154 ASP B OD2 1 
ATOM   876  N  N   . LYS B 1 34 ? 16.385  5.174   5.995   1.00 20.00 ? 155 LYS B N   1 
ATOM   877  C  CA  . LYS B 1 34 ? 17.558  5.854   5.433   1.00 19.98 ? 155 LYS B CA  1 
ATOM   878  C  C   . LYS B 1 34 ? 17.989  5.291   4.036   1.00 20.50 ? 155 LYS B C   1 
ATOM   879  O  O   . LYS B 1 34 ? 19.158  4.917   3.789   1.00 20.86 ? 155 LYS B O   1 
ATOM   880  C  CB  . LYS B 1 34 ? 18.744  5.894   6.451   1.00 21.79 ? 155 LYS B CB  1 
ATOM   881  C  CG  . LYS B 1 34 ? 18.481  6.633   7.830   1.00 22.39 ? 155 LYS B CG  1 
ATOM   882  C  CD  . LYS B 1 34 ? 18.124  8.112   7.622   1.00 26.28 ? 155 LYS B CD  1 
ATOM   883  C  CE  . LYS B 1 34 ? 18.216  8.964   8.938   1.00 25.39 ? 155 LYS B CE  1 
ATOM   884  N  NZ  . LYS B 1 34 ? 17.400  8.337   10.021  1.00 31.32 ? 155 LYS B NZ  1 
ATOM   885  N  N   . THR B 1 35 ? 17.055  5.280   3.083   1.00 18.43 ? 156 THR B N   1 
ATOM   886  C  CA  . THR B 1 35 ? 17.309  4.682   1.798   1.00 17.79 ? 156 THR B CA  1 
ATOM   887  C  C   . THR B 1 35 ? 17.580  5.826   0.804   1.00 19.36 ? 156 THR B C   1 
ATOM   888  O  O   . THR B 1 35 ? 16.766  6.747   0.650   1.00 17.94 ? 156 THR B O   1 
ATOM   889  C  CB  . THR B 1 35 ? 16.085  3.810   1.334   1.00 17.47 ? 156 THR B CB  1 
ATOM   890  O  OG1 . THR B 1 35 ? 15.685  2.924   2.403   1.00 16.65 ? 156 THR B OG1 1 
ATOM   891  C  CG2 . THR B 1 35 ? 16.374  3.061   0.032   1.00 16.77 ? 156 THR B CG2 1 
ATOM   892  N  N   . ASP B 1 36 ? 18.709  5.751   0.108   1.00 19.68 ? 157 ASP B N   1 
ATOM   893  C  CA  . ASP B 1 36 ? 18.990  6.703   -0.987  1.00 22.68 ? 157 ASP B CA  1 
ATOM   894  C  C   . ASP B 1 36 ? 17.889  6.646   -2.046  1.00 22.28 ? 157 ASP B C   1 
ATOM   895  O  O   . ASP B 1 36 ? 17.532  5.553   -2.530  1.00 22.80 ? 157 ASP B O   1 
ATOM   896  C  CB  . ASP B 1 36 ? 20.375  6.388   -1.614  1.00 23.55 ? 157 ASP B CB  1 
ATOM   897  C  CG  . ASP B 1 36 ? 20.903  7.492   -2.497  1.00 29.90 ? 157 ASP B CG  1 
ATOM   898  O  OD1 . ASP B 1 36 ? 20.162  8.067   -3.311  1.00 31.41 ? 157 ASP B OD1 1 
ATOM   899  O  OD2 . ASP B 1 36 ? 22.123  7.790   -2.394  1.00 40.93 ? 157 ASP B OD2 1 
ATOM   900  N  N   . PRO B 1 37 ? 17.330  7.823   -2.402  1.00 24.19 ? 158 PRO B N   1 
ATOM   901  C  CA  . PRO B 1 37 ? 16.275  7.899   -3.419  1.00 22.17 ? 158 PRO B CA  1 
ATOM   902  C  C   . PRO B 1 37 ? 16.699  7.320   -4.762  1.00 21.67 ? 158 PRO B C   1 
ATOM   903  O  O   . PRO B 1 37 ? 15.853  6.886   -5.538  1.00 20.13 ? 158 PRO B O   1 
ATOM   904  C  CB  . PRO B 1 37 ? 16.012  9.409   -3.549  1.00 23.31 ? 158 PRO B CB  1 
ATOM   905  C  CG  . PRO B 1 37 ? 16.447  9.990   -2.224  1.00 24.28 ? 158 PRO B CG  1 
ATOM   906  C  CD  . PRO B 1 37 ? 17.684  9.181   -1.868  1.00 23.38 ? 158 PRO B CD  1 
ATOM   907  N  N   . ASP B 1 38 ? 17.996  7.304   -5.066  1.00 21.82 ? 159 ASP B N   1 
ATOM   908  C  CA  . ASP B 1 38 ? 18.471  6.625   -6.274  1.00 20.59 ? 159 ASP B CA  1 
ATOM   909  C  C   . ASP B 1 38 ? 18.386  5.091   -6.156  1.00 18.78 ? 159 ASP B C   1 
ATOM   910  O  O   . ASP B 1 38 ? 18.193  4.407   -7.151  1.00 16.98 ? 159 ASP B O   1 
ATOM   911  C  CB  . ASP B 1 38 ? 19.894  7.039   -6.634  1.00 23.50 ? 159 ASP B CB  1 
ATOM   912  C  CG  . ASP B 1 38 ? 19.978  8.440   -7.337  1.00 31.87 ? 159 ASP B CG  1 
ATOM   913  O  OD1 . ASP B 1 38 ? 19.071  8.823   -8.174  1.00 38.79 ? 159 ASP B OD1 1 
ATOM   914  O  OD2 . ASP B 1 38 ? 20.983  9.145   -7.037  1.00 37.90 ? 159 ASP B OD2 1 
ATOM   915  N  N   . LEU B 1 39 ? 18.489  4.535   -4.955  1.00 16.09 ? 160 LEU B N   1 
ATOM   916  C  CA  . LEU B 1 39 ? 18.282  3.104   -4.862  1.00 16.50 ? 160 LEU B CA  1 
ATOM   917  C  C   . LEU B 1 39 ? 16.779  2.743   -5.017  1.00 15.60 ? 160 LEU B C   1 
ATOM   918  O  O   . LEU B 1 39 ? 16.426  1.676   -5.542  1.00 15.03 ? 160 LEU B O   1 
ATOM   919  C  CB  . LEU B 1 39 ? 18.905  2.516   -3.561  1.00 16.03 ? 160 LEU B CB  1 
ATOM   920  C  CG  . LEU B 1 39 ? 18.958  0.999   -3.410  1.00 15.73 ? 160 LEU B CG  1 
ATOM   921  C  CD1 . LEU B 1 39 ? 20.181  0.484   -4.279  1.00 18.45 ? 160 LEU B CD1 1 
ATOM   922  C  CD2 . LEU B 1 39 ? 19.148  0.488   -1.945  1.00 18.17 ? 160 LEU B CD2 1 
ATOM   923  N  N   . VAL B 1 40 ? 15.920  3.597   -4.474  1.00 14.92 ? 161 VAL B N   1 
ATOM   924  C  CA  . VAL B 1 40 ? 14.488  3.455   -4.678  1.00 14.78 ? 161 VAL B CA  1 
ATOM   925  C  C   . VAL B 1 40 ? 14.211  3.454   -6.177  1.00 16.51 ? 161 VAL B C   1 
ATOM   926  O  O   . VAL B 1 40 ? 13.477  2.567   -6.669  1.00 16.38 ? 161 VAL B O   1 
ATOM   927  C  CB  . VAL B 1 40 ? 13.695  4.517   -3.934  1.00 14.75 ? 161 VAL B CB  1 
ATOM   928  C  CG1 . VAL B 1 40 ? 12.223  4.352   -4.222  1.00 16.16 ? 161 VAL B CG1 1 
ATOM   929  C  CG2 . VAL B 1 40 ? 13.932  4.358   -2.300  1.00 10.40 ? 161 VAL B CG2 1 
ATOM   930  N  N   . ARG B 1 41 ? 14.791  4.425   -6.912  1.00 15.11 ? 162 ARG B N   1 
ATOM   931  C  CA  . ARG B 1 41 ? 14.589  4.507   -8.345  1.00 15.98 ? 162 ARG B CA  1 
ATOM   932  C  C   . ARG B 1 41 ? 14.984  3.179   -9.024  1.00 15.72 ? 162 ARG B C   1 
ATOM   933  O  O   . ARG B 1 41 ? 14.215  2.658   -9.856  1.00 13.42 ? 162 ARG B O   1 
ATOM   934  C  CB  . ARG B 1 41 ? 15.376  5.701   -8.987  1.00 16.18 ? 162 ARG B CB  1 
ATOM   935  C  CG  . ARG B 1 41 ? 15.211  5.775   -10.507 1.00 16.56 ? 162 ARG B CG  1 
ATOM   936  C  CD  . ARG B 1 41 ? 15.936  7.008   -11.130 1.00 20.28 ? 162 ARG B CD  1 
ATOM   937  N  NE  . ARG B 1 41 ? 15.777  8.254   -10.366 1.00 21.74 ? 162 ARG B NE  1 
ATOM   938  C  CZ  . ARG B 1 41 ? 14.840  9.155   -10.563 1.00 24.32 ? 162 ARG B CZ  1 
ATOM   939  N  NH1 . ARG B 1 41 ? 13.967  9.004   -11.579 1.00 25.82 ? 162 ARG B NH1 1 
ATOM   940  N  NH2 . ARG B 1 41 ? 14.809  10.261  -9.787  1.00 24.51 ? 162 ARG B NH2 1 
ATOM   941  N  N   . SER B 1 42 ? 16.173  2.637   -8.710  1.00 14.12 ? 163 SER B N   1 
ATOM   942  C  CA  . SER B 1 42 ? 16.499  1.356   -9.281  1.00 16.02 ? 163 SER B CA  1 
ATOM   943  C  C   . SER B 1 42 ? 15.611  0.166   -8.856  1.00 15.01 ? 163 SER B C   1 
ATOM   944  O  O   . SER B 1 42 ? 15.482  -0.781  -9.621  1.00 15.17 ? 163 SER B O   1 
ATOM   945  C  CB  . SER B 1 42 ? 17.926  1.025   -9.055  1.00 17.05 ? 163 SER B CB  1 
ATOM   946  O  OG  . SER B 1 42 ? 17.977  0.532   -7.794  1.00 25.73 ? 163 SER B OG  1 
ATOM   947  N  N   . ALA B 1 43 ? 14.985  0.189   -7.671  1.00 14.56 ? 164 ALA B N   1 
ATOM   948  C  CA  . ALA B 1 43 ? 13.976  -0.877  -7.305  1.00 12.73 ? 164 ALA B CA  1 
ATOM   949  C  C   . ALA B 1 43 ? 12.737  -0.709  -8.174  1.00 10.96 ? 164 ALA B C   1 
ATOM   950  O  O   . ALA B 1 43 ? 12.148  -1.690  -8.592  1.00 9.74  ? 164 ALA B O   1 
ATOM   951  C  CB  . ALA B 1 43 ? 13.591  -0.781  -5.866  1.00 12.77 ? 164 ALA B CB  1 
ATOM   952  N  N   . LEU B 1 44 ? 12.376  0.532   -8.513  1.00 10.11 ? 165 LEU B N   1 
ATOM   953  C  CA  . LEU B 1 44 ? 11.233  0.798   -9.476  1.00 12.35 ? 165 LEU B CA  1 
ATOM   954  C  C   . LEU B 1 44 ? 11.505  0.217   -10.869 1.00 12.88 ? 165 LEU B C   1 
ATOM   955  O  O   . LEU B 1 44 ? 10.646  -0.414  -11.462 1.00 12.25 ? 165 LEU B O   1 
ATOM   956  C  CB  . LEU B 1 44 ? 10.911  2.322   -9.606  1.00 12.58 ? 165 LEU B CB  1 
ATOM   957  C  CG  . LEU B 1 44 ? 10.663  3.081   -8.285  1.00 13.36 ? 165 LEU B CG  1 
ATOM   958  C  CD1 . LEU B 1 44 ? 10.613  4.590   -8.455  1.00 14.70 ? 165 LEU B CD1 1 
ATOM   959  C  CD2 . LEU B 1 44 ? 9.435   2.585   -7.477  1.00 13.86 ? 165 LEU B CD2 1 
ATOM   960  N  N   . ARG B 1 45 ? 12.723  0.428   -11.381 1.00 13.93 ? 166 ARG B N   1 
ATOM   961  C  CA  . ARG B 1 45 ? 13.200  -0.202  -12.626 1.00 13.55 ? 166 ARG B CA  1 
ATOM   962  C  C   . ARG B 1 45 ? 13.225  -1.690  -12.627 1.00 11.86 ? 166 ARG B C   1 
ATOM   963  O  O   . ARG B 1 45 ? 12.796  -2.304  -13.587 1.00 14.10 ? 166 ARG B O   1 
ATOM   964  C  CB  . ARG B 1 45 ? 14.601  0.340   -13.013 1.00 12.87 ? 166 ARG B CB  1 
ATOM   965  C  CG  . ARG B 1 45 ? 14.433  1.841   -13.435 1.00 16.01 ? 166 ARG B CG  1 
ATOM   966  C  CD  . ARG B 1 45 ? 15.747  2.583   -13.550 1.00 13.76 ? 166 ARG B CD  1 
ATOM   967  N  NE  . ARG B 1 45 ? 15.429  3.937   -14.036 1.00 17.02 ? 166 ARG B NE  1 
ATOM   968  C  CZ  . ARG B 1 45 ? 16.335  4.836   -14.447 1.00 19.12 ? 166 ARG B CZ  1 
ATOM   969  N  NH1 . ARG B 1 45 ? 17.632  4.528   -14.431 1.00 20.21 ? 166 ARG B NH1 1 
ATOM   970  N  NH2 . ARG B 1 45 ? 15.930  6.037   -14.872 1.00 16.85 ? 166 ARG B NH2 1 
ATOM   971  N  N   . GLU B 1 46 ? 13.744  -2.287  -11.574 1.00 11.61 ? 167 GLU B N   1 
ATOM   972  C  CA  . GLU B 1 46 ? 13.636  -3.746  -11.390 1.00 12.10 ? 167 GLU B CA  1 
ATOM   973  C  C   . GLU B 1 46 ? 12.199  -4.277  -11.386 1.00 12.52 ? 167 GLU B C   1 
ATOM   974  O  O   . GLU B 1 46 ? 11.904  -5.326  -12.001 1.00 13.26 ? 167 GLU B O   1 
ATOM   975  C  CB  . GLU B 1 46 ? 14.390  -4.165  -10.113 1.00 12.79 ? 167 GLU B CB  1 
ATOM   976  C  CG  . GLU B 1 46 ? 14.387  -5.694  -9.757  1.00 13.43 ? 167 GLU B CG  1 
ATOM   977  C  CD  . GLU B 1 46 ? 15.177  -6.549  -10.705 1.00 18.79 ? 167 GLU B CD  1 
ATOM   978  O  OE1 . GLU B 1 46 ? 15.839  -6.004  -11.574 1.00 21.26 ? 167 GLU B OE1 1 
ATOM   979  O  OE2 . GLU B 1 46 ? 15.116  -7.778  -10.597 1.00 22.91 ? 167 GLU B OE2 1 
ATOM   980  N  N   . ALA B 1 47 ? 11.300  -3.584  -10.679 1.00 11.33 ? 168 ALA B N   1 
ATOM   981  C  CA  . ALA B 1 47 ? 9.873   -3.982  -10.662 1.00 11.49 ? 168 ALA B CA  1 
ATOM   982  C  C   . ALA B 1 47 ? 9.284   -3.959  -12.109 1.00 12.48 ? 168 ALA B C   1 
ATOM   983  O  O   . ALA B 1 47 ? 8.572   -4.885  -12.505 1.00 13.27 ? 168 ALA B O   1 
ATOM   984  C  CB  . ALA B 1 47 ? 9.086   -3.015  -9.729  1.00 8.83  ? 168 ALA B CB  1 
ATOM   985  N  N   . VAL B 1 48 ? 9.537   -2.857  -12.834 1.00 12.40 ? 169 VAL B N   1 
ATOM   986  C  CA  . VAL B 1 48 ? 9.155   -2.682  -14.263 1.00 12.54 ? 169 VAL B CA  1 
ATOM   987  C  C   . VAL B 1 48 ? 9.737   -3.841  -15.151 1.00 12.33 ? 169 VAL B C   1 
ATOM   988  O  O   . VAL B 1 48 ? 8.965   -4.544  -15.856 1.00 13.85 ? 169 VAL B O   1 
ATOM   989  C  CB  . VAL B 1 48 ? 9.543   -1.301  -14.834 1.00 12.48 ? 169 VAL B CB  1 
ATOM   990  C  CG1 . VAL B 1 48 ? 9.183   -1.235  -16.373 1.00 12.67 ? 169 VAL B CG1 1 
ATOM   991  C  CG2 . VAL B 1 48 ? 8.776   -0.170  -14.120 1.00 13.91 ? 169 VAL B CG2 1 
ATOM   992  N  N   . PHE B 1 49 ? 11.045  -4.057  -15.044 1.00 13.38 ? 170 PHE B N   1 
ATOM   993  C  CA  . PHE B 1 49 ? 11.752  -5.153  -15.704 1.00 13.65 ? 170 PHE B CA  1 
ATOM   994  C  C   . PHE B 1 49 ? 11.047  -6.497  -15.502 1.00 15.85 ? 170 PHE B C   1 
ATOM   995  O  O   . PHE B 1 49 ? 11.087  -7.340  -16.411 1.00 17.11 ? 170 PHE B O   1 
ATOM   996  C  CB  . PHE B 1 49 ? 13.193  -5.254  -15.205 1.00 12.22 ? 170 PHE B CB  1 
ATOM   997  C  CG  . PHE B 1 49 ? 14.081  -6.200  -16.020 1.00 14.39 ? 170 PHE B CG  1 
ATOM   998  C  CD1 . PHE B 1 49 ? 14.257  -6.008  -17.426 1.00 16.08 ? 170 PHE B CD1 1 
ATOM   999  C  CD2 . PHE B 1 49 ? 14.750  -7.258  -15.398 1.00 15.71 ? 170 PHE B CD2 1 
ATOM   1000 C  CE1 . PHE B 1 49 ? 15.101  -6.862  -18.181 1.00 13.63 ? 170 PHE B CE1 1 
ATOM   1001 C  CE2 . PHE B 1 49 ? 15.580  -8.135  -16.133 1.00 15.60 ? 170 PHE B CE2 1 
ATOM   1002 C  CZ  . PHE B 1 49 ? 15.780  -7.907  -17.539 1.00 15.72 ? 170 PHE B CZ  1 
ATOM   1003 N  N   . ASN B 1 50 ? 10.495  -6.737  -14.289 1.00 14.90 ? 171 ASN B N   1 
ATOM   1004 C  CA  . ASN B 1 50 ? 9.797   -7.982  -13.959 1.00 15.41 ? 171 ASN B CA  1 
ATOM   1005 C  C   . ASN B 1 50 ? 8.299   -8.013  -14.242 1.00 15.10 ? 171 ASN B C   1 
ATOM   1006 O  O   . ASN B 1 50 ? 7.657   -9.065  -13.993 1.00 13.96 ? 171 ASN B O   1 
ATOM   1007 C  CB  . ASN B 1 50 ? 10.026  -8.354  -12.476 1.00 15.48 ? 171 ASN B CB  1 
ATOM   1008 C  CG  . ASN B 1 50 ? 11.427  -8.827  -12.236 1.00 19.62 ? 171 ASN B CG  1 
ATOM   1009 O  OD1 . ASN B 1 50 ? 12.298  -8.080  -11.833 1.00 26.17 ? 171 ASN B OD1 1 
ATOM   1010 N  ND2 . ASN B 1 50 ? 11.665  -10.025 -12.576 1.00 20.29 ? 171 ASN B ND2 1 
ATOM   1011 N  N   . GLY B 1 51 ? 7.785   -6.882  -14.729 1.00 14.48 ? 172 GLY B N   1 
ATOM   1012 C  CA  . GLY B 1 51 ? 6.388   -6.656  -15.046 1.00 15.68 ? 172 GLY B CA  1 
ATOM   1013 C  C   . GLY B 1 51 ? 5.505   -6.631  -13.807 1.00 16.69 ? 172 GLY B C   1 
ATOM   1014 O  O   . GLY B 1 51 ? 4.332   -6.954  -13.903 1.00 16.57 ? 172 GLY B O   1 
ATOM   1015 N  N   . LYS B 1 52 ? 6.050   -6.272  -12.636 1.00 17.47 ? 173 LYS B N   1 
ATOM   1016 C  CA  . LYS B 1 52 ? 5.282   -6.353  -11.358 1.00 18.55 ? 173 LYS B CA  1 
ATOM   1017 C  C   . LYS B 1 52 ? 5.539   -5.087  -10.608 1.00 16.88 ? 173 LYS B C   1 
ATOM   1018 O  O   . LYS B 1 52 ? 6.534   -4.996  -9.900  1.00 17.35 ? 173 LYS B O   1 
ATOM   1019 C  CB  . LYS B 1 52 ? 5.808   -7.495  -10.447 1.00 19.95 ? 173 LYS B CB  1 
ATOM   1020 C  CG  . LYS B 1 52 ? 5.670   -8.975  -10.906 1.00 21.85 ? 173 LYS B CG  1 
ATOM   1021 C  CD  . LYS B 1 52 ? 6.564   -9.869  -9.950  1.00 22.76 ? 173 LYS B CD  1 
ATOM   1022 C  CE  . LYS B 1 52 ? 6.437   -11.385 -10.134 1.00 29.48 ? 173 LYS B CE  1 
ATOM   1023 N  NZ  . LYS B 1 52 ? 7.614   -12.105 -9.423  1.00 31.15 ? 173 LYS B NZ  1 
ATOM   1024 N  N   . THR B 1 53 ? 4.702   -4.089  -10.795 1.00 16.08 ? 174 THR B N   1 
ATOM   1025 C  CA  . THR B 1 53 ? 5.005   -2.776  -10.274 1.00 17.76 ? 174 THR B CA  1 
ATOM   1026 C  C   . THR B 1 53 ? 4.154   -2.437  -9.050  1.00 16.85 ? 174 THR B C   1 
ATOM   1027 O  O   . THR B 1 53 ? 3.981   -1.273  -8.700  1.00 18.45 ? 174 THR B O   1 
ATOM   1028 C  CB  . THR B 1 53 ? 4.846   -1.671  -11.329 1.00 18.47 ? 174 THR B CB  1 
ATOM   1029 O  OG1 . THR B 1 53 ? 3.512   -1.715  -11.855 1.00 21.09 ? 174 THR B OG1 1 
ATOM   1030 C  CG2 . THR B 1 53 ? 5.866   -1.843  -12.494 1.00 19.27 ? 174 THR B CG2 1 
ATOM   1031 N  N   . ASN B 1 54 ? 3.658   -3.441  -8.368  1.00 15.99 ? 175 ASN B N   1 
ATOM   1032 C  CA  . ASN B 1 54 ? 2.927   -3.139  -7.163  1.00 16.45 ? 175 ASN B CA  1 
ATOM   1033 C  C   . ASN B 1 54 ? 3.934   -2.832  -6.055  1.00 14.84 ? 175 ASN B C   1 
ATOM   1034 O  O   . ASN B 1 54 ? 5.121   -3.207  -6.106  1.00 13.43 ? 175 ASN B O   1 
ATOM   1035 C  CB  . ASN B 1 54 ? 1.998   -4.282  -6.763  1.00 14.76 ? 175 ASN B CB  1 
ATOM   1036 C  CG  . ASN B 1 54 ? 2.762   -5.613  -6.557  1.00 18.96 ? 175 ASN B CG  1 
ATOM   1037 O  OD1 . ASN B 1 54 ? 2.968   -6.356  -7.513  1.00 19.43 ? 175 ASN B OD1 1 
ATOM   1038 N  ND2 . ASN B 1 54 ? 3.158   -5.915  -5.341  1.00 16.17 ? 175 ASN B ND2 1 
ATOM   1039 N  N   . TRP B 1 55 ? 3.448   -2.140  -5.050  1.00 14.16 ? 176 TRP B N   1 
ATOM   1040 C  CA  . TRP B 1 55 ? 4.281   -1.623  -3.986  1.00 12.34 ? 176 TRP B CA  1 
ATOM   1041 C  C   . TRP B 1 55 ? 4.920   -2.703  -3.134  1.00 13.48 ? 176 TRP B C   1 
ATOM   1042 O  O   . TRP B 1 55 ? 6.072   -2.564  -2.709  1.00 12.58 ? 176 TRP B O   1 
ATOM   1043 C  CB  . TRP B 1 55 ? 3.464   -0.654  -3.090  1.00 11.94 ? 176 TRP B CB  1 
ATOM   1044 C  CG  . TRP B 1 55 ? 4.380   0.210   -2.219  1.00 12.15 ? 176 TRP B CG  1 
ATOM   1045 C  CD1 . TRP B 1 55 ? 4.591   0.117   -0.880  1.00 14.06 ? 176 TRP B CD1 1 
ATOM   1046 C  CD2 . TRP B 1 55 ? 5.240   1.263   -2.696  1.00 11.92 ? 176 TRP B CD2 1 
ATOM   1047 N  NE1 . TRP B 1 55 ? 5.499   1.085   -0.480  1.00 12.04 ? 176 TRP B NE1 1 
ATOM   1048 C  CE2 . TRP B 1 55 ? 5.923   1.788   -1.575  1.00 11.83 ? 176 TRP B CE2 1 
ATOM   1049 C  CE3 . TRP B 1 55 ? 5.482   1.805   -3.969  1.00 9.19  ? 176 TRP B CE3 1 
ATOM   1050 C  CZ2 . TRP B 1 55 ? 6.863   2.818   -1.675  1.00 12.08 ? 176 TRP B CZ2 1 
ATOM   1051 C  CZ3 . TRP B 1 55 ? 6.403   2.905   -4.061  1.00 14.47 ? 176 TRP B CZ3 1 
ATOM   1052 C  CH2 . TRP B 1 55 ? 7.075   3.367   -2.920  1.00 12.23 ? 176 TRP B CH2 1 
ATOM   1053 N  N   . ASN B 1 56 ? 4.214   -3.802  -2.840  1.00 13.61 ? 177 ASN B N   1 
ATOM   1054 C  CA  . ASN B 1 56 ? 4.813   -4.852  -2.035  1.00 13.29 ? 177 ASN B CA  1 
ATOM   1055 C  C   . ASN B 1 56 ? 6.043   -5.489  -2.759  1.00 13.85 ? 177 ASN B C   1 
ATOM   1056 O  O   . ASN B 1 56 ? 7.007   -5.939  -2.135  1.00 11.91 ? 177 ASN B O   1 
ATOM   1057 C  CB  . ASN B 1 56 ? 3.804   -6.005  -1.764  1.00 16.55 ? 177 ASN B CB  1 
ATOM   1058 C  CG  . ASN B 1 56 ? 2.901   -5.777  -0.565  1.00 20.15 ? 177 ASN B CG  1 
ATOM   1059 O  OD1 . ASN B 1 56 ? 3.186   -4.965  0.324   1.00 24.60 ? 177 ASN B OD1 1 
ATOM   1060 N  ND2 . ASN B 1 56 ? 1.784   -6.535  -0.532  1.00 22.59 ? 177 ASN B ND2 1 
ATOM   1061 N  N   . TYR B 1 57 ? 5.998   -5.573  -4.082  1.00 13.85 ? 178 TYR B N   1 
ATOM   1062 C  CA  . TYR B 1 57 ? 7.130   -6.160  -4.786  1.00 13.68 ? 178 TYR B CA  1 
ATOM   1063 C  C   . TYR B 1 57 ? 8.324   -5.140  -4.769  1.00 12.77 ? 178 TYR B C   1 
ATOM   1064 O  O   . TYR B 1 57 ? 9.440   -5.514  -4.441  1.00 13.65 ? 178 TYR B O   1 
ATOM   1065 C  CB  . TYR B 1 57 ? 6.739   -6.585  -6.188  1.00 14.75 ? 178 TYR B CB  1 
ATOM   1066 C  CG  . TYR B 1 57 ? 7.868   -7.293  -6.959  1.00 17.94 ? 178 TYR B CG  1 
ATOM   1067 C  CD1 . TYR B 1 57 ? 8.392   -8.510  -6.492  1.00 21.12 ? 178 TYR B CD1 1 
ATOM   1068 C  CD2 . TYR B 1 57 ? 8.386   -6.754  -8.127  1.00 16.98 ? 178 TYR B CD2 1 
ATOM   1069 C  CE1 . TYR B 1 57 ? 9.391   -9.197  -7.204  1.00 25.72 ? 178 TYR B CE1 1 
ATOM   1070 C  CE2 . TYR B 1 57 ? 9.423   -7.408  -8.854  1.00 19.23 ? 178 TYR B CE2 1 
ATOM   1071 C  CZ  . TYR B 1 57 ? 9.911   -8.617  -8.391  1.00 22.68 ? 178 TYR B CZ  1 
ATOM   1072 O  OH  . TYR B 1 57 ? 10.899  -9.299  -9.086  1.00 22.82 ? 178 TYR B OH  1 
ATOM   1073 N  N   . ILE B 1 58 ? 8.055   -3.857  -5.003  1.00 11.67 ? 179 ILE B N   1 
ATOM   1074 C  CA  . ILE B 1 58 ? 9.060   -2.836  -4.870  1.00 11.74 ? 179 ILE B CA  1 
ATOM   1075 C  C   . ILE B 1 58 ? 9.704   -2.885  -3.444  1.00 12.23 ? 179 ILE B C   1 
ATOM   1076 O  O   . ILE B 1 58 ? 10.953  -2.891  -3.312  1.00 11.17 ? 179 ILE B O   1 
ATOM   1077 C  CB  . ILE B 1 58 ? 8.454   -1.445  -5.099  1.00 11.50 ? 179 ILE B CB  1 
ATOM   1078 C  CG1 . ILE B 1 58 ? 8.058   -1.257  -6.575  1.00 12.74 ? 179 ILE B CG1 1 
ATOM   1079 C  CG2 . ILE B 1 58 ? 9.436   -0.270  -4.605  1.00 6.51  ? 179 ILE B CG2 1 
ATOM   1080 C  CD1 . ILE B 1 58 ? 6.939   -0.209  -6.739  1.00 12.50 ? 179 ILE B CD1 1 
ATOM   1081 N  N   . GLN B 1 59 ? 8.859   -2.970  -2.406  1.00 11.19 ? 180 GLN B N   1 
ATOM   1082 C  CA  . GLN B 1 59 ? 9.356   -3.105  -1.037  1.00 12.95 ? 180 GLN B CA  1 
ATOM   1083 C  C   . GLN B 1 59 ? 10.126  -4.359  -0.788  1.00 11.84 ? 180 GLN B C   1 
ATOM   1084 O  O   . GLN B 1 59 ? 11.171  -4.309  -0.119  1.00 10.70 ? 180 GLN B O   1 
ATOM   1085 C  CB  . GLN B 1 59 ? 8.243   -2.879  0.013   1.00 14.06 ? 180 GLN B CB  1 
ATOM   1086 C  CG  . GLN B 1 59 ? 7.771   -1.391  0.016   1.00 17.26 ? 180 GLN B CG  1 
ATOM   1087 C  CD  . GLN B 1 59 ? 8.837   -0.394  0.545   1.00 21.81 ? 180 GLN B CD  1 
ATOM   1088 O  OE1 . GLN B 1 59 ? 9.544   -0.706  1.452   1.00 20.30 ? 180 GLN B OE1 1 
ATOM   1089 N  NE2 . GLN B 1 59 ? 8.942   0.789   -0.065  1.00 19.02 ? 180 GLN B NE2 1 
ATOM   1090 N  N   . ALA B 1 60 ? 9.658   -5.503  -1.338  1.00 11.37 ? 181 ALA B N   1 
ATOM   1091 C  CA  . ALA B 1 60 ? 10.453  -6.721  -1.276  1.00 12.27 ? 181 ALA B CA  1 
ATOM   1092 C  C   . ALA B 1 60 ? 11.865  -6.612  -1.839  1.00 12.44 ? 181 ALA B C   1 
ATOM   1093 O  O   . ALA B 1 60 ? 12.839  -7.113  -1.245  1.00 12.79 ? 181 ALA B O   1 
ATOM   1094 C  CB  . ALA B 1 60 ? 9.701   -7.937  -1.933  1.00 13.96 ? 181 ALA B CB  1 
ATOM   1095 N  N   . ILE B 1 61 ? 11.964  -5.980  -3.003  1.00 12.76 ? 182 ILE B N   1 
ATOM   1096 C  CA  . ILE B 1 61 ? 13.230  -5.798  -3.671  1.00 10.72 ? 182 ILE B CA  1 
ATOM   1097 C  C   . ILE B 1 61 ? 14.139  -4.968  -2.752  1.00 10.33 ? 182 ILE B C   1 
ATOM   1098 O  O   . ILE B 1 61 ? 15.290  -5.358  -2.505  1.00 11.41 ? 182 ILE B O   1 
ATOM   1099 C  CB  . ILE B 1 61 ? 13.061  -5.050  -4.996  1.00 9.68  ? 182 ILE B CB  1 
ATOM   1100 C  CG1 . ILE B 1 61 ? 12.437  -5.987  -6.063  1.00 12.87 ? 182 ILE B CG1 1 
ATOM   1101 C  CG2 . ILE B 1 61 ? 14.466  -4.513  -5.489  1.00 9.67  ? 182 ILE B CG2 1 
ATOM   1102 C  CD1 . ILE B 1 61 ? 11.765  -5.198  -7.163  1.00 11.34 ? 182 ILE B CD1 1 
ATOM   1103 N  N   . LEU B 1 62 ? 13.634  -3.835  -2.247  1.00 9.62  ? 183 LEU B N   1 
ATOM   1104 C  CA  . LEU B 1 62 ? 14.440  -2.950  -1.382  1.00 11.00 ? 183 LEU B CA  1 
ATOM   1105 C  C   . LEU B 1 62 ? 14.906  -3.661  -0.115  1.00 11.12 ? 183 LEU B C   1 
ATOM   1106 O  O   . LEU B 1 62 ? 16.036  -3.486  0.357   1.00 11.42 ? 183 LEU B O   1 
ATOM   1107 C  CB  . LEU B 1 62 ? 13.607  -1.668  -1.012  1.00 9.84  ? 183 LEU B CB  1 
ATOM   1108 C  CG  . LEU B 1 62 ? 13.462  -0.625  -2.161  1.00 12.15 ? 183 LEU B CG  1 
ATOM   1109 C  CD1 . LEU B 1 62 ? 12.479  0.532   -1.776  1.00 9.91  ? 183 LEU B CD1 1 
ATOM   1110 C  CD2 . LEU B 1 62 ? 14.891  0.012   -2.501  1.00 9.42  ? 183 LEU B CD2 1 
ATOM   1111 N  N   . ARG B 1 63 ? 13.990  -4.391  0.499   1.00 12.39 ? 184 ARG B N   1 
ATOM   1112 C  CA  . ARG B 1 63 ? 14.321  -5.128  1.699   1.00 14.89 ? 184 ARG B CA  1 
ATOM   1113 C  C   . ARG B 1 63 ? 15.418  -6.186  1.433   1.00 14.76 ? 184 ARG B C   1 
ATOM   1114 O  O   . ARG B 1 63 ? 16.336  -6.353  2.260   1.00 14.01 ? 184 ARG B O   1 
ATOM   1115 C  CB  . ARG B 1 63 ? 13.042  -5.823  2.170   1.00 16.61 ? 184 ARG B CB  1 
ATOM   1116 C  CG  . ARG B 1 63 ? 12.932  -6.193  3.589   1.00 23.26 ? 184 ARG B CG  1 
ATOM   1117 C  CD  . ARG B 1 63 ? 11.393  -6.129  4.043   1.00 31.97 ? 184 ARG B CD  1 
ATOM   1118 N  NE  . ARG B 1 63 ? 10.584  -7.051  3.245   1.00 35.07 ? 184 ARG B NE  1 
ATOM   1119 C  CZ  . ARG B 1 63 ? 9.466   -6.755  2.574   1.00 33.83 ? 184 ARG B CZ  1 
ATOM   1120 N  NH1 . ARG B 1 63 ? 8.913   -5.553  2.642   1.00 34.82 ? 184 ARG B NH1 1 
ATOM   1121 N  NH2 . ARG B 1 63 ? 8.891   -7.693  1.833   1.00 30.91 ? 184 ARG B NH2 1 
ATOM   1122 N  N   . ASN B 1 64 ? 15.314  -6.931  0.323   1.00 13.42 ? 185 ASN B N   1 
ATOM   1123 C  CA  . ASN B 1 64 ? 16.389  -7.892  -0.019  1.00 13.46 ? 185 ASN B CA  1 
ATOM   1124 C  C   . ASN B 1 64 ? 17.738  -7.162  -0.244  1.00 13.40 ? 185 ASN B C   1 
ATOM   1125 O  O   . ASN B 1 64 ? 18.741  -7.635  0.257   1.00 12.78 ? 185 ASN B O   1 
ATOM   1126 C  CB  . ASN B 1 64 ? 16.106  -8.701  -1.288  1.00 14.25 ? 185 ASN B CB  1 
ATOM   1127 C  CG  . ASN B 1 64 ? 17.149  -9.802  -1.516  1.00 17.30 ? 185 ASN B CG  1 
ATOM   1128 O  OD1 . ASN B 1 64 ? 17.965  -9.695  -2.394  1.00 24.83 ? 185 ASN B OD1 1 
ATOM   1129 N  ND2 . ASN B 1 64 ? 17.136  -10.819 -0.691  1.00 22.96 ? 185 ASN B ND2 1 
ATOM   1130 N  N   . TRP B 1 65 ? 17.754  -6.010  -0.934  1.00 12.29 ? 186 TRP B N   1 
ATOM   1131 C  CA  . TRP B 1 65 ? 19.016  -5.300  -1.125  1.00 13.38 ? 186 TRP B CA  1 
ATOM   1132 C  C   . TRP B 1 65 ? 19.606  -4.888  0.249   1.00 13.91 ? 186 TRP B C   1 
ATOM   1133 O  O   . TRP B 1 65 ? 20.785  -4.982  0.460   1.00 13.00 ? 186 TRP B O   1 
ATOM   1134 C  CB  . TRP B 1 65 ? 18.857  -4.061  -2.031  1.00 13.61 ? 186 TRP B CB  1 
ATOM   1135 C  CG  . TRP B 1 65 ? 18.690  -4.405  -3.476  1.00 14.33 ? 186 TRP B CG  1 
ATOM   1136 C  CD1 . TRP B 1 65 ? 18.988  -5.609  -4.073  1.00 14.31 ? 186 TRP B CD1 1 
ATOM   1137 C  CD2 . TRP B 1 65 ? 18.187  -3.554  -4.526  1.00 13.41 ? 186 TRP B CD2 1 
ATOM   1138 N  NE1 . TRP B 1 65 ? 18.714  -5.566  -5.442  1.00 12.57 ? 186 TRP B NE1 1 
ATOM   1139 C  CE2 . TRP B 1 65 ? 18.174  -4.331  -5.732  1.00 14.96 ? 186 TRP B CE2 1 
ATOM   1140 C  CE3 . TRP B 1 65 ? 17.650  -2.249  -4.552  1.00 13.31 ? 186 TRP B CE3 1 
ATOM   1141 C  CZ2 . TRP B 1 65 ? 17.736  -3.801  -6.968  1.00 13.46 ? 186 TRP B CZ2 1 
ATOM   1142 C  CZ3 . TRP B 1 65 ? 17.268  -1.713  -5.782  1.00 12.49 ? 186 TRP B CZ3 1 
ATOM   1143 C  CH2 . TRP B 1 65 ? 17.312  -2.497  -6.977  1.00 14.62 ? 186 TRP B CH2 1 
ATOM   1144 N  N   . ARG B 1 66 ? 18.770  -4.381  1.156   1.00 14.06 ? 187 ARG B N   1 
ATOM   1145 C  CA  . ARG B 1 66 ? 19.218  -4.051  2.522   1.00 13.98 ? 187 ARG B CA  1 
ATOM   1146 C  C   . ARG B 1 66 ? 19.894  -5.218  3.270   1.00 12.14 ? 187 ARG B C   1 
ATOM   1147 O  O   . ARG B 1 66 ? 20.907  -4.990  3.922   1.00 12.01 ? 187 ARG B O   1 
ATOM   1148 C  CB  . ARG B 1 66 ? 18.037  -3.517  3.368   1.00 14.43 ? 187 ARG B CB  1 
ATOM   1149 C  CG  . ARG B 1 66 ? 18.368  -3.109  4.815   1.00 17.92 ? 187 ARG B CG  1 
ATOM   1150 C  CD  . ARG B 1 66 ? 19.421  -1.994  4.975   1.00 23.48 ? 187 ARG B CD  1 
ATOM   1151 N  NE  . ARG B 1 66 ? 19.150  -0.784  4.168   1.00 27.13 ? 187 ARG B NE  1 
ATOM   1152 C  CZ  . ARG B 1 66 ? 18.423  0.270   4.562   1.00 25.96 ? 187 ARG B CZ  1 
ATOM   1153 N  NH1 . ARG B 1 66 ? 17.858  0.320   5.763   1.00 30.36 ? 187 ARG B NH1 1 
ATOM   1154 N  NH2 . ARG B 1 66 ? 18.228  1.263   3.726   1.00 17.81 ? 187 ARG B NH2 1 
ATOM   1155 N  N   . HIS B 1 67 ? 19.273  -6.403  3.253   1.00 12.94 ? 188 HIS B N   1 
ATOM   1156 C  CA  . HIS B 1 67 ? 19.828  -7.676  3.776   1.00 14.35 ? 188 HIS B CA  1 
ATOM   1157 C  C   . HIS B 1 67 ? 21.212  -7.908  3.176   1.00 13.44 ? 188 HIS B C   1 
ATOM   1158 O  O   . HIS B 1 67 ? 22.140  -8.385  3.826   1.00 12.50 ? 188 HIS B O   1 
ATOM   1159 C  CB  . HIS B 1 67 ? 19.083  -8.922  3.233   1.00 16.38 ? 188 HIS B CB  1 
ATOM   1160 C  CG  . HIS B 1 67 ? 17.728  -9.232  3.795   1.00 27.06 ? 188 HIS B CG  1 
ATOM   1161 N  ND1 . HIS B 1 67 ? 17.270  -8.792  5.018   1.00 36.31 ? 188 HIS B ND1 1 
ATOM   1162 C  CD2 . HIS B 1 67 ? 16.761  -10.059 3.308   1.00 30.84 ? 188 HIS B CD2 1 
ATOM   1163 C  CE1 . HIS B 1 67 ? 16.052  -9.287  5.230   1.00 38.19 ? 188 HIS B CE1 1 
ATOM   1164 N  NE2 . HIS B 1 67 ? 15.717  -10.045 4.198   1.00 34.61 ? 188 HIS B NE2 1 
ATOM   1165 N  N   . GLU B 1 68 ? 21.308  -7.704  1.859   1.00 11.55 ? 189 GLU B N   1 
ATOM   1166 C  CA  . GLU B 1 68 ? 22.573  -7.923  1.161   1.00 11.86 ? 189 GLU B CA  1 
ATOM   1167 C  C   . GLU B 1 68 ? 23.626  -6.804  1.300   1.00 13.29 ? 189 GLU B C   1 
ATOM   1168 O  O   . GLU B 1 68 ? 24.688  -6.924  0.705   1.00 11.31 ? 189 GLU B O   1 
ATOM   1169 C  CB  . GLU B 1 68 ? 22.319  -8.198  -0.326  1.00 11.55 ? 189 GLU B CB  1 
ATOM   1170 C  CG  . GLU B 1 68 ? 21.473  -9.403  -0.589  1.00 11.04 ? 189 GLU B CG  1 
ATOM   1171 C  CD  . GLU B 1 68 ? 21.466  -9.699  -2.077  1.00 19.56 ? 189 GLU B CD  1 
ATOM   1172 O  OE1 . GLU B 1 68 ? 20.620  -9.125  -2.741  1.00 19.11 ? 189 GLU B OE1 1 
ATOM   1173 O  OE2 . GLU B 1 68 ? 22.403  -10.365 -2.589  1.00 26.36 ? 189 GLU B OE2 1 
ATOM   1174 N  N   . GLY B 1 69 ? 23.368  -5.756  2.111   1.00 12.47 ? 190 GLY B N   1 
ATOM   1175 C  CA  . GLY B 1 69 ? 24.360  -4.668  2.266   1.00 11.67 ? 190 GLY B CA  1 
ATOM   1176 C  C   . GLY B 1 69 ? 24.385  -3.736  1.073   1.00 13.71 ? 190 GLY B C   1 
ATOM   1177 O  O   . GLY B 1 69 ? 25.323  -2.952  0.891   1.00 13.59 ? 190 GLY B O   1 
ATOM   1178 N  N   . ILE B 1 70 ? 23.402  -3.877  0.177   1.00 15.47 ? 191 ILE B N   1 
ATOM   1179 C  CA  . ILE B 1 70 ? 23.388  -3.115  -1.091  1.00 16.13 ? 191 ILE B CA  1 
ATOM   1180 C  C   . ILE B 1 70 ? 22.694  -1.764  -0.746  1.00 18.77 ? 191 ILE B C   1 
ATOM   1181 O  O   . ILE B 1 70 ? 21.497  -1.729  -0.386  1.00 19.35 ? 191 ILE B O   1 
ATOM   1182 C  CB  . ILE B 1 70 ? 22.700  -3.932  -2.262  1.00 16.46 ? 191 ILE B CB  1 
ATOM   1183 C  CG1 . ILE B 1 70 ? 23.570  -5.141  -2.735  1.00 11.53 ? 191 ILE B CG1 1 
ATOM   1184 C  CG2 . ILE B 1 70 ? 22.296  -3.041  -3.447  1.00 13.04 ? 191 ILE B CG2 1 
ATOM   1185 C  CD1 . ILE B 1 70 ? 22.810  -6.129  -3.725  1.00 15.41 ? 191 ILE B CD1 1 
ATOM   1186 N  N   . SER B 1 71 ? 23.444  -0.662  -0.824  1.00 20.91 ? 192 SER B N   1 
ATOM   1187 C  CA  . SER B 1 71 ? 22.931  0.653   -0.441  1.00 22.70 ? 192 SER B CA  1 
ATOM   1188 C  C   . SER B 1 71 ? 22.986  1.734   -1.554  1.00 25.56 ? 192 SER B C   1 
ATOM   1189 O  O   . SER B 1 71 ? 22.339  2.764   -1.422  1.00 26.04 ? 192 SER B O   1 
ATOM   1190 C  CB  . SER B 1 71 ? 23.673  1.141   0.811   1.00 23.42 ? 192 SER B CB  1 
ATOM   1191 O  OG  . SER B 1 71 ? 25.008  1.474   0.471   1.00 25.16 ? 192 SER B OG  1 
ATOM   1192 N  N   . THR B 1 72 ? 23.741  1.481   -2.621  1.00 26.32 ? 193 THR B N   1 
ATOM   1193 C  CA  . THR B 1 72 ? 24.039  2.440   -3.670  1.00 29.64 ? 193 THR B CA  1 
ATOM   1194 C  C   . THR B 1 72 ? 23.846  1.768   -5.038  1.00 30.85 ? 193 THR B C   1 
ATOM   1195 O  O   . THR B 1 72 ? 23.888  0.526   -5.175  1.00 30.23 ? 193 THR B O   1 
ATOM   1196 C  CB  . THR B 1 72 ? 25.533  2.849   -3.701  1.00 29.84 ? 193 THR B CB  1 
ATOM   1197 O  OG1 . THR B 1 72 ? 26.300  1.739   -4.202  1.00 30.99 ? 193 THR B OG1 1 
ATOM   1198 C  CG2 . THR B 1 72 ? 26.090  3.270   -2.306  1.00 31.00 ? 193 THR B CG2 1 
ATOM   1199 N  N   . LEU B 1 73 ? 23.675  2.612   -6.046  1.00 33.03 ? 194 LEU B N   1 
ATOM   1200 C  CA  . LEU B 1 73 ? 23.488  2.228   -7.456  1.00 34.17 ? 194 LEU B CA  1 
ATOM   1201 C  C   . LEU B 1 73 ? 24.574  1.378   -8.056  1.00 34.54 ? 194 LEU B C   1 
ATOM   1202 O  O   . LEU B 1 73 ? 24.264  0.441   -8.780  1.00 35.11 ? 194 LEU B O   1 
ATOM   1203 C  CB  . LEU B 1 73 ? 23.301  3.483   -8.348  1.00 35.29 ? 194 LEU B CB  1 
ATOM   1204 C  CG  . LEU B 1 73 ? 21.901  4.108   -8.329  1.00 35.84 ? 194 LEU B CG  1 
ATOM   1205 C  CD1 . LEU B 1 73 ? 21.935  5.394   -9.179  1.00 38.20 ? 194 LEU B CD1 1 
ATOM   1206 C  CD2 . LEU B 1 73 ? 20.849  3.114   -8.846  1.00 36.26 ? 194 LEU B CD2 1 
ATOM   1207 N  N   . ARG B 1 74 ? 25.836  1.710   -7.808  1.00 35.26 ? 195 ARG B N   1 
ATOM   1208 C  CA  . ARG B 1 74 ? 26.931  0.914   -8.370  1.00 36.39 ? 195 ARG B CA  1 
ATOM   1209 C  C   . ARG B 1 74 ? 26.797  -0.560  -7.964  1.00 35.16 ? 195 ARG B C   1 
ATOM   1210 O  O   . ARG B 1 74 ? 27.008  -1.442  -8.802  1.00 34.06 ? 195 ARG B O   1 
ATOM   1211 C  CB  . ARG B 1 74 ? 28.327  1.479   -8.011  1.00 37.18 ? 195 ARG B CB  1 
ATOM   1212 C  CG  . ARG B 1 74 ? 28.531  2.965   -8.426  1.00 42.42 ? 195 ARG B CG  1 
ATOM   1213 C  CD  . ARG B 1 74 ? 28.542  3.899   -7.172  1.00 49.69 ? 195 ARG B CD  1 
ATOM   1214 N  NE  . ARG B 1 74 ? 28.131  5.288   -7.438  1.00 53.78 ? 195 ARG B NE  1 
ATOM   1215 C  CZ  . ARG B 1 74 ? 28.847  6.212   -8.094  1.00 55.64 ? 195 ARG B CZ  1 
ATOM   1216 N  NH1 . ARG B 1 74 ? 30.042  5.913   -8.610  1.00 57.60 ? 195 ARG B NH1 1 
ATOM   1217 N  NH2 . ARG B 1 74 ? 28.354  7.441   -8.266  1.00 54.88 ? 195 ARG B NH2 1 
ATOM   1218 N  N   . GLN B 1 75 ? 26.360  -0.803  -6.718  1.00 34.55 ? 196 GLN B N   1 
ATOM   1219 C  CA  . GLN B 1 75 ? 26.165  -2.178  -6.163  1.00 33.52 ? 196 GLN B CA  1 
ATOM   1220 C  C   . GLN B 1 75 ? 25.028  -2.928  -6.846  1.00 34.77 ? 196 GLN B C   1 
ATOM   1221 O  O   . GLN B 1 75 ? 25.129  -4.135  -7.092  1.00 33.87 ? 196 GLN B O   1 
ATOM   1222 C  CB  . GLN B 1 75 ? 25.963  -2.122  -4.663  1.00 33.34 ? 196 GLN B CB  1 
ATOM   1223 C  CG  . GLN B 1 75 ? 27.208  -1.641  -3.909  1.00 32.47 ? 196 GLN B CG  1 
ATOM   1224 C  CD  . GLN B 1 75 ? 26.929  -1.171  -2.489  1.00 33.23 ? 196 GLN B CD  1 
ATOM   1225 O  OE1 . GLN B 1 75 ? 25.875  -0.631  -2.190  1.00 38.90 ? 196 GLN B OE1 1 
ATOM   1226 N  NE2 . GLN B 1 75 ? 27.888  -1.330  -1.625  1.00 34.46 ? 196 GLN B NE2 1 
ATOM   1227 N  N   . VAL B 1 76 ? 23.966  -2.198  -7.190  1.00 34.96 ? 197 VAL B N   1 
ATOM   1228 C  CA  . VAL B 1 76 ? 22.917  -2.698  -8.051  1.00 37.46 ? 197 VAL B CA  1 
ATOM   1229 C  C   . VAL B 1 76 ? 23.459  -2.508  -9.475  1.00 39.81 ? 197 VAL B C   1 
ATOM   1230 O  O   . VAL B 1 76 ? 23.447  -1.380  -10.015 1.00 42.66 ? 197 VAL B O   1 
ATOM   1231 C  CB  . VAL B 1 76 ? 21.639  -1.823  -7.969  1.00 36.79 ? 197 VAL B CB  1 
ATOM   1232 C  CG1 . VAL B 1 76 ? 20.576  -2.352  -8.933  1.00 34.95 ? 197 VAL B CG1 1 
ATOM   1233 C  CG2 . VAL B 1 76 ? 21.135  -1.737  -6.565  1.00 35.84 ? 197 VAL B CG2 1 
ATOM   1234 N  N   . GLU B 1 77 ? 23.939  -3.564  -10.082 1.00 41.14 ? 198 GLU B N   1 
ATOM   1235 C  CA  . GLU B 1 77 ? 24.347  -3.510  -11.484 1.00 43.18 ? 198 GLU B CA  1 
ATOM   1236 C  C   . GLU B 1 77 ? 25.224  -4.660  -11.880 1.00 43.83 ? 198 GLU B C   1 
ATOM   1237 O  O   . GLU B 1 77 ? 25.202  -5.061  -13.034 1.00 44.49 ? 198 GLU B O   1 
ATOM   1238 C  CB  . GLU B 1 77 ? 25.028  -2.204  -11.867 1.00 42.48 ? 198 GLU B CB  1 
ATOM   1239 C  CG  . GLU B 1 77 ? 24.605  -1.792  -13.259 1.00 43.88 ? 198 GLU B CG  1 
ATOM   1240 C  CD  . GLU B 1 77 ? 25.417  -0.651  -13.779 1.00 45.84 ? 198 GLU B CD  1 
ATOM   1241 O  OE1 . GLU B 1 77 ? 25.309  0.457   -13.192 1.00 44.47 ? 198 GLU B OE1 1 
ATOM   1242 O  OE2 . GLU B 1 77 ? 26.186  -0.869  -14.750 1.00 46.75 ? 198 GLU B OE2 1 
ATOM   1243 N  N   . GLU B 1 78 ? 26.002  -5.147  -10.912 1.00 45.44 ? 199 GLU B N   1 
ATOM   1244 C  CA  . GLU B 1 78 ? 26.766  -6.400  -10.986 1.00 46.84 ? 199 GLU B CA  1 
ATOM   1245 C  C   . GLU B 1 78 ? 25.777  -7.612  -11.173 1.00 47.81 ? 199 GLU B C   1 
ATOM   1246 O  O   . GLU B 1 78 ? 26.008  -8.649  -11.855 1.00 46.99 ? 199 GLU B O   1 
ATOM   1247 C  CB  . GLU B 1 78 ? 27.665  -6.514  -9.723  1.00 47.14 ? 199 GLU B CB  1 
ATOM   1248 C  CG  . GLU B 1 78 ? 28.227  -5.113  -9.215  1.00 46.94 ? 199 GLU B CG  1 
ATOM   1249 C  CD  . GLU B 1 78 ? 29.389  -5.164  -8.158  1.00 47.83 ? 199 GLU B CD  1 
ATOM   1250 O  OE1 . GLU B 1 78 ? 30.575  -5.378  -8.537  1.00 52.44 ? 199 GLU B OE1 1 
ATOM   1251 O  OE2 . GLU B 1 78 ? 29.137  -4.918  -6.956  1.00 42.84 ? 199 GLU B OE2 1 
ATOM   1252 O  OXT . GLU B 1 78 ? 24.642  -7.561  -10.655 1.00 47.87 ? 199 GLU B OXT 1 
HETATM 1253 ZN ZN  . ZN  C 2 .  ? -22.229 -6.986  1.604   1.00 30.20 ? 501 ZN  A ZN  1 
HETATM 1254 ZN ZN  . ZN  D 2 .  ? -21.339 -8.003  10.215  0.50 28.97 ? 504 ZN  A ZN  1 
HETATM 1255 ZN ZN  . ZN  E 2 .  ? -7.825  7.168   11.527  0.50 27.70 ? 505 ZN  A ZN  1 
HETATM 1256 ZN ZN  . ZN  F 2 .  ? -7.260  8.821   4.174   0.50 43.18 ? 507 ZN  A ZN  1 
HETATM 1257 ZN ZN  . ZN  G 2 .  ? 8.793   7.950   9.489   1.00 24.58 ? 502 ZN  B ZN  1 
HETATM 1258 ZN ZN  . ZN  H 2 .  ? 5.874   0.063   4.929   0.50 23.15 ? 503 ZN  B ZN  1 
HETATM 1259 ZN ZN  . ZN  I 2 .  ? 10.974  0.701   7.599   0.50 37.50 ? 506 ZN  B ZN  1 
HETATM 1260 ZN ZN  . ZN  J 2 .  ? 23.245  7.669   -4.227  0.50 39.81 ? 508 ZN  B ZN  1 
HETATM 1261 ZN ZN  . ZN  K 2 .  ? 1.171   12.270  -8.701  0.50 56.06 ? 509 ZN  B ZN  1 
HETATM 1262 O  O   . HOH L 3 .  ? -11.617 -16.617 5.846   1.00 30.79 ? 5   HOH A O   1 
HETATM 1263 O  O   . HOH L 3 .  ? -18.383 -6.588  -4.901  1.00 20.00 ? 8   HOH A O   1 
HETATM 1264 O  O   . HOH L 3 .  ? -18.272 10.291  -1.297  1.00 47.25 ? 12  HOH A O   1 
HETATM 1265 O  O   . HOH L 3 .  ? -14.506 -3.159  -6.588  1.00 18.05 ? 13  HOH A O   1 
HETATM 1266 O  O   . HOH L 3 .  ? -12.443 10.231  -2.566  1.00 30.88 ? 17  HOH A O   1 
HETATM 1267 O  O   . HOH L 3 .  ? -8.404  -6.063  -8.845  1.00 20.84 ? 19  HOH A O   1 
HETATM 1268 O  O   . HOH L 3 .  ? -19.697 -4.574  -3.608  1.00 23.14 ? 20  HOH A O   1 
HETATM 1269 O  O   . HOH L 3 .  ? -22.580 -3.028  -4.397  1.00 28.25 ? 21  HOH A O   1 
HETATM 1270 O  O   . HOH L 3 .  ? -8.404  11.329  -0.984  1.00 38.31 ? 27  HOH A O   1 
HETATM 1271 O  O   . HOH L 3 .  ? -14.837 -6.701  -6.149  1.00 20.80 ? 29  HOH A O   1 
HETATM 1272 O  O   . HOH L 3 .  ? -11.958 -2.367  -8.441  1.00 31.66 ? 30  HOH A O   1 
HETATM 1273 O  O   . HOH L 3 .  ? -26.046 -5.832  13.014  1.00 33.72 ? 32  HOH A O   1 
HETATM 1274 O  O   . HOH L 3 .  ? 2.526   -6.170  3.822   1.00 43.54 ? 33  HOH A O   1 
HETATM 1275 O  O   . HOH L 3 .  ? -14.813 10.786  -2.530  1.00 38.48 ? 34  HOH A O   1 
HETATM 1276 O  O   . HOH L 3 .  ? -1.965  -2.570  5.832   1.00 27.45 ? 35  HOH A O   1 
HETATM 1277 O  O   . HOH L 3 .  ? -9.993  -14.303 3.696   1.00 24.50 ? 36  HOH A O   1 
HETATM 1278 O  O   . HOH L 3 .  ? -4.369  2.476   8.685   1.00 34.74 ? 42  HOH A O   1 
HETATM 1279 O  O   . HOH L 3 .  ? -18.748 6.532   -9.348  1.00 41.28 ? 45  HOH A O   1 
HETATM 1280 O  O   . HOH L 3 .  ? -0.488  -9.051  1.204   1.00 43.93 ? 46  HOH A O   1 
HETATM 1281 O  O   . HOH L 3 .  ? -23.818 5.230   -4.283  1.00 54.70 ? 48  HOH A O   1 
HETATM 1282 O  O   . HOH L 3 .  ? -20.468 2.414   -7.610  1.00 34.62 ? 49  HOH A O   1 
HETATM 1283 O  O   . HOH L 3 .  ? -17.001 -3.857  5.155   1.00 33.41 ? 50  HOH A O   1 
HETATM 1284 O  O   . HOH M 3 .  ? 22.524  -2.907  4.569   1.00 20.02 ? 1   HOH B O   1 
HETATM 1285 O  O   . HOH M 3 .  ? 0.774   -1.010  -5.504  1.00 10.49 ? 2   HOH B O   1 
HETATM 1286 O  O   . HOH M 3 .  ? 12.430  8.994   -15.558 1.00 27.62 ? 3   HOH B O   1 
HETATM 1287 O  O   . HOH M 3 .  ? 15.407  0.052   2.110   1.00 22.59 ? 4   HOH B O   1 
HETATM 1288 O  O   . HOH M 3 .  ? 17.051  -1.096  0.262   1.00 15.06 ? 6   HOH B O   1 
HETATM 1289 O  O   . HOH M 3 .  ? 12.576  -9.201  0.626   1.00 21.60 ? 7   HOH B O   1 
HETATM 1290 O  O   . HOH M 3 .  ? 26.710  -0.709  1.060   1.00 18.10 ? 9   HOH B O   1 
HETATM 1291 O  O   . HOH M 3 .  ? 1.151   3.707   4.221   1.00 22.25 ? 10  HOH B O   1 
HETATM 1292 O  O   . HOH M 3 .  ? 8.075   -11.353 -13.145 1.00 28.10 ? 11  HOH B O   1 
HETATM 1293 O  O   . HOH M 3 .  ? 14.434  -10.279 1.804   1.00 26.55 ? 14  HOH B O   1 
HETATM 1294 O  O   . HOH M 3 .  ? 19.611  -12.463 -2.361  1.00 31.22 ? 15  HOH B O   1 
HETATM 1295 O  O   . HOH M 3 .  ? 5.625   7.937   6.529   1.00 28.28 ? 16  HOH B O   1 
HETATM 1296 O  O   . HOH M 3 .  ? 14.356  -9.038  -8.557  1.00 32.63 ? 18  HOH B O   1 
HETATM 1297 O  O   . HOH M 3 .  ? 20.638  3.487   0.511   1.00 27.60 ? 22  HOH B O   1 
HETATM 1298 O  O   . HOH M 3 .  ? 5.851   6.853   -17.546 1.00 28.99 ? 23  HOH B O   1 
HETATM 1299 O  O   . HOH M 3 .  ? 16.448  -7.217  -4.418  1.00 32.08 ? 24  HOH B O   1 
HETATM 1300 O  O   . HOH M 3 .  ? 19.600  -0.817  1.077   1.00 24.52 ? 25  HOH B O   1 
HETATM 1301 O  O   . HOH M 3 .  ? 17.746  -1.613  7.772   1.00 34.08 ? 26  HOH B O   1 
HETATM 1302 O  O   . HOH M 3 .  ? 11.274  -6.770  -19.279 1.00 27.85 ? 28  HOH B O   1 
HETATM 1303 O  O   . HOH M 3 .  ? 3.430   3.061   5.719   1.00 27.48 ? 31  HOH B O   1 
HETATM 1304 O  O   . HOH M 3 .  ? 13.220  10.535  -13.815 1.00 58.76 ? 37  HOH B O   1 
HETATM 1305 O  O   . HOH M 3 .  ? 17.201  -8.501  -12.617 1.00 37.66 ? 38  HOH B O   1 
HETATM 1306 O  O   . HOH M 3 .  ? 26.422  3.476   1.990   1.00 38.61 ? 39  HOH B O   1 
HETATM 1307 O  O   . HOH M 3 .  ? 17.399  -1.812  -11.412 1.00 21.77 ? 40  HOH B O   1 
HETATM 1308 O  O   . HOH M 3 .  ? 11.408  2.707   -15.074 1.00 23.90 ? 41  HOH B O   1 
HETATM 1309 O  O   . HOH M 3 .  ? 6.933   -6.560  0.533   1.00 30.71 ? 43  HOH B O   1 
HETATM 1310 O  O   . HOH M 3 .  ? -2.102  5.127   -12.635 1.00 36.87 ? 44  HOH B O   1 
HETATM 1311 O  O   . HOH M 3 .  ? 14.601  4.808   12.024  1.00 34.91 ? 47  HOH B O   1 
HETATM 1312 O  O   . HOH M 3 .  ? 13.489  -10.814 -14.798 1.00 38.55 ? 51  HOH B O   1 
HETATM 1313 O  O   . HOH M 3 .  ? 2.861   0.166   -13.615 1.00 45.45 ? 52  HOH B O   1 
# 
